data_9LJ2
#
_entry.id   9LJ2
#
_cell.length_a   1.00
_cell.length_b   1.00
_cell.length_c   1.00
_cell.angle_alpha   90.00
_cell.angle_beta   90.00
_cell.angle_gamma   90.00
#
_symmetry.space_group_name_H-M   'P 1'
#
loop_
_entity.id
_entity.type
_entity.pdbx_description
1 polymer 'Histone H3'
2 polymer 'Histone H4'
3 polymer 'Histone H2A'
4 polymer 'Histone H2B'
5 polymer 'DNA (147-MER)'
6 polymer 'DNA (147-MER)'
7 polymer 'ISWI chromatin-remodeling complex ATPase ISW1'
8 non-polymer 'MAGNESIUM ION'
9 non-polymer "ADENOSINE-5'-DIPHOSPHATE"
#
loop_
_entity_poly.entity_id
_entity_poly.type
_entity_poly.pdbx_seq_one_letter_code
_entity_poly.pdbx_strand_id
1 'polypeptide(L)'
;KPHRYRPGTVALREIRRYQKSTELLIRKLPFQRLVREIAQDFKTDLRFQSSAVMALQEASEAYLVALFEDTNLCAIHAKR
VTIMPKDIQLARRIRGER
;
A,E
2 'polypeptide(L)'
;AKRHRKVLRDNIQGITKPAIRRLARRGGVKRISGLIYEETRGVLKVFLENVIRDAVTYTEHAKRKTVTAMDVVYALKRQG
RTLYGFGG
;
B,F
3 'polypeptide(L)'
;AKAKTRSSRAGLQFPVGRVHRLLRKGNYAERVGAGAPVYLAAVLEYLTAEILELAGNAARDNKKTRIIPRHLQLAVRNDE
ELNKLLGRVTIAQGGVLPNIQSVLLPK
;
C,G
4 'polypeptide(L)'
;TRKESYAIYVYKVLKQVHPDTGISSKAMSIMNSFVNDVFERIAGEASRLAHYNKRSTITSREIQTAVRLLLPGELAKHAV
SEGTKAVTKYTSA
;
D,H
5 'polydeoxyribonucleotide'
;(DT)(DC)(DA)(DG)(DG)(DA)(DT)(DG)(DT)(DA)(DT)(DA)(DT)(DA)(DT)(DC)(DT)(DG)(DA)(DC)
(DA)(DC)(DG)(DT)(DG)(DC)(DC)(DT)(DG)(DG)(DA)(DG)(DA)(DC)(DT)(DA)(DG)(DG)(DG)(DA)
(DG)(DT)(DA)(DA)(DT)(DC)(DC)(DC)(DC)(DT)(DT)(DG)(DG)(DC)(DG)(DC)(DT)(DT)(DA)(DA)
(DA)(DC)(DG)(DC)(DA)(DC)(DG)(DT)(DA)(DC)(DG)(DC)(DG)(DC)(DT)(DG)(DT)(DC)(DC)(DC)
(DC)(DC)(DG)(DC)(DG)(DT)(DT)(DT)(DT)(DA)(DA)(DC)(DC)(DG)(DC)(DC)(DA)(DA)(DG)(DG)
(DG)(DG)(DA)(DT)(DT)(DA)(DC)(DT)(DC)(DC)(DC)(DT)(DA)(DG)(DT)(DC)(DT)(DC)(DC)(DA)
(DG)(DG)(DC)(DA)(DC)(DG)(DT)(DG)(DT)(DC)(DA)(DG)(DA)(DT)(DA)(DT)(DA)(DT)(DA)(DC)
(DA)(DT)(DC)(DC)(DG)(DA)(DT)
;
I
6 'polydeoxyribonucleotide'
;(DT)(DC)(DA)(DG)(DG)(DA)(DT)(DG)(DT)(DA)(DT)(DA)(DT)(DA)(DT)(DC)(DT)(DG)(DA)(DC)
(DA)(DC)(DG)(DT)(DG)(DC)(DC)(DT)(DG)(DG)(DA)(DG)(DA)(DC)(DT)(DA)(DG)(DG)(DG)(DA)
(DG)(DT)(DA)(DA)(DT)(DC)(DC)(DC)(DC)(DT)(DT)(DG)(DG)(DC)(DG)(DG)(DT)(DT)(DA)(DA)
(DA)(DA)(DC)(DG)(DC)(DG)(DG)(DG)(DG)(DG)(DA)(DC)(DA)(DG)(DC)(DG)(DC)(DG)(DT)(DA)
(DC)(DG)(DT)(DG)(DC)(DG)(DT)(DT)(DT)(DA)(DA)(DG)(DC)(DG)(DC)(DC)(DA)(DA)(DG)(DG)
(DG)(DG)(DA)(DT)(DT)(DA)(DC)(DT)(DC)(DC)(DC)(DT)(DA)(DG)(DT)(DC)(DT)(DC)(DC)(DA)
(DG)(DG)(DC)(DA)(DC)(DG)(DT)(DG)(DT)(DC)(DA)(DG)(DA)(DT)(DA)(DT)(DA)(DT)(DA)(DC)
(DA)(DT)(DC)(DC)(DG)(DA)(DT)
;
J
7 'polypeptide(L)'
;MAYMLAIANFHFFKFYTRMRKKHENNSCNEKDKDENLFKIILAIFLQEKKKYDCISSGSIMTASEEYLENLKPFQVGLPP
HDPESNKKRYLLKDANGKKFDLEGTTKRFEHLLSLSGLFKHFIESKAAKDPKFRQVLDVLEENKANGKGKGKHQDVRRRK
TEHEEDAELLKEEDSDDDESIEFQFRESPAYVNGQLRPYQIQGVNWLVSLHKNKIAGILADEMGLGKTLQTISFLGYLRY
IEKIPGPFLVIAPKSTLNNWLREINRWTPDVNAFILQGDKEERAELIQKKLLGCDFDVVIASYEIIIREKSPLKKINWEY
IIIDEAHRIKNEESMLSQVLREFTSRNRLLITGTPLQNNLHELWALLNFLLPDIFSDAQDFDDWFSSESTEEDQDKIVKQ
LHTVLQPFLLRRIKSDVETSLLPKKELNLYVGMSSMQKKWYKKILEKDLDAVNGSNGSKESKTRLLNIMMQLRKCCNHPY
LFDGAEPGPPYTTDEHLVYNAAKLQVLDKLLKKLKEEGSRVLIFSQMSRLLDILEDYCYFRNYEYCRIDGSTAHEDRIQA
IDDYNAPDSKKFVFLLTTRAGGLGINLTSADVVVLYDSDWNPQADLQAMDRAHRIGQKKQVKVFRLVTDNSVEEKILERA
TQKLRLDQLVIQQNRTSLKKKENKADSKDALLSMIQHGAADVFKSGTSTGSAGTPEPGSGEKGDDIDLDELLLKSENKTK
SLNAKYETLGLDDLQKFNQDSAYEWNGQDFKKKIQRDIISPLLLNPTKRERKENYSIDNYYKDVLNTGRSSTPSHPRMPK
PHVFHSHQLQPPQLKVLYEKERMWTAKKTGYVPTMDDVKAAYGDISDEEEKKQKLELLKLSVNNSQPLTEEEEKMKADWE
SEGFTNWNKLEFRKFITVSGKYGRNSIQAIARELAPGKTLEEVRAYAKAFWSNIERIEDYEKYLKIIENEEEKIKRVKMQ
QEALRRKLSEYKNPFFDLKLKHPPSSNNKRTYSEEEDRFILLMLFKYGLDRDDVYELVRDEIRDCPLFELDFYFRSRTPV
ELARRGNTLLQCLEKEFNAGIVLDDATKDRMKKEDENGKRIREEFADQTANEKENVDGVESKKAKIEDTSNVGTEQLVAE
KIPENETTH
;
K,N
#
# COMPACT_ATOMS: atom_id res chain seq x y z
N LYS A 1 -2.12 51.97 -27.01
CA LYS A 1 -1.75 51.03 -25.96
C LYS A 1 -1.54 49.62 -26.53
N PRO A 2 -0.50 48.94 -26.09
CA PRO A 2 -0.23 47.59 -26.58
C PRO A 2 -1.26 46.60 -26.04
N HIS A 3 -1.39 45.49 -26.76
CA HIS A 3 -2.34 44.46 -26.38
C HIS A 3 -1.88 43.78 -25.09
N ARG A 4 -2.79 43.67 -24.12
CA ARG A 4 -2.49 43.05 -22.84
C ARG A 4 -3.70 42.24 -22.40
N TYR A 5 -3.50 40.94 -22.21
CA TYR A 5 -4.60 40.07 -21.82
C TYR A 5 -5.04 40.37 -20.38
N ARG A 6 -6.33 40.20 -20.12
CA ARG A 6 -6.84 40.37 -18.78
C ARG A 6 -6.34 39.25 -17.88
N PRO A 7 -6.24 39.49 -16.58
CA PRO A 7 -5.74 38.46 -15.66
C PRO A 7 -6.61 37.21 -15.69
N GLY A 8 -5.99 36.10 -16.07
CA GLY A 8 -6.68 34.81 -16.08
C GLY A 8 -6.53 34.03 -17.37
N THR A 9 -6.47 34.73 -18.50
CA THR A 9 -6.43 34.03 -19.78
C THR A 9 -5.09 33.36 -20.01
N VAL A 10 -3.99 34.03 -19.68
CA VAL A 10 -2.69 33.38 -19.78
C VAL A 10 -2.62 32.18 -18.84
N ALA A 11 -3.22 32.30 -17.66
CA ALA A 11 -3.25 31.17 -16.74
C ALA A 11 -4.02 30.00 -17.32
N LEU A 12 -5.16 30.28 -17.97
CA LEU A 12 -5.92 29.19 -18.58
C LEU A 12 -5.16 28.54 -19.72
N ARG A 13 -4.47 29.35 -20.52
CA ARG A 13 -3.67 28.78 -21.61
C ARG A 13 -2.55 27.90 -21.05
N GLU A 14 -1.92 28.34 -19.95
CA GLU A 14 -0.90 27.51 -19.32
C GLU A 14 -1.49 26.21 -18.78
N ILE A 15 -2.68 26.28 -18.18
CA ILE A 15 -3.32 25.07 -17.68
C ILE A 15 -3.53 24.08 -18.81
N ARG A 16 -4.09 24.56 -19.92
CA ARG A 16 -4.43 23.64 -20.99
C ARG A 16 -3.22 23.26 -21.85
N ARG A 17 -2.08 23.90 -21.66
CA ARG A 17 -0.86 23.47 -22.32
C ARG A 17 0.02 22.60 -21.43
N TYR A 18 -0.21 22.60 -20.12
CA TYR A 18 0.52 21.70 -19.23
C TYR A 18 -0.27 20.44 -18.90
N GLN A 19 -1.59 20.46 -19.04
CA GLN A 19 -2.37 19.24 -18.91
C GLN A 19 -2.35 18.40 -20.17
N LYS A 20 -1.51 18.74 -21.14
CA LYS A 20 -1.44 18.03 -22.41
C LYS A 20 -0.07 17.45 -22.71
N SER A 21 0.99 17.94 -22.09
CA SER A 21 2.33 17.43 -22.34
C SER A 21 2.70 16.40 -21.26
N THR A 22 3.92 15.85 -21.35
CA THR A 22 4.31 14.77 -20.45
C THR A 22 5.72 14.96 -19.87
N GLU A 23 6.36 16.11 -20.06
CA GLU A 23 7.75 16.23 -19.63
C GLU A 23 7.82 16.36 -18.11
N LEU A 24 9.03 16.59 -17.62
CA LEU A 24 9.28 16.82 -16.21
C LEU A 24 9.30 18.32 -15.97
N LEU A 25 8.70 18.75 -14.86
CA LEU A 25 8.56 20.17 -14.57
C LEU A 25 9.52 20.68 -13.50
N ILE A 26 10.25 19.80 -12.82
CA ILE A 26 11.30 20.18 -11.90
C ILE A 26 12.63 19.85 -12.54
N ARG A 27 13.59 20.78 -12.45
CA ARG A 27 14.84 20.63 -13.15
C ARG A 27 15.70 19.54 -12.52
N LYS A 28 16.34 18.74 -13.37
CA LYS A 28 16.95 17.50 -12.93
C LYS A 28 18.10 17.74 -11.97
N LEU A 29 18.99 18.69 -12.30
CA LEU A 29 20.13 18.92 -11.41
C LEU A 29 19.70 19.46 -10.06
N PRO A 30 18.82 20.46 -9.96
CA PRO A 30 18.35 20.86 -8.62
C PRO A 30 17.68 19.74 -7.86
N PHE A 31 16.86 18.92 -8.53
CA PHE A 31 16.21 17.83 -7.81
C PHE A 31 17.22 16.82 -7.30
N GLN A 32 18.22 16.49 -8.13
CA GLN A 32 19.24 15.54 -7.71
C GLN A 32 20.08 16.08 -6.56
N ARG A 33 20.40 17.38 -6.60
CA ARG A 33 21.12 17.97 -5.48
C ARG A 33 20.31 17.88 -4.20
N LEU A 34 19.01 18.16 -4.28
CA LEU A 34 18.16 18.03 -3.10
C LEU A 34 18.13 16.60 -2.59
N VAL A 35 18.03 15.64 -3.50
CA VAL A 35 17.98 14.23 -3.11
C VAL A 35 19.25 13.84 -2.37
N ARG A 36 20.41 14.19 -2.94
CA ARG A 36 21.66 13.79 -2.31
C ARG A 36 21.89 14.53 -1.00
N GLU A 37 21.38 15.75 -0.86
CA GLU A 37 21.45 16.41 0.43
C GLU A 37 20.61 15.68 1.47
N ILE A 38 19.38 15.30 1.11
CA ILE A 38 18.55 14.55 2.04
C ILE A 38 19.18 13.20 2.36
N ALA A 39 19.98 12.65 1.45
CA ALA A 39 20.48 11.29 1.57
C ALA A 39 21.48 11.12 2.71
N GLN A 40 21.70 12.12 3.54
CA GLN A 40 22.32 11.90 4.84
C GLN A 40 21.25 11.65 5.90
N ASP A 41 20.36 10.70 5.61
CA ASP A 41 19.14 10.56 6.39
C ASP A 41 19.29 9.42 7.39
N PHE A 42 19.55 8.22 6.88
CA PHE A 42 19.97 7.09 7.70
C PHE A 42 21.25 6.44 7.19
N LYS A 43 22.10 7.18 6.50
CA LYS A 43 23.43 6.70 6.19
C LYS A 43 24.32 7.92 5.98
N THR A 44 25.49 7.67 5.39
CA THR A 44 26.50 8.69 5.13
C THR A 44 26.87 8.36 3.69
N ASP A 45 28.03 8.83 3.23
CA ASP A 45 28.40 8.87 1.81
C ASP A 45 27.87 7.69 1.00
N LEU A 46 27.15 8.02 -0.08
CA LEU A 46 26.39 7.05 -0.85
C LEU A 46 26.57 7.32 -2.34
N ARG A 47 26.27 6.30 -3.12
CA ARG A 47 26.30 6.40 -4.56
C ARG A 47 24.89 6.19 -5.10
N PHE A 48 24.45 7.09 -5.95
CA PHE A 48 23.15 6.97 -6.60
C PHE A 48 23.34 6.63 -8.07
N GLN A 49 22.44 5.84 -8.61
CA GLN A 49 22.40 5.60 -10.04
C GLN A 49 21.70 6.78 -10.71
N SER A 50 21.39 6.65 -12.00
CA SER A 50 20.59 7.64 -12.68
C SER A 50 19.11 7.28 -12.73
N SER A 51 18.82 6.00 -12.99
CA SER A 51 17.44 5.54 -12.97
C SER A 51 16.80 5.75 -11.61
N ALA A 52 17.59 5.64 -10.55
CA ALA A 52 17.06 5.86 -9.21
C ALA A 52 16.54 7.29 -9.06
N VAL A 53 17.34 8.27 -9.45
CA VAL A 53 16.92 9.66 -9.32
C VAL A 53 15.76 9.95 -10.26
N MET A 54 15.79 9.38 -11.47
CA MET A 54 14.67 9.62 -12.38
C MET A 54 13.36 9.07 -11.82
N ALA A 55 13.39 7.86 -11.28
CA ALA A 55 12.18 7.30 -10.67
C ALA A 55 11.72 8.14 -9.49
N LEU A 56 12.66 8.61 -8.69
CA LEU A 56 12.32 9.41 -7.53
C LEU A 56 11.64 10.71 -7.95
N GLN A 57 12.14 11.34 -9.01
CA GLN A 57 11.54 12.57 -9.51
C GLN A 57 10.16 12.30 -10.11
N GLU A 58 10.00 11.19 -10.83
CA GLU A 58 8.68 10.83 -11.35
C GLU A 58 7.67 10.73 -10.22
N ALA A 59 8.00 9.95 -9.19
CA ALA A 59 7.07 9.78 -8.07
C ALA A 59 6.78 11.10 -7.38
N SER A 60 7.81 11.91 -7.18
CA SER A 60 7.64 13.19 -6.50
C SER A 60 6.69 14.10 -7.28
N GLU A 61 6.87 14.22 -8.58
CA GLU A 61 6.02 15.12 -9.35
C GLU A 61 4.59 14.59 -9.42
N ALA A 62 4.41 13.28 -9.53
CA ALA A 62 3.06 12.75 -9.50
C ALA A 62 2.37 13.08 -8.19
N TYR A 63 3.08 12.91 -7.08
CA TYR A 63 2.52 13.23 -5.77
C TYR A 63 2.13 14.70 -5.68
N LEU A 64 3.01 15.58 -6.14
CA LEU A 64 2.73 17.01 -6.03
C LEU A 64 1.56 17.43 -6.91
N VAL A 65 1.45 16.85 -8.10
CA VAL A 65 0.32 17.17 -8.96
C VAL A 65 -0.99 16.73 -8.34
N ALA A 66 -1.01 15.53 -7.76
CA ALA A 66 -2.24 15.08 -7.09
C ALA A 66 -2.59 15.98 -5.92
N LEU A 67 -1.59 16.38 -5.15
CA LEU A 67 -1.84 17.28 -4.02
C LEU A 67 -2.40 18.61 -4.50
N PHE A 68 -1.88 19.13 -5.60
CA PHE A 68 -2.38 20.41 -6.11
C PHE A 68 -3.80 20.28 -6.63
N GLU A 69 -4.16 19.13 -7.21
CA GLU A 69 -5.54 18.93 -7.63
C GLU A 69 -6.48 18.95 -6.43
N ASP A 70 -6.13 18.22 -5.36
CA ASP A 70 -6.97 18.22 -4.17
C ASP A 70 -7.05 19.61 -3.56
N THR A 71 -5.92 20.33 -3.54
CA THR A 71 -5.92 21.70 -3.04
C THR A 71 -6.83 22.60 -3.85
N ASN A 72 -6.80 22.47 -5.17
CA ASN A 72 -7.69 23.27 -6.01
C ASN A 72 -9.14 22.99 -5.67
N LEU A 73 -9.49 21.73 -5.48
CA LEU A 73 -10.87 21.42 -5.10
C LEU A 73 -11.24 22.04 -3.77
N CYS A 74 -10.32 21.97 -2.79
CA CYS A 74 -10.60 22.58 -1.50
C CYS A 74 -10.79 24.09 -1.62
N ALA A 75 -9.98 24.75 -2.44
CA ALA A 75 -10.11 26.19 -2.62
C ALA A 75 -11.44 26.54 -3.27
N ILE A 76 -11.83 25.79 -4.30
CA ILE A 76 -13.14 26.02 -4.91
C ILE A 76 -14.25 25.81 -3.91
N HIS A 77 -14.07 24.88 -2.97
CA HIS A 77 -15.12 24.58 -2.00
C HIS A 77 -15.49 25.77 -1.13
N ALA A 78 -14.56 26.69 -0.90
CA ALA A 78 -14.81 27.85 -0.06
C ALA A 78 -15.31 29.05 -0.86
N LYS A 79 -15.85 28.82 -2.05
CA LYS A 79 -16.26 29.89 -2.95
C LYS A 79 -15.12 30.87 -3.19
N ARG A 80 -13.92 30.34 -3.37
CA ARG A 80 -12.72 31.12 -3.60
C ARG A 80 -12.03 30.56 -4.84
N VAL A 81 -11.04 31.28 -5.36
CA VAL A 81 -10.41 30.84 -6.60
C VAL A 81 -8.89 30.86 -6.45
N THR A 82 -8.39 31.31 -5.30
CA THR A 82 -6.96 31.27 -5.00
C THR A 82 -6.69 30.13 -4.05
N ILE A 83 -5.65 29.33 -4.35
CA ILE A 83 -5.25 28.29 -3.42
C ILE A 83 -4.48 28.93 -2.27
N MET A 84 -4.60 28.34 -1.09
CA MET A 84 -4.03 28.89 0.13
C MET A 84 -3.28 27.81 0.90
N PRO A 85 -2.36 28.20 1.78
CA PRO A 85 -1.72 27.21 2.65
C PRO A 85 -2.72 26.44 3.51
N LYS A 86 -3.81 27.08 3.92
CA LYS A 86 -4.85 26.34 4.63
C LYS A 86 -5.47 25.28 3.74
N ASP A 87 -5.59 25.57 2.44
CA ASP A 87 -6.07 24.54 1.51
C ASP A 87 -5.08 23.39 1.43
N ILE A 88 -3.78 23.69 1.32
CA ILE A 88 -2.77 22.62 1.32
C ILE A 88 -2.92 21.77 2.57
N GLN A 89 -3.01 22.42 3.72
CA GLN A 89 -3.04 21.70 4.99
C GLN A 89 -4.29 20.84 5.12
N LEU A 90 -5.45 21.38 4.75
CA LEU A 90 -6.68 20.61 4.83
C LEU A 90 -6.62 19.40 3.90
N ALA A 91 -6.21 19.63 2.64
CA ALA A 91 -6.16 18.53 1.70
C ALA A 91 -5.19 17.45 2.15
N ARG A 92 -4.03 17.85 2.68
CA ARG A 92 -3.03 16.88 3.10
C ARG A 92 -3.42 16.20 4.40
N ARG A 93 -4.29 16.82 5.20
CA ARG A 93 -4.71 16.18 6.44
C ARG A 93 -5.84 15.18 6.20
N ILE A 94 -6.80 15.53 5.34
CA ILE A 94 -7.92 14.62 5.12
C ILE A 94 -7.43 13.33 4.50
N ARG A 95 -6.44 13.41 3.60
CA ARG A 95 -5.90 12.21 2.99
C ARG A 95 -5.26 11.29 4.02
N GLY A 96 -4.72 11.85 5.09
CA GLY A 96 -4.20 11.04 6.17
C GLY A 96 -2.71 11.16 6.38
N GLU A 97 -2.10 12.17 5.77
CA GLU A 97 -0.66 12.38 5.87
C GLU A 97 -0.24 13.26 7.03
N ARG A 98 -1.18 13.89 7.71
CA ARG A 98 -0.87 14.74 8.84
C ARG A 98 -1.77 14.45 10.03
N ALA B 1 39.49 35.17 5.26
CA ALA B 1 38.40 36.09 4.99
C ALA B 1 37.34 35.45 4.11
N LYS B 2 37.77 34.70 3.09
CA LYS B 2 36.83 34.11 2.14
C LYS B 2 36.99 32.61 1.94
N ARG B 3 37.96 31.97 2.59
CA ARG B 3 38.02 30.50 2.53
C ARG B 3 36.76 29.87 3.09
N HIS B 4 36.04 30.58 3.95
CA HIS B 4 34.75 30.11 4.42
C HIS B 4 33.72 30.19 3.30
N ARG B 5 32.72 29.30 3.36
CA ARG B 5 31.86 29.07 2.21
C ARG B 5 31.08 30.34 1.85
N LYS B 6 30.21 30.80 2.75
CA LYS B 6 29.33 31.95 2.52
C LYS B 6 28.47 31.79 1.28
N VAL B 7 28.13 30.55 0.91
CA VAL B 7 27.51 30.23 -0.36
C VAL B 7 26.46 29.15 -0.12
N LEU B 8 25.88 28.67 -1.22
CA LEU B 8 24.96 27.53 -1.24
C LEU B 8 23.71 27.80 -0.39
N ARG B 9 22.90 28.73 -0.90
CA ARG B 9 21.52 28.83 -0.45
C ARG B 9 20.88 27.45 -0.50
N ASP B 10 19.88 27.23 0.36
CA ASP B 10 19.39 25.88 0.61
C ASP B 10 18.95 25.22 -0.69
N ASN B 11 19.17 23.91 -0.76
CA ASN B 11 18.82 23.17 -1.97
C ASN B 11 17.31 23.12 -2.17
N ILE B 12 16.53 23.25 -1.10
CA ILE B 12 15.08 23.30 -1.25
C ILE B 12 14.67 24.54 -2.02
N GLN B 13 15.48 25.60 -1.95
CA GLN B 13 15.24 26.79 -2.77
C GLN B 13 15.48 26.53 -4.25
N GLY B 14 16.11 25.41 -4.60
CA GLY B 14 16.22 25.05 -6.00
C GLY B 14 14.90 24.68 -6.63
N ILE B 15 13.91 24.32 -5.83
CA ILE B 15 12.56 24.09 -6.31
C ILE B 15 11.89 25.45 -6.44
N THR B 16 11.99 26.05 -7.62
CA THR B 16 11.75 27.47 -7.79
C THR B 16 10.27 27.79 -7.92
N LYS B 17 9.96 29.09 -7.79
CA LYS B 17 8.61 29.58 -7.97
C LYS B 17 7.98 29.14 -9.29
N PRO B 18 8.64 29.27 -10.45
CA PRO B 18 7.99 28.84 -11.69
C PRO B 18 7.83 27.34 -11.80
N ALA B 19 8.72 26.54 -11.21
CA ALA B 19 8.51 25.09 -11.22
C ALA B 19 7.29 24.72 -10.38
N ILE B 20 7.17 25.33 -9.21
CA ILE B 20 5.97 25.12 -8.40
C ILE B 20 4.73 25.55 -9.17
N ARG B 21 4.85 26.65 -9.91
CA ARG B 21 3.69 27.15 -10.65
C ARG B 21 3.34 26.23 -11.81
N ARG B 22 4.33 25.62 -12.45
CA ARG B 22 4.05 24.64 -13.50
C ARG B 22 3.35 23.42 -12.94
N LEU B 23 3.81 22.94 -11.78
CA LEU B 23 3.12 21.83 -11.12
C LEU B 23 1.68 22.21 -10.80
N ALA B 24 1.48 23.44 -10.32
CA ALA B 24 0.15 23.91 -9.99
C ALA B 24 -0.74 23.98 -11.23
N ARG B 25 -0.18 24.44 -12.35
CA ARG B 25 -0.96 24.55 -13.59
C ARG B 25 -1.35 23.17 -14.09
N ARG B 26 -0.41 22.21 -14.09
CA ARG B 26 -0.75 20.86 -14.48
C ARG B 26 -1.81 20.28 -13.54
N GLY B 27 -1.77 20.66 -12.27
CA GLY B 27 -2.86 20.32 -11.38
C GLY B 27 -4.17 20.97 -11.79
N GLY B 28 -4.10 22.17 -12.35
CA GLY B 28 -5.29 22.83 -12.87
C GLY B 28 -5.80 23.99 -12.04
N VAL B 29 -4.90 24.75 -11.42
CA VAL B 29 -5.28 25.92 -10.65
C VAL B 29 -5.03 27.16 -11.49
N LYS B 30 -5.83 28.19 -11.27
CA LYS B 30 -5.70 29.41 -12.06
C LYS B 30 -4.94 30.51 -11.35
N ARG B 31 -5.16 30.67 -10.05
CA ARG B 31 -4.66 31.82 -9.32
C ARG B 31 -4.03 31.33 -8.03
N ILE B 32 -2.79 31.73 -7.77
CA ILE B 32 -1.99 31.17 -6.69
C ILE B 32 -1.69 32.26 -5.67
N SER B 33 -1.53 31.84 -4.42
CA SER B 33 -1.17 32.72 -3.33
C SER B 33 0.35 32.83 -3.25
N GLY B 34 0.88 33.39 -2.16
CA GLY B 34 2.30 33.65 -2.07
C GLY B 34 3.05 32.80 -1.07
N LEU B 35 2.33 32.06 -0.22
CA LEU B 35 2.95 31.16 0.74
C LEU B 35 2.88 29.71 0.30
N ILE B 36 2.18 29.45 -0.80
CA ILE B 36 2.18 28.12 -1.41
C ILE B 36 3.60 27.68 -1.71
N TYR B 37 4.44 28.62 -2.13
CA TYR B 37 5.81 28.32 -2.50
C TYR B 37 6.66 27.90 -1.32
N GLU B 38 6.20 28.06 -0.09
CA GLU B 38 6.88 27.52 1.08
C GLU B 38 6.23 26.25 1.59
N GLU B 39 4.90 26.23 1.63
CA GLU B 39 4.20 25.03 2.09
C GLU B 39 4.55 23.83 1.20
N THR B 40 4.63 24.05 -0.11
CA THR B 40 4.90 22.94 -1.02
C THR B 40 6.33 22.43 -0.87
N ARG B 41 7.29 23.32 -0.60
CA ARG B 41 8.64 22.85 -0.32
C ARG B 41 8.67 22.00 0.94
N GLY B 42 7.92 22.41 1.97
CA GLY B 42 7.86 21.60 3.17
C GLY B 42 7.34 20.20 2.89
N VAL B 43 6.22 20.11 2.18
CA VAL B 43 5.63 18.79 1.94
C VAL B 43 6.52 17.94 1.04
N LEU B 44 7.16 18.56 0.05
CA LEU B 44 8.07 17.83 -0.81
C LEU B 44 9.24 17.26 -0.02
N LYS B 45 9.80 18.06 0.88
CA LYS B 45 10.95 17.60 1.64
C LYS B 45 10.56 16.43 2.54
N VAL B 46 9.37 16.49 3.13
CA VAL B 46 8.90 15.37 3.95
C VAL B 46 8.76 14.10 3.12
N PHE B 47 8.12 14.21 1.96
CA PHE B 47 7.89 13.03 1.11
C PHE B 47 9.22 12.41 0.70
N LEU B 48 10.16 13.24 0.27
CA LEU B 48 11.47 12.74 -0.12
C LEU B 48 12.18 12.07 1.05
N GLU B 49 12.07 12.65 2.24
CA GLU B 49 12.71 12.04 3.40
C GLU B 49 12.20 10.62 3.62
N ASN B 50 10.88 10.44 3.58
CA ASN B 50 10.34 9.10 3.81
C ASN B 50 10.82 8.11 2.75
N VAL B 51 10.69 8.48 1.47
CA VAL B 51 11.01 7.52 0.42
C VAL B 51 12.49 7.17 0.44
N ILE B 52 13.35 8.18 0.63
CA ILE B 52 14.79 7.93 0.66
C ILE B 52 15.17 7.10 1.88
N ARG B 53 14.49 7.32 3.01
CA ARG B 53 14.75 6.49 4.18
C ARG B 53 14.53 5.01 3.85
N ASP B 54 13.39 4.69 3.25
CA ASP B 54 13.14 3.27 2.94
C ASP B 54 14.12 2.73 1.92
N ALA B 55 14.43 3.52 0.88
CA ALA B 55 15.35 3.04 -0.14
C ALA B 55 16.74 2.77 0.44
N VAL B 56 17.22 3.66 1.30
CA VAL B 56 18.52 3.46 1.92
C VAL B 56 18.51 2.25 2.83
N THR B 57 17.38 2.00 3.53
CA THR B 57 17.33 0.79 4.34
C THR B 57 17.45 -0.47 3.48
N TYR B 58 16.74 -0.51 2.35
CA TYR B 58 16.87 -1.65 1.45
C TYR B 58 18.31 -1.81 0.96
N THR B 59 18.94 -0.69 0.59
CA THR B 59 20.30 -0.74 0.08
C THR B 59 21.27 -1.26 1.14
N GLU B 60 21.14 -0.76 2.38
CA GLU B 60 22.01 -1.23 3.45
C GLU B 60 21.83 -2.72 3.70
N HIS B 61 20.58 -3.20 3.68
CA HIS B 61 20.39 -4.64 3.87
C HIS B 61 21.06 -5.43 2.77
N ALA B 62 20.87 -5.01 1.52
CA ALA B 62 21.54 -5.69 0.41
C ALA B 62 23.05 -5.65 0.54
N LYS B 63 23.59 -4.87 1.49
CA LYS B 63 25.00 -4.81 1.81
C LYS B 63 25.79 -4.14 0.68
N ARG B 64 25.13 -3.27 -0.06
CA ARG B 64 25.74 -2.46 -1.09
C ARG B 64 26.05 -1.07 -0.56
N LYS B 65 26.46 -0.18 -1.45
CA LYS B 65 26.57 1.24 -1.15
C LYS B 65 25.93 2.08 -2.24
N THR B 66 25.25 1.47 -3.20
CA THR B 66 24.63 2.16 -4.34
C THR B 66 23.13 1.99 -4.24
N VAL B 67 22.41 3.11 -4.23
CA VAL B 67 20.95 3.07 -4.22
C VAL B 67 20.47 2.81 -5.63
N THR B 68 19.74 1.71 -5.82
CA THR B 68 19.35 1.25 -7.14
C THR B 68 17.91 1.62 -7.43
N ALA B 69 17.60 1.80 -8.72
CA ALA B 69 16.23 2.08 -9.12
C ALA B 69 15.27 1.03 -8.59
N MET B 70 15.71 -0.23 -8.51
CA MET B 70 14.85 -1.26 -7.93
C MET B 70 14.66 -1.03 -6.43
N ASP B 71 15.67 -0.52 -5.74
CA ASP B 71 15.49 -0.17 -4.34
C ASP B 71 14.46 0.93 -4.18
N VAL B 72 14.52 1.95 -5.05
CA VAL B 72 13.55 3.03 -4.99
C VAL B 72 12.15 2.51 -5.27
N VAL B 73 12.03 1.63 -6.28
CA VAL B 73 10.72 1.08 -6.63
C VAL B 73 10.16 0.27 -5.47
N TYR B 74 11.00 -0.54 -4.84
CA TYR B 74 10.55 -1.32 -3.69
C TYR B 74 10.11 -0.41 -2.56
N ALA B 75 10.86 0.67 -2.31
CA ALA B 75 10.48 1.60 -1.26
C ALA B 75 9.13 2.23 -1.55
N LEU B 76 8.91 2.65 -2.79
CA LEU B 76 7.63 3.27 -3.15
C LEU B 76 6.49 2.27 -3.01
N LYS B 77 6.70 1.03 -3.47
CA LYS B 77 5.66 0.03 -3.36
C LYS B 77 5.33 -0.29 -1.91
N ARG B 78 6.35 -0.33 -1.05
CA ARG B 78 6.10 -0.49 0.37
C ARG B 78 5.30 0.67 0.92
N GLN B 79 5.64 1.90 0.52
CA GLN B 79 4.86 3.05 0.98
C GLN B 79 3.45 3.05 0.43
N GLY B 80 3.19 2.31 -0.63
CA GLY B 80 1.86 2.17 -1.15
C GLY B 80 1.55 2.94 -2.39
N ARG B 81 2.56 3.35 -3.16
CA ARG B 81 2.35 4.10 -4.39
C ARG B 81 3.25 3.49 -5.47
N THR B 82 2.69 2.51 -6.17
CA THR B 82 3.46 1.73 -7.14
C THR B 82 3.89 2.61 -8.31
N LEU B 83 4.97 2.22 -8.96
CA LEU B 83 5.54 2.97 -10.08
C LEU B 83 5.91 2.01 -11.18
N TYR B 84 5.14 2.03 -12.26
CA TYR B 84 5.44 1.23 -13.45
C TYR B 84 6.41 2.01 -14.31
N GLY B 85 7.27 1.29 -15.04
CA GLY B 85 8.34 1.96 -15.73
C GLY B 85 9.69 1.43 -15.33
N PHE B 86 10.43 2.23 -14.56
CA PHE B 86 11.78 1.90 -14.13
C PHE B 86 11.74 0.57 -13.39
N GLY B 87 12.38 -0.44 -13.97
CA GLY B 87 12.42 -1.75 -13.37
C GLY B 87 11.13 -2.52 -13.56
N ALA C 1 19.93 -35.79 28.59
CA ALA C 1 20.17 -34.69 29.52
C ALA C 1 18.91 -33.86 29.74
N LYS C 2 18.92 -33.04 30.78
CA LYS C 2 17.78 -32.16 31.04
C LYS C 2 17.66 -31.10 29.96
N ALA C 3 16.43 -30.80 29.57
CA ALA C 3 16.14 -29.89 28.48
C ALA C 3 15.70 -28.54 29.04
N LYS C 4 16.27 -27.47 28.49
CA LYS C 4 15.86 -26.11 28.84
C LYS C 4 15.48 -25.38 27.56
N THR C 5 14.38 -24.63 27.62
CA THR C 5 13.80 -24.07 26.41
C THR C 5 14.62 -22.89 25.89
N ARG C 6 14.53 -22.69 24.57
CA ARG C 6 15.20 -21.56 23.93
C ARG C 6 14.66 -20.24 24.44
N SER C 7 13.39 -20.18 24.82
CA SER C 7 12.86 -18.99 25.44
C SER C 7 13.63 -18.64 26.70
N SER C 8 13.86 -19.63 27.56
CA SER C 8 14.58 -19.38 28.81
C SER C 8 16.04 -19.03 28.54
N ARG C 9 16.72 -19.82 27.71
CA ARG C 9 18.13 -19.53 27.52
C ARG C 9 18.36 -18.29 26.66
N ALA C 10 17.31 -17.74 26.06
CA ALA C 10 17.41 -16.46 25.37
C ALA C 10 17.08 -15.28 26.28
N GLY C 11 16.45 -15.54 27.42
CA GLY C 11 16.05 -14.50 28.34
C GLY C 11 14.66 -13.96 28.12
N LEU C 12 13.96 -14.38 27.08
CA LEU C 12 12.67 -13.81 26.74
C LEU C 12 11.55 -14.51 27.49
N GLN C 13 10.33 -14.04 27.27
CA GLN C 13 9.11 -14.69 27.75
C GLN C 13 8.25 -15.21 26.61
N PHE C 14 8.22 -14.52 25.48
CA PHE C 14 7.47 -15.00 24.33
C PHE C 14 8.08 -16.29 23.80
N PRO C 15 7.26 -17.18 23.24
CA PRO C 15 7.79 -18.48 22.84
C PRO C 15 8.66 -18.38 21.61
N VAL C 16 9.71 -19.18 21.58
CA VAL C 16 10.58 -19.27 20.43
C VAL C 16 10.32 -20.51 19.59
N GLY C 17 9.97 -21.64 20.20
CA GLY C 17 9.60 -22.80 19.43
C GLY C 17 8.37 -22.56 18.57
N ARG C 18 7.36 -21.90 19.13
CA ARG C 18 6.14 -21.61 18.37
C ARG C 18 6.44 -20.68 17.21
N VAL C 19 7.26 -19.65 17.45
CA VAL C 19 7.62 -18.72 16.38
C VAL C 19 8.38 -19.45 15.28
N HIS C 20 9.32 -20.32 15.66
CA HIS C 20 10.05 -21.10 14.67
C HIS C 20 9.11 -21.99 13.87
N ARG C 21 8.14 -22.61 14.54
CA ARG C 21 7.18 -23.46 13.85
C ARG C 21 6.37 -22.66 12.84
N LEU C 22 5.91 -21.47 13.22
CA LEU C 22 5.12 -20.65 12.30
C LEU C 22 5.97 -20.19 11.12
N LEU C 23 7.19 -19.75 11.38
CA LEU C 23 8.07 -19.31 10.31
C LEU C 23 8.33 -20.43 9.32
N ARG C 24 8.60 -21.64 9.83
CA ARG C 24 8.82 -22.77 8.95
C ARG C 24 7.55 -23.09 8.17
N LYS C 25 6.48 -23.49 8.86
CA LYS C 25 5.25 -23.85 8.17
C LYS C 25 4.37 -22.63 7.94
N GLY C 26 4.94 -21.56 7.39
CA GLY C 26 4.15 -20.41 6.97
C GLY C 26 4.38 -20.01 5.53
N ASN C 27 5.19 -20.79 4.82
CA ASN C 27 5.51 -20.52 3.41
C ASN C 27 6.10 -19.12 3.23
N TYR C 28 7.02 -18.75 4.12
CA TYR C 28 7.72 -17.49 4.03
C TYR C 28 9.04 -17.62 3.30
N ALA C 29 9.78 -18.71 3.51
CA ALA C 29 10.95 -19.03 2.72
C ALA C 29 11.17 -20.54 2.79
N GLU C 30 12.06 -21.02 1.91
CA GLU C 30 12.31 -22.45 1.84
C GLU C 30 12.94 -22.96 3.12
N ARG C 31 13.88 -22.21 3.70
CA ARG C 31 14.65 -22.70 4.83
C ARG C 31 14.87 -21.55 5.81
N VAL C 32 14.76 -21.83 7.10
CA VAL C 32 14.69 -20.79 8.13
C VAL C 32 15.90 -20.87 9.04
N GLY C 33 16.51 -19.72 9.32
CA GLY C 33 17.68 -19.65 10.18
C GLY C 33 17.43 -20.06 11.61
N ALA C 34 18.40 -19.88 12.49
CA ALA C 34 18.28 -20.27 13.89
C ALA C 34 18.34 -19.10 14.86
N GLY C 35 18.41 -17.88 14.35
CA GLY C 35 18.38 -16.71 15.23
C GLY C 35 17.16 -15.86 14.98
N ALA C 36 16.54 -16.07 13.81
CA ALA C 36 15.35 -15.31 13.47
C ALA C 36 14.21 -15.52 14.47
N PRO C 37 13.89 -16.74 14.92
CA PRO C 37 12.83 -16.86 15.93
C PRO C 37 13.14 -16.08 17.20
N VAL C 38 14.39 -16.07 17.65
CA VAL C 38 14.74 -15.33 18.84
C VAL C 38 14.55 -13.83 18.62
N TYR C 39 15.03 -13.33 17.49
CA TYR C 39 14.88 -11.90 17.20
C TYR C 39 13.41 -11.51 17.13
N LEU C 40 12.61 -12.31 16.44
CA LEU C 40 11.19 -12.00 16.30
C LEU C 40 10.48 -12.04 17.65
N ALA C 41 10.79 -13.03 18.47
CA ALA C 41 10.17 -13.09 19.79
C ALA C 41 10.52 -11.87 20.62
N ALA C 42 11.79 -11.44 20.55
CA ALA C 42 12.19 -10.25 21.30
C ALA C 42 11.43 -9.02 20.85
N VAL C 43 11.28 -8.84 19.53
CA VAL C 43 10.58 -7.66 19.01
C VAL C 43 9.11 -7.69 19.42
N LEU C 44 8.47 -8.85 19.30
CA LEU C 44 7.06 -8.95 19.69
C LEU C 44 6.88 -8.66 21.17
N GLU C 45 7.80 -9.17 22.00
CA GLU C 45 7.73 -8.89 23.42
C GLU C 45 7.91 -7.41 23.71
N TYR C 46 8.81 -6.74 23.00
CA TYR C 46 9.01 -5.32 23.23
C TYR C 46 7.75 -4.53 22.92
N LEU C 47 7.16 -4.79 21.74
CA LEU C 47 5.97 -4.05 21.36
C LEU C 47 4.82 -4.29 22.33
N THR C 48 4.63 -5.56 22.72
CA THR C 48 3.58 -5.88 23.68
C THR C 48 3.79 -5.14 24.99
N ALA C 49 5.02 -5.12 25.50
CA ALA C 49 5.30 -4.43 26.76
C ALA C 49 5.01 -2.95 26.63
N GLU C 50 5.41 -2.33 25.52
CA GLU C 50 5.21 -0.90 25.33
C GLU C 50 3.72 -0.55 25.38
N ILE C 51 2.93 -1.21 24.55
CA ILE C 51 1.51 -0.86 24.49
C ILE C 51 0.82 -1.20 25.79
N LEU C 52 1.21 -2.30 26.44
CA LEU C 52 0.59 -2.66 27.71
C LEU C 52 0.90 -1.64 28.79
N GLU C 53 2.12 -1.12 28.83
CA GLU C 53 2.43 -0.10 29.83
C GLU C 53 1.61 1.17 29.60
N LEU C 54 1.48 1.60 28.35
CA LEU C 54 0.64 2.78 28.10
C LEU C 54 -0.81 2.52 28.49
N ALA C 55 -1.33 1.34 28.18
CA ALA C 55 -2.70 1.01 28.53
C ALA C 55 -2.90 0.99 30.04
N GLY C 56 -1.93 0.44 30.77
CA GLY C 56 -2.04 0.43 32.21
C GLY C 56 -2.01 1.82 32.79
N ASN C 57 -1.16 2.69 32.25
CA ASN C 57 -1.16 4.09 32.66
C ASN C 57 -2.54 4.70 32.50
N ALA C 58 -3.15 4.54 31.33
CA ALA C 58 -4.48 5.10 31.11
C ALA C 58 -5.51 4.50 32.07
N ALA C 59 -5.44 3.19 32.29
CA ALA C 59 -6.41 2.52 33.15
C ALA C 59 -6.34 3.05 34.57
N ARG C 60 -5.13 3.27 35.09
CA ARG C 60 -5.04 3.87 36.41
C ARG C 60 -5.41 5.34 36.40
N ASP C 61 -5.24 6.02 35.26
CA ASP C 61 -5.67 7.40 35.15
C ASP C 61 -7.18 7.51 35.27
N ASN C 62 -7.90 6.47 34.89
CA ASN C 62 -9.35 6.44 35.06
C ASN C 62 -9.77 5.70 36.32
N LYS C 63 -8.84 5.44 37.24
CA LYS C 63 -9.13 4.77 38.52
C LYS C 63 -9.77 3.39 38.30
N LYS C 64 -9.09 2.58 37.51
CA LYS C 64 -9.53 1.21 37.24
C LYS C 64 -8.31 0.30 37.23
N THR C 65 -8.53 -0.97 37.56
CA THR C 65 -7.45 -1.93 37.70
C THR C 65 -7.58 -3.07 36.69
N ARG C 66 -8.20 -2.80 35.55
CA ARG C 66 -8.25 -3.77 34.45
C ARG C 66 -8.26 -3.02 33.14
N ILE C 67 -7.32 -3.36 32.26
CA ILE C 67 -7.23 -2.71 30.96
C ILE C 67 -8.39 -3.17 30.09
N ILE C 68 -9.01 -2.22 29.40
CA ILE C 68 -10.16 -2.51 28.54
C ILE C 68 -9.88 -1.94 27.16
N PRO C 69 -10.63 -2.37 26.14
CA PRO C 69 -10.38 -1.85 24.79
C PRO C 69 -10.44 -0.34 24.71
N ARG C 70 -11.23 0.31 25.57
CA ARG C 70 -11.23 1.77 25.59
C ARG C 70 -9.86 2.31 25.99
N HIS C 71 -9.24 1.71 27.01
CA HIS C 71 -7.91 2.16 27.41
C HIS C 71 -6.87 1.84 26.35
N LEU C 72 -7.02 0.70 25.68
CA LEU C 72 -6.13 0.39 24.56
C LEU C 72 -6.23 1.46 23.49
N GLN C 73 -7.46 1.81 23.11
CA GLN C 73 -7.69 2.86 22.12
C GLN C 73 -7.05 4.16 22.56
N LEU C 74 -7.26 4.53 23.83
CA LEU C 74 -6.78 5.81 24.33
C LEU C 74 -5.27 5.88 24.30
N ALA C 75 -4.60 4.83 24.80
CA ALA C 75 -3.14 4.79 24.80
C ALA C 75 -2.60 4.83 23.38
N VAL C 76 -3.14 4.00 22.50
CA VAL C 76 -2.62 3.92 21.14
C VAL C 76 -2.75 5.27 20.44
N ARG C 77 -3.91 5.91 20.55
CA ARG C 77 -4.10 7.17 19.85
C ARG C 77 -3.40 8.33 20.52
N ASN C 78 -3.08 8.22 21.80
CA ASN C 78 -2.38 9.32 22.45
C ASN C 78 -0.88 9.25 22.23
N ASP C 79 -0.32 8.05 22.03
CA ASP C 79 1.07 7.93 21.62
C ASP C 79 1.16 8.05 20.11
N GLU C 80 2.01 8.96 19.63
CA GLU C 80 2.02 9.24 18.20
C GLU C 80 2.69 8.13 17.40
N GLU C 81 3.73 7.51 17.96
CA GLU C 81 4.43 6.45 17.23
C GLU C 81 3.53 5.24 17.05
N LEU C 82 2.92 4.77 18.13
CA LEU C 82 1.95 3.68 18.01
C LEU C 82 0.76 4.09 17.17
N ASN C 83 0.42 5.38 17.18
CA ASN C 83 -0.67 5.85 16.34
C ASN C 83 -0.32 5.71 14.87
N LYS C 84 0.93 6.00 14.50
CA LYS C 84 1.32 5.83 13.10
C LYS C 84 1.42 4.35 12.74
N LEU C 85 2.00 3.54 13.63
CA LEU C 85 2.11 2.10 13.34
C LEU C 85 0.73 1.47 13.17
N LEU C 86 -0.20 1.82 14.06
CA LEU C 86 -1.57 1.33 14.04
C LEU C 86 -2.52 2.37 13.45
N GLY C 87 -2.07 3.12 12.46
CA GLY C 87 -2.91 4.18 11.92
C GLY C 87 -4.17 3.67 11.25
N ARG C 88 -4.09 2.52 10.62
CA ARG C 88 -5.17 2.02 9.78
C ARG C 88 -6.02 0.97 10.49
N VAL C 89 -5.69 0.61 11.72
CA VAL C 89 -6.48 -0.37 12.44
C VAL C 89 -7.61 0.35 13.15
N THR C 90 -8.65 -0.39 13.51
CA THR C 90 -9.77 0.12 14.30
C THR C 90 -10.01 -0.83 15.45
N ILE C 91 -9.55 -0.46 16.65
CA ILE C 91 -9.79 -1.28 17.83
C ILE C 91 -11.28 -1.30 18.13
N ALA C 92 -11.88 -2.48 18.07
CA ALA C 92 -13.32 -2.60 18.30
C ALA C 92 -13.66 -2.19 19.72
N GLN C 93 -14.82 -1.54 19.87
CA GLN C 93 -15.28 -1.03 21.16
C GLN C 93 -14.25 -0.10 21.79
N GLY C 94 -13.61 0.71 20.97
CA GLY C 94 -12.59 1.61 21.47
C GLY C 94 -13.07 3.03 21.66
N GLY C 95 -14.24 3.35 21.11
CA GLY C 95 -14.65 4.74 21.19
C GLY C 95 -13.78 5.62 20.32
N VAL C 96 -13.77 6.92 20.67
CA VAL C 96 -13.01 7.90 19.92
C VAL C 96 -12.28 8.80 20.91
N LEU C 97 -11.22 9.43 20.43
CA LEU C 97 -10.45 10.35 21.26
C LEU C 97 -11.22 11.67 21.42
N PRO C 98 -11.37 12.18 22.64
CA PRO C 98 -12.15 13.40 22.84
C PRO C 98 -11.49 14.59 22.15
N ASN C 99 -12.30 15.33 21.39
CA ASN C 99 -11.80 16.50 20.67
C ASN C 99 -12.94 17.38 20.19
N ILE C 100 -12.92 18.66 20.56
CA ILE C 100 -13.89 19.64 20.10
C ILE C 100 -13.12 20.79 19.47
N GLN C 101 -13.50 21.16 18.25
CA GLN C 101 -12.79 22.22 17.55
C GLN C 101 -12.96 23.56 18.27
N SER C 102 -11.89 24.36 18.24
CA SER C 102 -11.86 25.60 19.01
C SER C 102 -12.94 26.57 18.54
N VAL C 103 -13.19 26.63 17.23
CA VAL C 103 -14.17 27.57 16.69
C VAL C 103 -15.56 27.27 17.23
N LEU C 104 -15.86 26.00 17.49
CA LEU C 104 -17.21 25.63 17.85
C LEU C 104 -17.59 26.06 19.26
N LEU C 105 -16.61 26.29 20.13
CA LEU C 105 -16.90 26.67 21.50
C LEU C 105 -17.55 28.05 21.55
N PRO C 106 -18.39 28.32 22.55
CA PRO C 106 -19.07 29.60 22.63
C PRO C 106 -18.12 30.71 23.07
N LYS C 107 -18.52 31.93 22.76
CA LYS C 107 -17.72 33.11 23.10
C LYS C 107 -17.98 33.54 24.54
N THR D 1 -10.95 -27.79 18.72
CA THR D 1 -10.29 -27.29 19.92
C THR D 1 -8.80 -27.15 19.69
N ARG D 2 -8.06 -26.84 20.76
CA ARG D 2 -6.61 -26.68 20.72
C ARG D 2 -6.22 -25.58 19.73
N LYS D 3 -6.58 -24.36 20.11
CA LYS D 3 -6.26 -23.16 19.34
C LYS D 3 -5.20 -22.35 20.08
N GLU D 4 -4.12 -22.03 19.39
CA GLU D 4 -2.99 -21.35 20.03
C GLU D 4 -3.33 -19.89 20.27
N SER D 5 -2.76 -19.30 21.32
CA SER D 5 -3.37 -18.04 21.74
C SER D 5 -2.42 -16.85 21.86
N TYR D 6 -1.22 -17.03 22.41
CA TYR D 6 -0.35 -15.96 22.92
C TYR D 6 -0.86 -15.32 24.21
N ALA D 7 -2.05 -15.70 24.69
CA ALA D 7 -2.63 -15.00 25.83
C ALA D 7 -1.78 -15.14 27.08
N ILE D 8 -1.22 -16.33 27.32
CA ILE D 8 -0.44 -16.52 28.52
C ILE D 8 0.84 -15.69 28.47
N TYR D 9 1.42 -15.53 27.29
CA TYR D 9 2.63 -14.73 27.18
C TYR D 9 2.33 -13.25 27.35
N VAL D 10 1.21 -12.80 26.79
CA VAL D 10 0.81 -11.41 27.00
C VAL D 10 0.57 -11.13 28.47
N TYR D 11 -0.08 -12.07 29.17
CA TYR D 11 -0.30 -11.89 30.59
C TYR D 11 1.01 -11.92 31.37
N LYS D 12 1.97 -12.73 30.95
CA LYS D 12 3.27 -12.73 31.60
C LYS D 12 3.96 -11.38 31.47
N VAL D 13 3.94 -10.82 30.26
CA VAL D 13 4.55 -9.50 30.06
C VAL D 13 3.81 -8.45 30.87
N LEU D 14 2.49 -8.55 30.95
CA LEU D 14 1.72 -7.59 31.76
C LEU D 14 2.11 -7.68 33.21
N LYS D 15 2.15 -8.89 33.78
CA LYS D 15 2.54 -9.03 35.16
C LYS D 15 3.99 -8.66 35.41
N GLN D 16 4.80 -8.57 34.36
CA GLN D 16 6.13 -8.01 34.52
C GLN D 16 6.07 -6.48 34.58
N VAL D 17 5.30 -5.86 33.70
CA VAL D 17 5.34 -4.41 33.57
C VAL D 17 4.53 -3.73 34.69
N HIS D 18 3.28 -4.13 34.86
CA HIS D 18 2.36 -3.55 35.83
C HIS D 18 1.85 -4.68 36.72
N PRO D 19 2.57 -5.03 37.77
CA PRO D 19 2.19 -6.22 38.53
C PRO D 19 1.06 -5.99 39.52
N ASP D 20 0.05 -5.24 39.11
CA ASP D 20 -1.17 -5.14 39.90
C ASP D 20 -2.45 -5.04 39.08
N THR D 21 -2.37 -5.11 37.75
CA THR D 21 -3.52 -4.89 36.89
C THR D 21 -3.97 -6.20 36.25
N GLY D 22 -4.97 -6.10 35.38
CA GLY D 22 -5.48 -7.24 34.67
C GLY D 22 -5.95 -6.89 33.28
N ILE D 23 -6.49 -7.87 32.54
CA ILE D 23 -6.94 -7.68 31.18
C ILE D 23 -8.30 -8.34 31.02
N SER D 24 -9.26 -7.60 30.49
CA SER D 24 -10.54 -8.19 30.14
C SER D 24 -10.39 -9.06 28.90
N SER D 25 -11.37 -9.94 28.68
CA SER D 25 -11.26 -10.91 27.60
C SER D 25 -11.20 -10.21 26.24
N LYS D 26 -12.01 -9.17 26.04
CA LYS D 26 -11.97 -8.45 24.77
C LYS D 26 -10.62 -7.80 24.54
N ALA D 27 -10.05 -7.19 25.59
CA ALA D 27 -8.73 -6.59 25.45
C ALA D 27 -7.68 -7.65 25.14
N MET D 28 -7.79 -8.82 25.76
CA MET D 28 -6.83 -9.88 25.49
C MET D 28 -6.93 -10.36 24.05
N SER D 29 -8.15 -10.50 23.54
CA SER D 29 -8.31 -10.88 22.13
C SER D 29 -7.75 -9.82 21.20
N ILE D 30 -7.99 -8.55 21.52
CA ILE D 30 -7.46 -7.46 20.71
C ILE D 30 -5.93 -7.50 20.70
N MET D 31 -5.33 -7.74 21.86
CA MET D 31 -3.88 -7.76 21.94
C MET D 31 -3.31 -8.94 21.18
N ASN D 32 -3.96 -10.10 21.27
CA ASN D 32 -3.54 -11.27 20.50
C ASN D 32 -3.61 -10.99 19.01
N SER D 33 -4.69 -10.36 18.56
CA SER D 33 -4.82 -10.01 17.16
C SER D 33 -3.72 -9.05 16.73
N PHE D 34 -3.39 -8.10 17.60
CA PHE D 34 -2.30 -7.17 17.29
C PHE D 34 -0.98 -7.89 17.14
N VAL D 35 -0.69 -8.84 18.04
CA VAL D 35 0.55 -9.59 17.94
C VAL D 35 0.59 -10.39 16.64
N ASN D 36 -0.51 -11.05 16.29
CA ASN D 36 -0.54 -11.83 15.06
C ASN D 36 -0.35 -10.94 13.85
N ASP D 37 -1.00 -9.78 13.83
CA ASP D 37 -0.91 -8.88 12.68
C ASP D 37 0.53 -8.39 12.51
N VAL D 38 1.16 -7.94 13.60
CA VAL D 38 2.53 -7.44 13.47
C VAL D 38 3.48 -8.58 13.12
N PHE D 39 3.22 -9.79 13.62
CA PHE D 39 4.05 -10.93 13.25
C PHE D 39 3.97 -11.20 11.76
N GLU D 40 2.76 -11.22 11.21
CA GLU D 40 2.63 -11.52 9.79
C GLU D 40 3.21 -10.40 8.94
N ARG D 41 3.11 -9.15 9.39
CA ARG D 41 3.73 -8.05 8.67
C ARG D 41 5.24 -8.24 8.61
N ILE D 42 5.86 -8.47 9.77
CA ILE D 42 7.32 -8.63 9.81
C ILE D 42 7.74 -9.82 8.96
N ALA D 43 7.03 -10.94 9.09
CA ALA D 43 7.41 -12.14 8.36
C ALA D 43 7.26 -11.95 6.87
N GLY D 44 6.17 -11.30 6.43
CA GLY D 44 6.01 -11.06 5.00
C GLY D 44 7.07 -10.13 4.45
N GLU D 45 7.41 -9.08 5.19
CA GLU D 45 8.47 -8.20 4.73
C GLU D 45 9.80 -8.92 4.66
N ALA D 46 10.10 -9.76 5.64
CA ALA D 46 11.34 -10.53 5.60
C ALA D 46 11.36 -11.51 4.43
N SER D 47 10.21 -12.13 4.15
CA SER D 47 10.12 -13.05 3.02
C SER D 47 10.40 -12.34 1.71
N ARG D 48 9.76 -11.19 1.49
CA ARG D 48 10.01 -10.43 0.27
C ARG D 48 11.45 -9.96 0.22
N LEU D 49 12.00 -9.58 1.37
CA LEU D 49 13.38 -9.10 1.41
C LEU D 49 14.36 -10.20 1.02
N ALA D 50 14.13 -11.42 1.48
CA ALA D 50 14.98 -12.53 1.10
C ALA D 50 14.79 -12.89 -0.36
N HIS D 51 13.55 -12.81 -0.86
CA HIS D 51 13.32 -13.13 -2.26
C HIS D 51 13.97 -12.12 -3.19
N TYR D 52 14.05 -10.85 -2.77
CA TYR D 52 14.67 -9.84 -3.62
C TYR D 52 16.15 -10.09 -3.83
N ASN D 53 16.82 -10.70 -2.86
CA ASN D 53 18.27 -10.87 -2.91
C ASN D 53 18.68 -12.27 -3.36
N LYS D 54 17.79 -12.99 -4.05
CA LYS D 54 18.08 -14.35 -4.51
C LYS D 54 18.55 -15.22 -3.37
N ARG D 55 17.96 -15.03 -2.19
CA ARG D 55 18.35 -15.72 -0.97
C ARG D 55 17.19 -16.59 -0.53
N SER D 56 17.50 -17.81 -0.10
CA SER D 56 16.49 -18.80 0.25
C SER D 56 16.56 -19.15 1.72
N THR D 57 16.73 -18.14 2.58
CA THR D 57 16.83 -18.38 4.02
C THR D 57 16.36 -17.14 4.76
N ILE D 58 15.36 -17.29 5.61
CA ILE D 58 15.05 -16.24 6.58
C ILE D 58 16.08 -16.27 7.69
N THR D 59 16.67 -15.12 7.99
CA THR D 59 17.64 -15.05 9.06
C THR D 59 17.53 -13.71 9.78
N SER D 60 18.27 -13.61 10.88
CA SER D 60 18.14 -12.48 11.78
C SER D 60 18.44 -11.16 11.08
N ARG D 61 19.29 -11.18 10.05
CA ARG D 61 19.62 -9.94 9.35
C ARG D 61 18.38 -9.31 8.72
N GLU D 62 17.63 -10.07 7.93
CA GLU D 62 16.44 -9.47 7.35
C GLU D 62 15.26 -9.45 8.30
N ILE D 63 15.27 -10.22 9.38
CA ILE D 63 14.29 -9.93 10.43
C ILE D 63 14.51 -8.53 10.99
N GLN D 64 15.77 -8.19 11.26
CA GLN D 64 16.10 -6.85 11.74
C GLN D 64 15.76 -5.79 10.71
N THR D 65 16.05 -6.05 9.45
CA THR D 65 15.76 -5.06 8.42
C THR D 65 14.25 -4.84 8.27
N ALA D 66 13.46 -5.92 8.35
CA ALA D 66 12.01 -5.75 8.29
C ALA D 66 11.51 -4.97 9.50
N VAL D 67 12.09 -5.21 10.67
CA VAL D 67 11.71 -4.44 11.85
C VAL D 67 11.99 -2.96 11.62
N ARG D 68 13.16 -2.66 11.07
CA ARG D 68 13.54 -1.27 10.82
C ARG D 68 12.66 -0.62 9.77
N LEU D 69 12.20 -1.39 8.78
CA LEU D 69 11.35 -0.85 7.74
C LEU D 69 9.94 -0.56 8.25
N LEU D 70 9.40 -1.41 9.12
CA LEU D 70 8.01 -1.21 9.53
C LEU D 70 7.86 -0.35 10.78
N LEU D 71 8.64 -0.59 11.80
CA LEU D 71 8.41 0.20 13.00
C LEU D 71 8.91 1.62 12.80
N PRO D 72 8.12 2.63 13.16
CA PRO D 72 8.54 4.01 12.92
C PRO D 72 9.32 4.64 14.07
N GLY D 73 10.36 5.40 13.75
CA GLY D 73 11.05 6.24 14.71
C GLY D 73 11.75 5.54 15.85
N GLU D 74 11.39 5.92 17.08
CA GLU D 74 12.06 5.39 18.26
C GLU D 74 11.72 3.92 18.49
N LEU D 75 10.53 3.49 18.06
CA LEU D 75 10.15 2.09 18.18
C LEU D 75 11.16 1.19 17.48
N ALA D 76 11.55 1.56 16.27
CA ALA D 76 12.50 0.74 15.52
C ALA D 76 13.81 0.62 16.28
N LYS D 77 14.32 1.74 16.79
CA LYS D 77 15.60 1.72 17.47
C LYS D 77 15.55 0.84 18.71
N HIS D 78 14.53 1.03 19.55
CA HIS D 78 14.44 0.26 20.79
C HIS D 78 14.24 -1.23 20.48
N ALA D 79 13.37 -1.54 19.52
CA ALA D 79 13.12 -2.94 19.20
C ALA D 79 14.36 -3.61 18.65
N VAL D 80 15.11 -2.92 17.79
CA VAL D 80 16.35 -3.48 17.25
C VAL D 80 17.34 -3.74 18.37
N SER D 81 17.49 -2.78 19.28
CA SER D 81 18.43 -2.95 20.38
C SER D 81 18.06 -4.17 21.23
N GLU D 82 16.76 -4.30 21.55
CA GLU D 82 16.33 -5.42 22.36
C GLU D 82 16.50 -6.75 21.64
N GLY D 83 16.20 -6.79 20.35
CA GLY D 83 16.38 -8.02 19.59
C GLY D 83 17.83 -8.46 19.55
N THR D 84 18.75 -7.52 19.29
CA THR D 84 20.16 -7.87 19.30
C THR D 84 20.60 -8.35 20.68
N LYS D 85 20.14 -7.68 21.73
CA LYS D 85 20.46 -8.13 23.08
C LYS D 85 20.04 -9.58 23.29
N ALA D 86 18.79 -9.89 22.92
CA ALA D 86 18.28 -11.24 23.13
C ALA D 86 19.05 -12.27 22.33
N VAL D 87 19.34 -11.97 21.06
CA VAL D 87 20.00 -12.98 20.24
C VAL D 87 21.43 -13.22 20.70
N THR D 88 22.15 -12.15 21.08
CA THR D 88 23.50 -12.36 21.58
C THR D 88 23.51 -13.13 22.89
N LYS D 89 22.56 -12.83 23.78
CA LYS D 89 22.48 -13.60 25.03
C LYS D 89 22.17 -15.06 24.73
N TYR D 90 21.32 -15.33 23.75
CA TYR D 90 20.98 -16.70 23.42
C TYR D 90 22.18 -17.46 22.86
N THR D 91 22.89 -16.86 21.90
CA THR D 91 24.06 -17.53 21.34
C THR D 91 25.15 -17.73 22.39
N SER D 92 25.38 -16.71 23.23
CA SER D 92 26.37 -16.85 24.29
C SER D 92 26.01 -17.97 25.26
N ALA D 93 24.75 -18.04 25.65
CA ALA D 93 24.32 -19.08 26.58
C ALA D 93 24.02 -20.37 25.83
N ARG E 4 -35.34 28.27 26.24
CA ARG E 4 -34.84 27.74 27.50
C ARG E 4 -33.32 27.84 27.53
N TYR E 5 -32.67 26.92 26.84
CA TYR E 5 -31.22 26.96 26.67
C TYR E 5 -30.88 27.68 25.38
N ARG E 6 -29.79 28.45 25.40
CA ARG E 6 -29.35 29.11 24.19
C ARG E 6 -28.88 28.08 23.17
N PRO E 7 -29.10 28.32 21.89
CA PRO E 7 -28.73 27.34 20.88
C PRO E 7 -27.24 27.02 20.91
N GLY E 8 -26.93 25.73 20.71
CA GLY E 8 -25.58 25.24 20.73
C GLY E 8 -25.15 24.64 22.06
N THR E 9 -25.78 25.07 23.16
CA THR E 9 -25.43 24.52 24.47
C THR E 9 -25.66 23.02 24.51
N VAL E 10 -26.85 22.58 24.10
CA VAL E 10 -27.15 21.16 24.08
C VAL E 10 -26.25 20.45 23.09
N ALA E 11 -25.81 21.15 22.04
CA ALA E 11 -24.94 20.52 21.04
C ALA E 11 -23.58 20.20 21.63
N LEU E 12 -22.96 21.18 22.30
CA LEU E 12 -21.69 20.90 22.97
C LEU E 12 -21.86 19.84 24.05
N ARG E 13 -22.98 19.89 24.77
CA ARG E 13 -23.25 18.88 25.79
C ARG E 13 -23.29 17.49 25.18
N GLU E 14 -23.95 17.35 24.03
CA GLU E 14 -24.07 16.05 23.39
C GLU E 14 -22.74 15.59 22.81
N ILE E 15 -21.93 16.52 22.30
CA ILE E 15 -20.59 16.14 21.83
C ILE E 15 -19.78 15.58 22.99
N ARG E 16 -19.81 16.27 24.13
CA ARG E 16 -19.13 15.75 25.31
C ARG E 16 -19.67 14.38 25.70
N ARG E 17 -20.99 14.21 25.65
CA ARG E 17 -21.61 12.94 25.98
C ARG E 17 -21.06 11.82 25.11
N TYR E 18 -21.06 12.04 23.80
CA TYR E 18 -20.82 10.96 22.85
C TYR E 18 -19.35 10.75 22.52
N GLN E 19 -18.46 11.66 22.89
CA GLN E 19 -17.04 11.38 22.78
C GLN E 19 -16.48 10.71 24.03
N LYS E 20 -17.26 10.59 25.09
CA LYS E 20 -16.86 9.82 26.27
C LYS E 20 -17.19 8.35 26.10
N SER E 21 -18.36 8.06 25.54
CA SER E 21 -18.87 6.70 25.47
C SER E 21 -18.15 5.90 24.40
N THR E 22 -18.29 4.58 24.47
CA THR E 22 -17.76 3.65 23.48
C THR E 22 -18.83 2.75 22.91
N GLU E 23 -20.11 3.01 23.20
CA GLU E 23 -21.17 2.09 22.85
C GLU E 23 -21.44 2.14 21.34
N LEU E 24 -22.44 1.38 20.91
CA LEU E 24 -22.91 1.42 19.54
C LEU E 24 -23.93 2.55 19.39
N LEU E 25 -23.98 3.12 18.21
CA LEU E 25 -24.85 4.27 17.96
C LEU E 25 -26.01 3.94 17.04
N ILE E 26 -25.79 3.19 15.97
CA ILE E 26 -26.90 2.68 15.17
C ILE E 26 -27.57 1.55 15.94
N ARG E 27 -28.91 1.51 15.88
CA ARG E 27 -29.67 0.43 16.49
C ARG E 27 -29.20 -0.91 15.94
N LYS E 28 -29.39 -1.98 16.71
CA LYS E 28 -28.84 -3.27 16.32
C LYS E 28 -29.67 -3.93 15.21
N LEU E 29 -30.96 -4.16 15.49
CA LEU E 29 -31.80 -4.87 14.53
C LEU E 29 -31.98 -4.13 13.21
N PRO E 30 -32.20 -2.81 13.17
CA PRO E 30 -32.27 -2.14 11.86
C PRO E 30 -31.03 -2.33 11.01
N PHE E 31 -29.84 -2.20 11.60
CA PHE E 31 -28.62 -2.42 10.85
C PHE E 31 -28.49 -3.86 10.39
N GLN E 32 -28.85 -4.80 11.26
CA GLN E 32 -28.75 -6.21 10.90
C GLN E 32 -29.69 -6.55 9.75
N ARG E 33 -30.91 -6.00 9.79
CA ARG E 33 -31.84 -6.18 8.69
C ARG E 33 -31.32 -5.56 7.40
N LEU E 34 -30.72 -4.37 7.50
CA LEU E 34 -30.13 -3.75 6.32
C LEU E 34 -29.05 -4.61 5.73
N VAL E 35 -28.21 -5.21 6.58
CA VAL E 35 -27.13 -6.05 6.11
C VAL E 35 -27.68 -7.25 5.35
N ARG E 36 -28.68 -7.91 5.92
CA ARG E 36 -29.26 -9.05 5.21
C ARG E 36 -29.87 -8.63 3.88
N GLU E 37 -30.63 -7.53 3.88
CA GLU E 37 -31.28 -7.10 2.66
C GLU E 37 -30.27 -6.74 1.57
N ILE E 38 -29.17 -6.10 1.95
CA ILE E 38 -28.19 -5.67 0.97
C ILE E 38 -27.32 -6.83 0.52
N ALA E 39 -27.22 -7.87 1.35
CA ALA E 39 -26.51 -9.09 0.96
C ALA E 39 -27.39 -10.08 0.22
N GLN E 40 -28.69 -9.80 0.11
CA GLN E 40 -29.58 -10.70 -0.62
C GLN E 40 -29.18 -10.83 -2.09
N ASP E 41 -28.78 -9.73 -2.71
CA ASP E 41 -28.65 -9.71 -4.17
C ASP E 41 -27.43 -10.48 -4.66
N PHE E 42 -26.31 -10.40 -3.93
CA PHE E 42 -25.08 -11.06 -4.38
C PHE E 42 -25.26 -12.56 -4.49
N LYS E 43 -25.92 -13.17 -3.51
CA LYS E 43 -26.19 -14.59 -3.56
C LYS E 43 -27.39 -14.89 -2.67
N THR E 44 -28.28 -15.74 -3.15
CA THR E 44 -29.45 -16.11 -2.37
C THR E 44 -29.00 -16.98 -1.18
N ASP E 45 -29.91 -17.11 -0.20
CA ASP E 45 -29.79 -17.94 1.02
C ASP E 45 -28.38 -17.95 1.62
N LEU E 46 -27.98 -16.79 2.15
CA LEU E 46 -26.80 -16.69 3.01
C LEU E 46 -27.21 -16.62 4.47
N ARG E 47 -26.52 -17.38 5.30
CA ARG E 47 -26.64 -17.24 6.74
C ARG E 47 -25.67 -16.16 7.23
N PHE E 48 -25.94 -15.64 8.42
CA PHE E 48 -25.06 -14.68 9.09
C PHE E 48 -25.05 -15.00 10.58
N GLN E 49 -23.86 -15.09 11.14
CA GLN E 49 -23.75 -15.25 12.58
C GLN E 49 -23.54 -13.89 13.26
N SER E 50 -23.91 -13.85 14.54
CA SER E 50 -23.97 -12.59 15.26
C SER E 50 -22.63 -11.90 15.29
N SER E 51 -21.54 -12.66 15.45
CA SER E 51 -20.22 -12.05 15.46
C SER E 51 -19.91 -11.39 14.13
N ALA E 52 -20.31 -12.02 13.02
CA ALA E 52 -20.10 -11.41 11.71
C ALA E 52 -20.84 -10.09 11.60
N VAL E 53 -22.11 -10.08 12.01
CA VAL E 53 -22.89 -8.84 11.90
C VAL E 53 -22.32 -7.77 12.81
N MET E 54 -21.86 -8.16 14.00
CA MET E 54 -21.28 -7.19 14.93
C MET E 54 -20.00 -6.58 14.38
N ALA E 55 -19.15 -7.40 13.77
CA ALA E 55 -17.96 -6.85 13.13
C ALA E 55 -18.33 -5.88 12.02
N LEU E 56 -19.36 -6.22 11.25
CA LEU E 56 -19.80 -5.30 10.20
C LEU E 56 -20.26 -3.97 10.78
N GLN E 57 -20.99 -4.02 11.89
CA GLN E 57 -21.47 -2.79 12.50
C GLN E 57 -20.33 -1.96 13.07
N GLU E 58 -19.35 -2.62 13.70
CA GLU E 58 -18.18 -1.90 14.19
C GLU E 58 -17.48 -1.17 13.06
N ALA E 59 -17.25 -1.86 11.94
CA ALA E 59 -16.58 -1.23 10.81
C ALA E 59 -17.38 -0.06 10.27
N SER E 60 -18.70 -0.24 10.14
CA SER E 60 -19.53 0.83 9.59
C SER E 60 -19.53 2.05 10.49
N GLU E 61 -19.65 1.85 11.80
CA GLU E 61 -19.64 2.98 12.71
C GLU E 61 -18.32 3.72 12.67
N ALA E 62 -17.20 2.99 12.68
CA ALA E 62 -15.91 3.66 12.63
C ALA E 62 -15.76 4.45 11.34
N TYR E 63 -16.16 3.86 10.22
CA TYR E 63 -16.06 4.56 8.94
C TYR E 63 -16.88 5.84 8.96
N LEU E 64 -18.12 5.77 9.44
CA LEU E 64 -18.99 6.94 9.41
C LEU E 64 -18.49 8.02 10.37
N VAL E 65 -17.91 7.62 11.51
CA VAL E 65 -17.39 8.62 12.44
C VAL E 65 -16.21 9.35 11.85
N ALA E 66 -15.27 8.62 11.22
CA ALA E 66 -14.16 9.29 10.57
C ALA E 66 -14.64 10.18 9.43
N LEU E 67 -15.64 9.72 8.69
CA LEU E 67 -16.19 10.54 7.61
C LEU E 67 -16.79 11.83 8.14
N PHE E 68 -17.48 11.75 9.28
CA PHE E 68 -18.10 12.95 9.84
C PHE E 68 -17.06 13.90 10.39
N GLU E 69 -15.96 13.40 10.93
CA GLU E 69 -14.86 14.28 11.29
C GLU E 69 -14.30 15.01 10.07
N ASP E 70 -14.09 14.29 8.98
CA ASP E 70 -13.59 14.94 7.77
C ASP E 70 -14.57 15.98 7.26
N THR E 71 -15.86 15.66 7.27
CA THR E 71 -16.88 16.60 6.83
C THR E 71 -16.91 17.85 7.71
N ASN E 72 -16.80 17.67 9.03
CA ASN E 72 -16.79 18.81 9.92
C ASN E 72 -15.59 19.70 9.65
N LEU E 73 -14.44 19.10 9.39
CA LEU E 73 -13.26 19.89 9.08
C LEU E 73 -13.44 20.66 7.77
N CYS E 74 -14.07 20.03 6.78
CA CYS E 74 -14.36 20.72 5.53
C CYS E 74 -15.28 21.91 5.75
N ALA E 75 -16.33 21.71 6.55
CA ALA E 75 -17.29 22.79 6.81
C ALA E 75 -16.63 23.95 7.55
N ILE E 76 -15.78 23.65 8.52
CA ILE E 76 -15.07 24.70 9.24
C ILE E 76 -14.13 25.44 8.30
N HIS E 77 -13.52 24.73 7.35
CA HIS E 77 -12.63 25.38 6.40
C HIS E 77 -13.34 26.44 5.58
N ALA E 78 -14.63 26.24 5.29
CA ALA E 78 -15.39 27.17 4.46
C ALA E 78 -16.09 28.25 5.27
N LYS E 79 -15.59 28.57 6.46
CA LYS E 79 -16.17 29.61 7.32
C LYS E 79 -17.63 29.31 7.66
N ARG E 80 -17.89 28.09 8.10
CA ARG E 80 -19.23 27.71 8.53
C ARG E 80 -19.14 26.83 9.78
N VAL E 81 -20.31 26.48 10.30
CA VAL E 81 -20.42 25.47 11.35
C VAL E 81 -21.43 24.39 11.02
N THR E 82 -22.29 24.58 10.02
CA THR E 82 -23.21 23.55 9.59
C THR E 82 -22.52 22.71 8.51
N ILE E 83 -22.80 21.41 8.52
CA ILE E 83 -22.26 20.54 7.49
C ILE E 83 -23.32 20.34 6.43
N MET E 84 -22.89 20.10 5.20
CA MET E 84 -23.80 19.97 4.07
C MET E 84 -23.29 18.88 3.12
N PRO E 85 -24.15 18.40 2.22
CA PRO E 85 -23.70 17.40 1.26
C PRO E 85 -22.51 17.86 0.43
N LYS E 86 -22.36 19.15 0.17
CA LYS E 86 -21.15 19.63 -0.48
C LYS E 86 -19.92 19.23 0.33
N ASP E 87 -19.98 19.44 1.64
CA ASP E 87 -18.85 19.11 2.50
C ASP E 87 -18.57 17.62 2.48
N ILE E 88 -19.62 16.81 2.61
CA ILE E 88 -19.35 15.37 2.70
C ILE E 88 -18.86 14.83 1.35
N GLN E 89 -19.39 15.35 0.24
CA GLN E 89 -18.91 14.94 -1.07
C GLN E 89 -17.45 15.30 -1.28
N LEU E 90 -17.07 16.52 -0.88
CA LEU E 90 -15.67 16.90 -0.98
C LEU E 90 -14.80 15.98 -0.13
N ALA E 91 -15.25 15.68 1.08
CA ALA E 91 -14.47 14.84 1.97
C ALA E 91 -14.25 13.45 1.40
N ARG E 92 -15.29 12.86 0.80
CA ARG E 92 -15.13 11.52 0.23
C ARG E 92 -14.27 11.56 -1.02
N ARG E 93 -14.51 12.52 -1.90
CA ARG E 93 -13.80 12.55 -3.18
C ARG E 93 -12.33 12.89 -2.99
N ILE E 94 -11.97 13.61 -1.93
CA ILE E 94 -10.56 13.91 -1.69
C ILE E 94 -9.84 12.76 -1.02
N ARG E 95 -10.56 11.73 -0.60
CA ARG E 95 -9.98 10.54 0.00
C ARG E 95 -9.88 9.38 -0.98
N GLY E 96 -10.05 9.62 -2.27
CA GLY E 96 -9.98 8.56 -3.25
C GLY E 96 -11.08 7.54 -3.09
N GLU E 97 -12.31 7.99 -2.89
CA GLU E 97 -13.46 7.11 -2.79
C GLU E 97 -14.49 7.39 -3.88
N ARG E 98 -14.81 8.64 -4.13
CA ARG E 98 -15.76 9.00 -5.17
C ARG E 98 -15.09 9.03 -6.53
N ALA F 1 -58.85 -5.92 0.93
CA ALA F 1 -57.98 -5.70 -0.21
C ALA F 1 -56.52 -5.64 0.20
N LYS F 2 -56.16 -6.38 1.25
CA LYS F 2 -54.79 -6.35 1.75
C LYS F 2 -54.19 -7.75 1.84
N ARG F 3 -54.62 -8.66 0.98
CA ARG F 3 -53.97 -9.97 0.88
C ARG F 3 -52.50 -9.80 0.51
N HIS F 4 -52.19 -8.81 -0.32
CA HIS F 4 -50.80 -8.53 -0.62
C HIS F 4 -50.16 -7.75 0.52
N ARG F 5 -48.86 -7.51 0.38
CA ARG F 5 -48.04 -6.93 1.44
C ARG F 5 -47.83 -5.44 1.26
N LYS F 6 -48.86 -4.72 0.80
CA LYS F 6 -48.78 -3.28 0.56
C LYS F 6 -48.08 -2.52 1.68
N VAL F 7 -48.21 -2.99 2.91
CA VAL F 7 -47.54 -2.33 4.03
C VAL F 7 -46.11 -2.85 4.12
N LEU F 8 -45.15 -1.92 4.04
CA LEU F 8 -43.73 -2.20 4.18
C LEU F 8 -42.98 -0.88 4.19
N ARG F 9 -41.84 -0.89 4.88
CA ARG F 9 -40.97 0.28 4.96
C ARG F 9 -39.60 -0.06 4.39
N ASP F 10 -38.93 0.94 3.82
CA ASP F 10 -37.61 0.71 3.24
C ASP F 10 -36.58 0.48 4.34
N ASN F 11 -35.55 -0.30 4.01
CA ASN F 11 -34.58 -0.70 5.02
C ASN F 11 -33.57 0.38 5.31
N ILE F 12 -33.16 1.13 4.28
CA ILE F 12 -32.13 2.15 4.48
C ILE F 12 -32.66 3.27 5.38
N GLN F 13 -33.96 3.52 5.33
CA GLN F 13 -34.56 4.50 6.23
C GLN F 13 -34.62 4.02 7.67
N GLY F 14 -34.30 2.74 7.92
CA GLY F 14 -34.16 2.28 9.29
C GLY F 14 -33.01 2.94 10.02
N ILE F 15 -32.06 3.51 9.30
CA ILE F 15 -30.98 4.27 9.89
C ILE F 15 -31.52 5.65 10.23
N THR F 16 -31.95 5.82 11.47
CA THR F 16 -32.81 6.93 11.83
C THR F 16 -32.04 8.25 11.83
N LYS F 17 -32.79 9.34 11.66
CA LYS F 17 -32.25 10.69 11.79
C LYS F 17 -31.49 10.91 13.09
N PRO F 18 -32.01 10.55 14.27
CA PRO F 18 -31.21 10.72 15.49
C PRO F 18 -30.01 9.80 15.55
N ALA F 19 -30.02 8.65 14.90
CA ALA F 19 -28.80 7.84 14.83
C ALA F 19 -27.73 8.55 14.01
N ILE F 20 -28.13 9.15 12.88
CA ILE F 20 -27.19 9.97 12.12
C ILE F 20 -26.66 11.09 13.01
N ARG F 21 -27.53 11.70 13.81
CA ARG F 21 -27.09 12.81 14.66
C ARG F 21 -26.14 12.32 15.75
N ARG F 22 -26.37 11.13 16.30
CA ARG F 22 -25.46 10.59 17.30
C ARG F 22 -24.08 10.34 16.71
N LEU F 23 -24.04 9.75 15.52
CA LEU F 23 -22.77 9.59 14.83
C LEU F 23 -22.11 10.93 14.58
N ALA F 24 -22.90 11.92 14.18
CA ALA F 24 -22.37 13.25 13.90
C ALA F 24 -21.78 13.90 15.15
N ARG F 25 -22.45 13.74 16.28
CA ARG F 25 -21.94 14.31 17.53
C ARG F 25 -20.66 13.61 17.97
N ARG F 26 -20.63 12.28 17.90
CA ARG F 26 -19.38 11.60 18.24
C ARG F 26 -18.27 12.03 17.31
N GLY F 27 -18.58 12.31 16.05
CA GLY F 27 -17.61 12.94 15.18
C GLY F 27 -17.22 14.32 15.66
N GLY F 28 -18.17 15.05 16.24
CA GLY F 28 -17.87 16.37 16.78
C GLY F 28 -18.39 17.53 15.95
N VAL F 29 -19.62 17.44 15.46
CA VAL F 29 -20.24 18.53 14.71
C VAL F 29 -21.28 19.17 15.60
N LYS F 30 -21.71 20.37 15.21
CA LYS F 30 -22.63 21.15 16.02
C LYS F 30 -23.95 21.48 15.35
N ARG F 31 -24.00 21.51 14.02
CA ARG F 31 -25.26 21.75 13.32
C ARG F 31 -25.28 20.93 12.04
N ILE F 32 -26.41 20.27 11.79
CA ILE F 32 -26.55 19.32 10.70
C ILE F 32 -27.64 19.80 9.76
N SER F 33 -27.33 19.85 8.47
CA SER F 33 -28.31 20.24 7.47
C SER F 33 -29.35 19.13 7.28
N GLY F 34 -30.28 19.37 6.36
CA GLY F 34 -31.36 18.44 6.15
C GLY F 34 -31.05 17.32 5.18
N LEU F 35 -30.03 17.50 4.35
CA LEU F 35 -29.68 16.51 3.32
C LEU F 35 -28.55 15.58 3.75
N ILE F 36 -27.91 15.86 4.89
CA ILE F 36 -26.90 14.96 5.44
C ILE F 36 -27.47 13.58 5.66
N TYR F 37 -28.75 13.49 6.01
CA TYR F 37 -29.35 12.19 6.28
C TYR F 37 -29.35 11.32 5.03
N GLU F 38 -29.86 11.85 3.93
CA GLU F 38 -29.90 11.08 2.69
C GLU F 38 -28.49 10.76 2.20
N GLU F 39 -27.59 11.75 2.24
CA GLU F 39 -26.25 11.49 1.74
C GLU F 39 -25.55 10.43 2.58
N THR F 40 -25.72 10.49 3.91
CA THR F 40 -25.11 9.49 4.78
C THR F 40 -25.68 8.10 4.49
N ARG F 41 -26.99 8.02 4.27
CA ARG F 41 -27.58 6.73 3.93
C ARG F 41 -26.96 6.16 2.67
N GLY F 42 -26.79 7.01 1.65
CA GLY F 42 -26.16 6.54 0.42
C GLY F 42 -24.74 6.04 0.64
N VAL F 43 -23.95 6.81 1.39
CA VAL F 43 -22.55 6.44 1.61
C VAL F 43 -22.45 5.12 2.37
N LEU F 44 -23.25 4.97 3.41
CA LEU F 44 -23.24 3.74 4.18
C LEU F 44 -23.65 2.55 3.31
N LYS F 45 -24.65 2.75 2.47
CA LYS F 45 -25.08 1.65 1.59
C LYS F 45 -23.96 1.22 0.67
N VAL F 46 -23.22 2.17 0.10
CA VAL F 46 -22.14 1.82 -0.81
C VAL F 46 -21.04 1.05 -0.08
N PHE F 47 -20.65 1.56 1.10
CA PHE F 47 -19.60 0.89 1.87
C PHE F 47 -19.98 -0.55 2.20
N LEU F 48 -21.21 -0.74 2.69
CA LEU F 48 -21.66 -2.07 3.02
C LEU F 48 -21.71 -2.96 1.79
N GLU F 49 -22.14 -2.42 0.65
CA GLU F 49 -22.14 -3.20 -0.57
C GLU F 49 -20.76 -3.78 -0.86
N ASN F 50 -19.74 -2.93 -0.83
CA ASN F 50 -18.39 -3.41 -1.16
C ASN F 50 -17.93 -4.49 -0.17
N VAL F 51 -18.04 -4.20 1.13
CA VAL F 51 -17.50 -5.13 2.12
C VAL F 51 -18.23 -6.47 2.05
N ILE F 52 -19.56 -6.43 1.97
CA ILE F 52 -20.33 -7.66 1.95
C ILE F 52 -20.06 -8.44 0.67
N ARG F 53 -19.84 -7.75 -0.46
CA ARG F 53 -19.49 -8.47 -1.68
C ARG F 53 -18.24 -9.30 -1.47
N ASP F 54 -17.19 -8.69 -0.92
CA ASP F 54 -15.95 -9.44 -0.73
C ASP F 54 -16.13 -10.59 0.28
N ALA F 55 -16.86 -10.34 1.37
CA ALA F 55 -17.09 -11.39 2.35
C ALA F 55 -17.82 -12.58 1.73
N VAL F 56 -18.87 -12.31 0.95
CA VAL F 56 -19.62 -13.38 0.31
C VAL F 56 -18.74 -14.14 -0.66
N THR F 57 -17.85 -13.44 -1.36
CA THR F 57 -16.92 -14.13 -2.25
C THR F 57 -16.06 -15.12 -1.47
N TYR F 58 -15.53 -14.70 -0.33
CA TYR F 58 -14.75 -15.63 0.50
C TYR F 58 -15.58 -16.84 0.91
N THR F 59 -16.78 -16.60 1.43
CA THR F 59 -17.58 -17.71 1.95
C THR F 59 -17.93 -18.71 0.86
N GLU F 60 -18.33 -18.21 -0.32
CA GLU F 60 -18.69 -19.13 -1.38
C GLU F 60 -17.48 -19.82 -1.97
N HIS F 61 -16.28 -19.23 -1.85
CA HIS F 61 -15.08 -19.99 -2.19
C HIS F 61 -14.90 -21.15 -1.23
N ALA F 62 -15.10 -20.91 0.06
CA ALA F 62 -14.85 -21.96 1.03
C ALA F 62 -15.88 -23.08 0.98
N LYS F 63 -16.82 -23.05 0.03
CA LYS F 63 -17.90 -24.04 -0.06
C LYS F 63 -18.73 -24.08 1.23
N ARG F 64 -19.17 -22.91 1.65
CA ARG F 64 -20.05 -22.81 2.81
C ARG F 64 -21.30 -22.03 2.43
N LYS F 65 -22.16 -21.77 3.42
CA LYS F 65 -23.31 -20.90 3.19
C LYS F 65 -23.53 -19.95 4.34
N THR F 66 -22.57 -19.82 5.26
CA THR F 66 -22.64 -18.88 6.36
C THR F 66 -21.47 -17.92 6.25
N VAL F 67 -21.74 -16.62 6.39
CA VAL F 67 -20.68 -15.62 6.37
C VAL F 67 -20.14 -15.50 7.79
N THR F 68 -18.93 -15.99 8.02
CA THR F 68 -18.36 -15.96 9.35
C THR F 68 -17.72 -14.62 9.66
N ALA F 69 -17.61 -14.33 10.95
CA ALA F 69 -16.93 -13.10 11.36
C ALA F 69 -15.51 -13.06 10.86
N MET F 70 -14.85 -14.21 10.80
CA MET F 70 -13.47 -14.23 10.34
C MET F 70 -13.40 -13.96 8.84
N ASP F 71 -14.42 -14.40 8.10
CA ASP F 71 -14.52 -14.05 6.69
C ASP F 71 -14.74 -12.56 6.51
N VAL F 72 -15.60 -11.96 7.36
CA VAL F 72 -15.80 -10.52 7.28
C VAL F 72 -14.50 -9.78 7.59
N VAL F 73 -13.76 -10.27 8.58
CA VAL F 73 -12.47 -9.66 8.92
C VAL F 73 -11.52 -9.76 7.74
N TYR F 74 -11.49 -10.91 7.05
CA TYR F 74 -10.66 -11.05 5.87
C TYR F 74 -11.05 -10.03 4.80
N ALA F 75 -12.35 -9.91 4.52
CA ALA F 75 -12.81 -8.97 3.50
C ALA F 75 -12.45 -7.54 3.88
N LEU F 76 -12.62 -7.19 5.14
CA LEU F 76 -12.35 -5.83 5.60
C LEU F 76 -10.87 -5.51 5.52
N LYS F 77 -10.02 -6.46 5.94
CA LYS F 77 -8.58 -6.27 5.82
C LYS F 77 -8.17 -6.14 4.37
N ARG F 78 -8.80 -6.90 3.47
CA ARG F 78 -8.51 -6.77 2.05
C ARG F 78 -8.86 -5.37 1.56
N GLN F 79 -10.02 -4.85 1.96
CA GLN F 79 -10.36 -3.47 1.64
C GLN F 79 -9.33 -2.51 2.22
N GLY F 80 -8.71 -2.88 3.34
CA GLY F 80 -7.66 -2.08 3.92
C GLY F 80 -8.09 -1.37 5.18
N ARG F 81 -8.94 -2.01 5.98
CA ARG F 81 -9.45 -1.41 7.21
C ARG F 81 -9.40 -2.44 8.34
N THR F 82 -8.23 -3.05 8.53
CA THR F 82 -8.03 -4.14 9.49
C THR F 82 -8.73 -3.86 10.80
N LEU F 83 -9.35 -4.89 11.36
CA LEU F 83 -10.22 -4.77 12.53
C LEU F 83 -9.74 -5.73 13.61
N TYR F 84 -9.44 -5.18 14.79
CA TYR F 84 -8.92 -5.96 15.90
C TYR F 84 -10.06 -6.29 16.86
N GLY F 85 -10.16 -7.56 17.23
CA GLY F 85 -11.07 -7.95 18.29
C GLY F 85 -11.89 -9.19 18.00
N PHE F 86 -12.28 -9.38 16.74
CA PHE F 86 -13.08 -10.54 16.36
C PHE F 86 -12.21 -11.68 15.85
N GLY F 87 -11.21 -12.05 16.62
CA GLY F 87 -10.31 -13.12 16.25
C GLY F 87 -9.40 -12.73 15.09
N GLY F 88 -8.39 -13.57 14.88
CA GLY F 88 -7.46 -13.40 13.77
C GLY F 88 -6.52 -12.21 13.89
N ALA G 1 8.52 -39.11 -27.98
CA ALA G 1 7.48 -38.64 -28.88
C ALA G 1 7.75 -37.21 -29.34
N LYS G 2 6.68 -36.49 -29.66
CA LYS G 2 6.77 -35.12 -30.14
C LYS G 2 6.16 -34.17 -29.12
N ALA G 3 6.82 -33.05 -28.88
CA ALA G 3 6.42 -32.14 -27.81
C ALA G 3 5.21 -31.31 -28.21
N LYS G 4 4.29 -31.15 -27.26
CA LYS G 4 3.11 -30.30 -27.43
C LYS G 4 3.09 -29.30 -26.26
N THR G 5 3.46 -28.06 -26.55
CA THR G 5 3.52 -27.03 -25.51
C THR G 5 2.14 -26.84 -24.88
N ARG G 6 2.13 -26.63 -23.56
CA ARG G 6 0.88 -26.36 -22.87
C ARG G 6 0.21 -25.10 -23.40
N SER G 7 0.99 -24.11 -23.80
CA SER G 7 0.42 -22.90 -24.39
C SER G 7 -0.34 -23.24 -25.66
N SER G 8 0.22 -24.11 -26.49
CA SER G 8 -0.49 -24.56 -27.69
C SER G 8 -1.73 -25.36 -27.33
N ARG G 9 -1.60 -26.28 -26.38
CA ARG G 9 -2.73 -27.13 -26.02
C ARG G 9 -3.91 -26.31 -25.50
N ALA G 10 -3.64 -25.36 -24.61
CA ALA G 10 -4.70 -24.52 -24.08
C ALA G 10 -5.16 -23.46 -25.06
N GLY G 11 -4.40 -23.21 -26.12
CA GLY G 11 -4.77 -22.20 -27.10
C GLY G 11 -4.43 -20.79 -26.71
N LEU G 12 -3.61 -20.58 -25.69
CA LEU G 12 -3.25 -19.25 -25.24
C LEU G 12 -2.03 -18.76 -26.01
N GLN G 13 -1.57 -17.55 -25.67
CA GLN G 13 -0.33 -17.00 -26.18
C GLN G 13 0.75 -16.90 -25.11
N PHE G 14 0.37 -16.55 -23.88
CA PHE G 14 1.34 -16.42 -22.81
C PHE G 14 1.88 -17.79 -22.42
N PRO G 15 3.11 -17.84 -21.89
CA PRO G 15 3.69 -19.13 -21.54
C PRO G 15 2.97 -19.75 -20.36
N VAL G 16 2.97 -21.08 -20.31
CA VAL G 16 2.34 -21.78 -19.21
C VAL G 16 3.42 -22.49 -18.41
N GLY G 17 4.48 -22.94 -19.09
CA GLY G 17 5.60 -23.50 -18.38
C GLY G 17 6.30 -22.48 -17.51
N ARG G 18 6.49 -21.26 -18.02
CA ARG G 18 7.11 -20.21 -17.23
C ARG G 18 6.25 -19.83 -16.04
N VAL G 19 4.94 -19.72 -16.24
CA VAL G 19 4.04 -19.41 -15.13
C VAL G 19 4.08 -20.52 -14.09
N HIS G 20 4.12 -21.78 -14.54
CA HIS G 20 4.24 -22.89 -13.61
C HIS G 20 5.52 -22.79 -12.80
N ARG G 21 6.63 -22.46 -13.45
CA ARG G 21 7.88 -22.32 -12.72
C ARG G 21 7.82 -21.18 -11.71
N LEU G 22 7.21 -20.06 -12.09
CA LEU G 22 7.09 -18.94 -11.15
C LEU G 22 6.24 -19.31 -9.95
N LEU G 23 5.14 -20.04 -10.15
CA LEU G 23 4.36 -20.51 -9.01
C LEU G 23 5.15 -21.47 -8.14
N ARG G 24 5.92 -22.37 -8.74
CA ARG G 24 6.65 -23.34 -7.93
C ARG G 24 7.89 -22.74 -7.26
N LYS G 25 8.37 -21.60 -7.72
CA LYS G 25 9.58 -21.02 -7.15
C LYS G 25 9.34 -19.79 -6.30
N GLY G 26 8.18 -19.16 -6.41
CA GLY G 26 7.90 -18.05 -5.53
C GLY G 26 7.37 -18.44 -4.18
N ASN G 27 7.45 -19.74 -3.85
CA ASN G 27 6.94 -20.33 -2.61
C ASN G 27 5.64 -19.68 -2.16
N TYR G 28 4.69 -19.60 -3.08
CA TYR G 28 3.35 -19.18 -2.72
C TYR G 28 2.62 -20.27 -1.96
N ALA G 29 2.87 -21.52 -2.33
CA ALA G 29 2.31 -22.67 -1.62
C ALA G 29 3.26 -23.85 -1.82
N GLU G 30 2.94 -24.95 -1.13
CA GLU G 30 3.81 -26.12 -1.19
C GLU G 30 3.64 -26.90 -2.48
N ARG G 31 2.45 -26.89 -3.07
CA ARG G 31 2.16 -27.70 -4.24
C ARG G 31 1.20 -26.93 -5.14
N VAL G 32 1.54 -26.79 -6.40
CA VAL G 32 0.66 -26.09 -7.34
C VAL G 32 -0.05 -27.10 -8.22
N GLY G 33 -1.32 -26.82 -8.51
CA GLY G 33 -2.11 -27.71 -9.35
C GLY G 33 -1.63 -27.76 -10.77
N ALA G 34 -2.40 -28.43 -11.64
CA ALA G 34 -2.05 -28.53 -13.04
C ALA G 34 -2.88 -27.61 -13.93
N GLY G 35 -3.94 -27.01 -13.40
CA GLY G 35 -4.75 -26.09 -14.17
C GLY G 35 -4.54 -24.65 -13.76
N ALA G 36 -3.88 -24.45 -12.62
CA ALA G 36 -3.60 -23.10 -12.15
C ALA G 36 -2.73 -22.30 -13.12
N PRO G 37 -1.61 -22.83 -13.63
CA PRO G 37 -0.85 -22.04 -14.61
C PRO G 37 -1.67 -21.68 -15.83
N VAL G 38 -2.52 -22.58 -16.30
CA VAL G 38 -3.33 -22.30 -17.48
C VAL G 38 -4.32 -21.19 -17.20
N TYR G 39 -5.01 -21.26 -16.06
CA TYR G 39 -5.98 -20.23 -15.70
C TYR G 39 -5.28 -18.87 -15.56
N LEU G 40 -4.14 -18.84 -14.88
CA LEU G 40 -3.43 -17.59 -14.68
C LEU G 40 -2.96 -17.00 -15.99
N ALA G 41 -2.43 -17.86 -16.87
CA ALA G 41 -1.97 -17.38 -18.17
C ALA G 41 -3.12 -16.79 -18.98
N ALA G 42 -4.28 -17.44 -18.94
CA ALA G 42 -5.43 -16.92 -19.66
C ALA G 42 -5.88 -15.57 -19.11
N VAL G 43 -5.87 -15.43 -17.78
CA VAL G 43 -6.30 -14.17 -17.18
C VAL G 43 -5.35 -13.03 -17.55
N LEU G 44 -4.05 -13.29 -17.44
CA LEU G 44 -3.07 -12.27 -17.81
C LEU G 44 -3.18 -11.91 -19.28
N GLU G 45 -3.38 -12.92 -20.13
CA GLU G 45 -3.53 -12.67 -21.56
C GLU G 45 -4.74 -11.80 -21.84
N TYR G 46 -5.87 -12.08 -21.17
CA TYR G 46 -7.06 -11.26 -21.35
C TYR G 46 -6.82 -9.82 -20.95
N LEU G 47 -6.25 -9.61 -19.76
CA LEU G 47 -6.04 -8.23 -19.30
C LEU G 47 -5.11 -7.47 -20.22
N THR G 48 -4.02 -8.12 -20.65
CA THR G 48 -3.09 -7.47 -21.56
C THR G 48 -3.77 -7.12 -22.87
N ALA G 49 -4.55 -8.04 -23.43
CA ALA G 49 -5.22 -7.77 -24.69
C ALA G 49 -6.18 -6.61 -24.57
N GLU G 50 -6.91 -6.54 -23.46
CA GLU G 50 -7.90 -5.48 -23.30
C GLU G 50 -7.23 -4.11 -23.16
N ILE G 51 -6.21 -4.01 -22.30
CA ILE G 51 -5.54 -2.72 -22.14
C ILE G 51 -4.84 -2.32 -23.42
N LEU G 52 -4.28 -3.27 -24.15
CA LEU G 52 -3.63 -2.95 -25.42
C LEU G 52 -4.63 -2.48 -26.45
N GLU G 53 -5.84 -3.05 -26.46
CA GLU G 53 -6.87 -2.57 -27.38
C GLU G 53 -7.23 -1.12 -27.09
N LEU G 54 -7.43 -0.80 -25.81
CA LEU G 54 -7.73 0.59 -25.46
C LEU G 54 -6.58 1.52 -25.84
N ALA G 55 -5.35 1.10 -25.57
CA ALA G 55 -4.20 1.93 -25.91
C ALA G 55 -4.10 2.15 -27.40
N GLY G 56 -4.36 1.11 -28.20
CA GLY G 56 -4.30 1.26 -29.65
C GLY G 56 -5.38 2.19 -30.17
N ASN G 57 -6.58 2.10 -29.59
CA ASN G 57 -7.64 3.05 -29.95
C ASN G 57 -7.18 4.48 -29.68
N ALA G 58 -6.60 4.71 -28.51
CA ALA G 58 -6.11 6.05 -28.18
C ALA G 58 -5.01 6.49 -29.14
N ALA G 59 -4.11 5.57 -29.50
CA ALA G 59 -3.02 5.91 -30.42
C ALA G 59 -3.56 6.31 -31.78
N ARG G 60 -4.56 5.58 -32.30
CA ARG G 60 -5.19 6.00 -33.54
C ARG G 60 -5.85 7.35 -33.41
N ASP G 61 -6.55 7.58 -32.29
CA ASP G 61 -7.21 8.86 -32.08
C ASP G 61 -6.21 10.00 -32.03
N ASN G 62 -4.96 9.71 -31.67
CA ASN G 62 -3.91 10.72 -31.65
C ASN G 62 -3.11 10.73 -32.96
N LYS G 63 -3.55 9.99 -33.97
CA LYS G 63 -2.87 9.93 -35.27
C LYS G 63 -1.43 9.43 -35.12
N LYS G 64 -1.27 8.31 -34.42
CA LYS G 64 0.01 7.67 -34.24
C LYS G 64 -0.17 6.17 -34.43
N THR G 65 0.90 5.50 -34.84
CA THR G 65 0.89 4.05 -35.05
C THR G 65 1.91 3.36 -34.17
N ARG G 66 2.05 3.83 -32.93
CA ARG G 66 2.94 3.17 -31.97
C ARG G 66 2.53 3.59 -30.56
N ILE G 67 2.27 2.59 -29.72
CA ILE G 67 1.85 2.87 -28.35
C ILE G 67 2.96 3.56 -27.58
N ILE G 68 2.58 4.52 -26.74
CA ILE G 68 3.53 5.21 -25.86
C ILE G 68 2.93 5.32 -24.48
N PRO G 69 3.76 5.60 -23.47
CA PRO G 69 3.24 5.72 -22.10
C PRO G 69 2.10 6.72 -21.97
N ARG G 70 2.11 7.81 -22.74
CA ARG G 70 0.98 8.73 -22.71
C ARG G 70 -0.30 8.04 -23.16
N HIS G 71 -0.21 7.23 -24.22
CA HIS G 71 -1.38 6.50 -24.69
C HIS G 71 -1.85 5.48 -23.65
N LEU G 72 -0.91 4.82 -22.98
CA LEU G 72 -1.29 3.90 -21.91
C LEU G 72 -2.00 4.64 -20.78
N GLN G 73 -1.47 5.81 -20.42
CA GLN G 73 -2.09 6.61 -19.36
C GLN G 73 -3.50 7.00 -19.74
N LEU G 74 -3.69 7.44 -20.98
CA LEU G 74 -5.01 7.84 -21.46
C LEU G 74 -5.97 6.66 -21.49
N ALA G 75 -5.50 5.49 -21.93
CA ALA G 75 -6.36 4.32 -21.95
C ALA G 75 -6.78 3.92 -20.55
N VAL G 76 -5.84 3.95 -19.60
CA VAL G 76 -6.16 3.55 -18.23
C VAL G 76 -7.15 4.53 -17.60
N ARG G 77 -6.85 5.83 -17.66
CA ARG G 77 -7.65 6.78 -16.91
C ARG G 77 -9.02 7.04 -17.54
N ASN G 78 -9.18 6.80 -18.83
CA ASN G 78 -10.41 7.23 -19.48
C ASN G 78 -11.59 6.33 -19.15
N ASP G 79 -11.36 5.06 -18.84
CA ASP G 79 -12.44 4.18 -18.45
C ASP G 79 -12.41 3.94 -16.95
N GLU G 80 -13.60 3.87 -16.35
CA GLU G 80 -13.82 3.75 -14.92
C GLU G 80 -13.49 2.40 -14.38
N GLU G 81 -12.86 1.54 -15.18
CA GLU G 81 -12.61 0.16 -14.77
C GLU G 81 -11.13 -0.12 -14.57
N LEU G 82 -10.30 0.10 -15.58
CA LEU G 82 -8.88 0.02 -15.37
C LEU G 82 -8.38 1.15 -14.49
N ASN G 83 -9.15 2.24 -14.41
CA ASN G 83 -8.81 3.29 -13.46
C ASN G 83 -8.94 2.79 -12.02
N LYS G 84 -9.98 2.02 -11.73
CA LYS G 84 -10.12 1.48 -10.39
C LYS G 84 -9.13 0.34 -10.15
N LEU G 85 -8.85 -0.46 -11.17
CA LEU G 85 -7.86 -1.54 -11.00
C LEU G 85 -6.47 -0.97 -10.73
N LEU G 86 -6.05 -0.01 -11.54
CA LEU G 86 -4.76 0.67 -11.38
C LEU G 86 -4.92 1.98 -10.62
N GLY G 87 -5.44 1.91 -9.38
CA GLY G 87 -5.73 3.13 -8.66
C GLY G 87 -4.48 3.81 -8.14
N ARG G 88 -3.65 3.08 -7.41
CA ARG G 88 -2.49 3.66 -6.75
C ARG G 88 -1.26 3.76 -7.66
N VAL G 89 -1.35 3.29 -8.89
CA VAL G 89 -0.21 3.19 -9.77
C VAL G 89 0.03 4.52 -10.48
N THR G 90 1.29 4.92 -10.57
CA THR G 90 1.70 6.11 -11.32
C THR G 90 2.50 5.64 -12.52
N ILE G 91 1.90 5.72 -13.71
CA ILE G 91 2.58 5.32 -14.93
C ILE G 91 3.59 6.39 -15.31
N ALA G 92 4.85 6.01 -15.39
CA ALA G 92 5.91 6.97 -15.69
C ALA G 92 5.72 7.58 -17.07
N GLN G 93 6.00 8.88 -17.18
CA GLN G 93 5.83 9.63 -18.42
C GLN G 93 4.40 9.54 -18.93
N GLY G 94 3.44 9.58 -18.00
CA GLY G 94 2.05 9.45 -18.36
C GLY G 94 1.32 10.77 -18.49
N GLY G 95 1.58 11.69 -17.59
CA GLY G 95 0.83 12.92 -17.55
C GLY G 95 -0.53 12.72 -16.91
N VAL G 96 -1.41 13.69 -17.14
CA VAL G 96 -2.76 13.64 -16.59
C VAL G 96 -3.75 13.89 -17.72
N LEU G 97 -4.92 13.27 -17.60
CA LEU G 97 -5.99 13.58 -18.54
C LEU G 97 -6.49 15.00 -18.30
N PRO G 98 -6.81 15.74 -19.35
CA PRO G 98 -7.07 17.18 -19.20
C PRO G 98 -8.49 17.45 -18.73
N ASN G 99 -8.61 18.31 -17.72
CA ASN G 99 -9.90 18.86 -17.31
C ASN G 99 -9.66 20.16 -16.55
N ILE G 100 -10.62 21.07 -16.65
CA ILE G 100 -10.57 22.35 -15.97
C ILE G 100 -11.90 22.55 -15.27
N GLN G 101 -11.85 22.97 -14.00
CA GLN G 101 -13.07 23.22 -13.25
C GLN G 101 -13.89 24.31 -13.93
N SER G 102 -15.20 24.07 -14.04
CA SER G 102 -16.06 24.99 -14.76
C SER G 102 -16.10 26.37 -14.11
N VAL G 103 -15.80 26.44 -12.81
CA VAL G 103 -15.78 27.73 -12.13
C VAL G 103 -14.67 28.61 -12.68
N LEU G 104 -13.54 28.02 -13.06
CA LEU G 104 -12.39 28.79 -13.52
C LEU G 104 -12.63 29.44 -14.87
N LEU G 105 -13.54 28.90 -15.68
CA LEU G 105 -13.74 29.40 -17.03
C LEU G 105 -14.41 30.78 -16.98
N PRO G 106 -14.20 31.60 -18.02
CA PRO G 106 -14.79 32.94 -18.02
C PRO G 106 -16.30 32.94 -18.16
N LYS G 107 -16.91 34.12 -18.21
CA LYS G 107 -18.35 34.24 -18.35
C LYS G 107 -18.82 33.72 -19.70
N THR H 1 23.32 -13.98 -17.89
CA THR H 1 22.81 -12.65 -18.19
C THR H 1 21.43 -12.74 -18.84
N ARG H 2 20.80 -13.90 -18.72
CA ARG H 2 19.48 -14.13 -19.29
C ARG H 2 18.42 -13.56 -18.35
N LYS H 3 17.71 -12.55 -18.80
CA LYS H 3 16.65 -11.91 -18.02
C LYS H 3 15.31 -12.28 -18.63
N GLU H 4 14.50 -13.02 -17.88
CA GLU H 4 13.19 -13.41 -18.36
C GLU H 4 12.30 -12.18 -18.47
N SER H 5 11.39 -12.22 -19.44
CA SER H 5 10.52 -11.08 -19.69
C SER H 5 9.30 -11.53 -20.47
N TYR H 6 8.29 -10.66 -20.52
CA TYR H 6 7.04 -10.93 -21.21
C TYR H 6 6.91 -10.18 -22.52
N ALA H 7 7.98 -9.57 -23.01
CA ALA H 7 7.89 -8.71 -24.18
C ALA H 7 7.42 -9.48 -25.40
N ILE H 8 7.99 -10.67 -25.62
CA ILE H 8 7.61 -11.48 -26.79
C ILE H 8 6.12 -11.82 -26.73
N TYR H 9 5.62 -12.15 -25.56
CA TYR H 9 4.24 -12.60 -25.44
C TYR H 9 3.25 -11.45 -25.57
N VAL H 10 3.55 -10.30 -24.95
CA VAL H 10 2.65 -9.18 -25.10
C VAL H 10 2.69 -8.66 -26.53
N TYR H 11 3.82 -8.83 -27.22
CA TYR H 11 3.87 -8.43 -28.62
C TYR H 11 3.04 -9.36 -29.49
N LYS H 12 3.09 -10.67 -29.21
CA LYS H 12 2.20 -11.59 -29.92
C LYS H 12 0.74 -11.26 -29.67
N VAL H 13 0.40 -10.85 -28.45
CA VAL H 13 -0.98 -10.48 -28.16
C VAL H 13 -1.36 -9.20 -28.92
N LEU H 14 -0.46 -8.21 -28.91
CA LEU H 14 -0.72 -6.95 -29.60
C LEU H 14 -0.95 -7.18 -31.08
N LYS H 15 -0.15 -8.05 -31.69
CA LYS H 15 -0.24 -8.25 -33.13
C LYS H 15 -1.43 -9.09 -33.55
N GLN H 16 -2.42 -9.27 -32.67
CA GLN H 16 -3.68 -9.88 -33.08
C GLN H 16 -4.89 -9.05 -32.70
N VAL H 17 -4.74 -8.03 -31.86
CA VAL H 17 -5.84 -7.12 -31.55
C VAL H 17 -5.77 -5.95 -32.52
N HIS H 18 -4.59 -5.32 -32.62
CA HIS H 18 -4.29 -4.30 -33.61
C HIS H 18 -3.18 -4.82 -34.50
N PRO H 19 -3.50 -5.44 -35.64
CA PRO H 19 -2.46 -6.11 -36.44
C PRO H 19 -1.51 -5.18 -37.16
N ASP H 20 -1.60 -3.86 -36.97
CA ASP H 20 -0.70 -2.94 -37.66
C ASP H 20 0.10 -2.03 -36.73
N THR H 21 -0.42 -1.71 -35.55
CA THR H 21 0.28 -0.80 -34.66
C THR H 21 1.52 -1.47 -34.08
N GLY H 22 2.44 -0.64 -33.58
CA GLY H 22 3.60 -1.09 -32.88
C GLY H 22 3.56 -0.73 -31.41
N ILE H 23 4.74 -0.72 -30.79
CA ILE H 23 4.85 -0.37 -29.38
C ILE H 23 6.28 0.04 -29.07
N SER H 24 6.45 1.14 -28.34
CA SER H 24 7.78 1.60 -27.99
C SER H 24 8.36 0.77 -26.85
N SER H 25 9.66 0.95 -26.60
CA SER H 25 10.33 0.14 -25.59
C SER H 25 9.91 0.53 -24.19
N LYS H 26 9.75 1.82 -23.92
CA LYS H 26 9.32 2.24 -22.59
C LYS H 26 7.92 1.73 -22.28
N ALA H 27 7.01 1.81 -23.26
CA ALA H 27 5.71 1.21 -23.10
C ALA H 27 5.82 -0.29 -22.90
N MET H 28 6.79 -0.93 -23.54
CA MET H 28 6.98 -2.37 -23.35
C MET H 28 7.39 -2.68 -21.92
N SER H 29 8.29 -1.88 -21.36
CA SER H 29 8.68 -2.07 -19.97
C SER H 29 7.51 -1.83 -19.04
N ILE H 30 6.69 -0.83 -19.33
CA ILE H 30 5.52 -0.56 -18.50
C ILE H 30 4.57 -1.75 -18.54
N MET H 31 4.35 -2.33 -19.72
CA MET H 31 3.47 -3.49 -19.82
C MET H 31 4.04 -4.70 -19.09
N ASN H 32 5.36 -4.91 -19.20
CA ASN H 32 5.97 -6.03 -18.48
C ASN H 32 5.79 -5.85 -16.97
N SER H 33 6.01 -4.63 -16.48
CA SER H 33 5.83 -4.37 -15.05
C SER H 33 4.38 -4.56 -14.64
N PHE H 34 3.44 -4.15 -15.50
CA PHE H 34 2.02 -4.35 -15.21
C PHE H 34 1.68 -5.83 -15.09
N VAL H 35 2.19 -6.64 -16.02
CA VAL H 35 1.91 -8.07 -15.97
C VAL H 35 2.51 -8.69 -14.72
N ASN H 36 3.74 -8.30 -14.38
CA ASN H 36 4.35 -8.81 -13.16
C ASN H 36 3.52 -8.43 -11.93
N ASP H 37 3.05 -7.18 -11.88
CA ASP H 37 2.27 -6.73 -10.74
C ASP H 37 0.98 -7.52 -10.60
N VAL H 38 0.25 -7.70 -11.71
CA VAL H 38 -1.01 -8.42 -11.65
C VAL H 38 -0.77 -9.89 -11.28
N PHE H 39 0.27 -10.49 -11.85
CA PHE H 39 0.61 -11.87 -11.49
C PHE H 39 0.89 -11.99 -10.00
N GLU H 40 1.68 -11.06 -9.47
CA GLU H 40 2.02 -11.12 -8.05
C GLU H 40 0.79 -10.93 -7.18
N ARG H 41 -0.09 -10.01 -7.55
CA ARG H 41 -1.31 -9.79 -6.77
C ARG H 41 -2.17 -11.05 -6.74
N ILE H 42 -2.42 -11.63 -7.91
CA ILE H 42 -3.29 -12.79 -7.98
C ILE H 42 -2.67 -13.97 -7.23
N ALA H 43 -1.37 -14.19 -7.44
CA ALA H 43 -0.71 -15.31 -6.78
C ALA H 43 -0.69 -15.14 -5.27
N GLY H 44 -0.43 -13.93 -4.78
CA GLY H 44 -0.44 -13.71 -3.35
C GLY H 44 -1.80 -13.90 -2.74
N GLU H 45 -2.85 -13.42 -3.42
CA GLU H 45 -4.19 -13.62 -2.90
C GLU H 45 -4.56 -15.11 -2.91
N ALA H 46 -4.17 -15.83 -3.94
CA ALA H 46 -4.45 -17.27 -3.98
C ALA H 46 -3.69 -18.00 -2.87
N SER H 47 -2.45 -17.60 -2.62
CA SER H 47 -1.69 -18.21 -1.54
C SER H 47 -2.36 -17.96 -0.20
N ARG H 48 -2.82 -16.73 0.04
CA ARG H 48 -3.50 -16.44 1.30
C ARG H 48 -4.81 -17.22 1.41
N LEU H 49 -5.52 -17.38 0.30
CA LEU H 49 -6.75 -18.17 0.32
C LEU H 49 -6.46 -19.62 0.66
N ALA H 50 -5.41 -20.19 0.07
CA ALA H 50 -5.04 -21.56 0.39
C ALA H 50 -4.65 -21.69 1.86
N HIS H 51 -3.95 -20.69 2.39
CA HIS H 51 -3.57 -20.72 3.80
C HIS H 51 -4.78 -20.65 4.70
N TYR H 52 -5.78 -19.86 4.32
CA TYR H 52 -6.97 -19.69 5.17
C TYR H 52 -7.71 -21.00 5.35
N ASN H 53 -7.83 -21.78 4.28
CA ASN H 53 -8.65 -22.99 4.29
C ASN H 53 -7.83 -24.26 4.52
N LYS H 54 -6.60 -24.12 5.04
CA LYS H 54 -5.77 -25.24 5.43
C LYS H 54 -5.33 -26.09 4.24
N ARG H 55 -5.73 -25.69 3.04
CA ARG H 55 -5.23 -26.35 1.84
C ARG H 55 -3.74 -26.11 1.70
N SER H 56 -3.03 -27.13 1.22
CA SER H 56 -1.61 -27.03 0.94
C SER H 56 -1.30 -26.86 -0.53
N THR H 57 -2.32 -26.65 -1.36
CA THR H 57 -2.11 -26.57 -2.80
C THR H 57 -2.85 -25.38 -3.38
N ILE H 58 -2.30 -24.86 -4.48
CA ILE H 58 -2.93 -23.83 -5.30
C ILE H 58 -3.48 -24.49 -6.55
N THR H 59 -4.73 -24.17 -6.90
CA THR H 59 -5.33 -24.72 -8.10
C THR H 59 -6.28 -23.71 -8.71
N SER H 60 -6.96 -24.16 -9.78
CA SER H 60 -7.80 -23.27 -10.56
C SER H 60 -8.88 -22.63 -9.73
N ARG H 61 -9.38 -23.32 -8.71
CA ARG H 61 -10.43 -22.74 -7.89
C ARG H 61 -9.93 -21.50 -7.14
N GLU H 62 -8.74 -21.60 -6.53
CA GLU H 62 -8.18 -20.44 -5.88
C GLU H 62 -7.79 -19.35 -6.86
N ILE H 63 -7.27 -19.71 -8.04
CA ILE H 63 -6.94 -18.66 -9.01
C ILE H 63 -8.20 -17.93 -9.44
N GLN H 64 -9.27 -18.67 -9.71
CA GLN H 64 -10.52 -18.05 -10.15
C GLN H 64 -11.09 -17.15 -9.07
N THR H 65 -11.11 -17.61 -7.82
CA THR H 65 -11.65 -16.74 -6.78
C THR H 65 -10.77 -15.52 -6.53
N ALA H 66 -9.45 -15.66 -6.64
CA ALA H 66 -8.59 -14.49 -6.51
C ALA H 66 -8.87 -13.48 -7.62
N VAL H 67 -9.09 -13.96 -8.84
CA VAL H 67 -9.44 -13.06 -9.94
C VAL H 67 -10.76 -12.36 -9.65
N ARG H 68 -11.78 -13.15 -9.31
CA ARG H 68 -13.10 -12.60 -9.05
C ARG H 68 -13.12 -11.66 -7.86
N LEU H 69 -12.11 -11.74 -7.01
CA LEU H 69 -12.05 -10.94 -5.79
C LEU H 69 -11.09 -9.76 -5.91
N LEU H 70 -10.23 -9.74 -6.92
CA LEU H 70 -9.36 -8.59 -7.17
C LEU H 70 -9.87 -7.70 -8.30
N LEU H 71 -10.25 -8.28 -9.43
CA LEU H 71 -10.71 -7.44 -10.53
C LEU H 71 -12.10 -6.90 -10.24
N PRO H 72 -12.39 -5.66 -10.66
CA PRO H 72 -13.69 -5.08 -10.32
C PRO H 72 -14.83 -5.55 -11.20
N GLY H 73 -15.68 -6.44 -10.68
CA GLY H 73 -16.96 -6.69 -11.30
C GLY H 73 -16.94 -7.10 -12.76
N GLU H 74 -17.29 -6.15 -13.62
CA GLU H 74 -17.53 -6.44 -15.03
C GLU H 74 -16.28 -7.00 -15.70
N LEU H 75 -15.11 -6.47 -15.35
CA LEU H 75 -13.87 -7.00 -15.90
C LEU H 75 -13.63 -8.42 -15.43
N ALA H 76 -13.89 -8.68 -14.13
CA ALA H 76 -13.70 -10.01 -13.59
C ALA H 76 -14.60 -11.03 -14.26
N LYS H 77 -15.80 -10.62 -14.67
CA LYS H 77 -16.70 -11.54 -15.35
C LYS H 77 -16.04 -12.13 -16.60
N HIS H 78 -15.54 -11.26 -17.47
CA HIS H 78 -14.88 -11.73 -18.69
C HIS H 78 -13.60 -12.48 -18.37
N ALA H 79 -12.85 -12.02 -17.36
CA ALA H 79 -11.61 -12.70 -17.02
C ALA H 79 -11.87 -14.14 -16.63
N VAL H 80 -12.84 -14.37 -15.74
CA VAL H 80 -13.11 -15.74 -15.31
C VAL H 80 -13.71 -16.56 -16.45
N SER H 81 -14.54 -15.97 -17.31
CA SER H 81 -15.07 -16.73 -18.43
C SER H 81 -13.95 -17.23 -19.32
N GLU H 82 -13.00 -16.34 -19.65
CA GLU H 82 -11.91 -16.73 -20.54
C GLU H 82 -10.98 -17.74 -19.87
N GLY H 83 -10.68 -17.54 -18.59
CA GLY H 83 -9.86 -18.52 -17.90
C GLY H 83 -10.49 -19.90 -17.89
N THR H 84 -11.80 -19.95 -17.62
CA THR H 84 -12.49 -21.25 -17.60
C THR H 84 -12.46 -21.91 -18.96
N LYS H 85 -12.71 -21.16 -20.04
CA LYS H 85 -12.72 -21.81 -21.34
C LYS H 85 -11.33 -22.31 -21.71
N ALA H 86 -10.29 -21.55 -21.37
CA ALA H 86 -8.93 -22.01 -21.62
C ALA H 86 -8.62 -23.29 -20.85
N VAL H 87 -9.01 -23.35 -19.59
CA VAL H 87 -8.73 -24.53 -18.78
C VAL H 87 -9.49 -25.75 -19.33
N THR H 88 -10.75 -25.56 -19.73
CA THR H 88 -11.50 -26.68 -20.29
C THR H 88 -10.87 -27.16 -21.58
N LYS H 89 -10.41 -26.24 -22.42
CA LYS H 89 -9.74 -26.65 -23.65
C LYS H 89 -8.47 -27.44 -23.35
N TYR H 90 -7.70 -26.99 -22.35
CA TYR H 90 -6.48 -27.70 -21.99
C TYR H 90 -6.78 -29.11 -21.49
N THR H 91 -7.78 -29.24 -20.63
CA THR H 91 -8.13 -30.56 -20.09
C THR H 91 -8.65 -31.48 -21.19
N SER H 92 -9.52 -30.97 -22.06
CA SER H 92 -10.06 -31.80 -23.13
C SER H 92 -8.97 -32.24 -24.10
N ALA H 93 -8.07 -31.32 -24.46
CA ALA H 93 -6.99 -31.64 -25.38
C ALA H 93 -5.76 -32.14 -24.64
N GLU K 69 48.96 43.36 -53.68
CA GLU K 69 49.35 44.54 -54.42
C GLU K 69 50.09 44.18 -55.71
N ASN K 70 50.85 43.08 -55.65
CA ASN K 70 51.59 42.60 -56.80
C ASN K 70 51.47 41.10 -57.02
N LEU K 71 50.83 40.37 -56.10
CA LEU K 71 50.65 38.92 -56.24
C LEU K 71 49.37 38.56 -56.98
N LYS K 72 48.64 39.55 -57.50
CA LYS K 72 47.41 39.27 -58.22
C LYS K 72 47.58 38.48 -59.52
N PRO K 73 48.74 38.47 -60.20
CA PRO K 73 48.86 37.57 -61.37
C PRO K 73 48.55 36.11 -61.09
N PHE K 74 48.79 35.64 -59.86
CA PHE K 74 48.41 34.28 -59.51
C PHE K 74 46.90 34.07 -59.59
N GLN K 75 46.13 35.11 -59.24
CA GLN K 75 44.67 35.01 -59.27
C GLN K 75 44.11 34.78 -60.67
N VAL K 76 44.89 35.02 -61.71
CA VAL K 76 44.43 34.78 -63.07
C VAL K 76 44.20 33.28 -63.27
N GLY K 77 43.11 32.95 -63.96
CA GLY K 77 42.71 31.58 -64.15
C GLY K 77 41.63 31.09 -63.21
N LEU K 78 41.44 31.77 -62.08
CA LEU K 78 40.35 31.42 -61.19
C LEU K 78 39.01 31.84 -61.80
N PRO K 79 37.95 31.06 -61.60
CA PRO K 79 36.65 31.49 -62.10
C PRO K 79 36.13 32.66 -61.28
N PRO K 80 35.27 33.49 -61.87
CA PRO K 80 34.68 34.59 -61.10
C PRO K 80 33.80 34.06 -59.97
N HIS K 81 33.75 34.81 -58.88
CA HIS K 81 32.98 34.40 -57.73
C HIS K 81 31.49 34.51 -58.03
N ASP K 82 30.80 33.37 -57.99
CA ASP K 82 29.37 33.34 -58.27
C ASP K 82 28.72 32.16 -57.56
N PRO K 83 27.76 32.43 -56.68
CA PRO K 83 27.14 31.32 -55.92
C PRO K 83 26.52 30.25 -56.79
N GLU K 84 25.95 30.62 -57.94
CA GLU K 84 25.34 29.65 -58.82
C GLU K 84 26.36 28.62 -59.31
N SER K 85 27.57 29.07 -59.66
CA SER K 85 28.61 28.13 -60.06
C SER K 85 29.11 27.33 -58.88
N ASN K 86 29.31 27.98 -57.73
CA ASN K 86 29.81 27.28 -56.56
C ASN K 86 28.87 26.15 -56.14
N LYS K 87 27.56 26.33 -56.33
CA LYS K 87 26.62 25.29 -55.95
C LYS K 87 26.87 23.97 -56.68
N LYS K 88 27.57 24.00 -57.82
CA LYS K 88 27.84 22.77 -58.54
C LYS K 88 28.72 21.82 -57.73
N ARG K 89 29.75 22.34 -57.08
CA ARG K 89 30.66 21.50 -56.29
C ARG K 89 30.36 21.51 -54.81
N TYR K 90 30.03 22.67 -54.24
CA TYR K 90 29.83 22.79 -52.81
C TYR K 90 28.75 21.83 -52.34
N LEU K 91 27.52 22.05 -52.80
CA LEU K 91 26.47 21.08 -52.53
C LEU K 91 26.82 19.74 -53.17
N LEU K 92 26.70 18.67 -52.41
CA LEU K 92 26.88 17.33 -52.95
C LEU K 92 25.50 16.83 -53.37
N LYS K 93 25.24 16.87 -54.68
CA LYS K 93 23.92 16.53 -55.19
C LYS K 93 23.59 15.07 -54.93
N ASP K 94 24.56 14.18 -55.10
CA ASP K 94 24.35 12.77 -54.83
C ASP K 94 23.94 12.55 -53.36
N ALA K 95 22.72 12.06 -53.18
CA ALA K 95 22.20 11.84 -51.83
C ALA K 95 23.00 10.80 -51.08
N ASN K 96 23.34 9.70 -51.74
CA ASN K 96 24.15 8.63 -51.16
C ASN K 96 25.33 8.32 -52.06
N GLY K 97 25.98 9.38 -52.57
CA GLY K 97 27.12 9.21 -53.44
C GLY K 97 28.37 8.71 -52.75
N LYS K 98 28.37 8.65 -51.42
CA LYS K 98 29.49 8.07 -50.70
C LYS K 98 29.66 6.60 -51.07
N LYS K 99 30.89 6.24 -51.43
CA LYS K 99 31.19 4.86 -51.79
C LYS K 99 32.68 4.61 -51.57
N PHE K 100 33.03 3.34 -51.43
CA PHE K 100 34.43 2.95 -51.25
C PHE K 100 35.14 3.04 -52.58
N ASP K 101 36.04 4.01 -52.71
CA ASP K 101 36.81 4.18 -53.94
C ASP K 101 37.97 3.19 -53.94
N LEU K 102 37.94 2.22 -54.85
CA LEU K 102 39.03 1.27 -54.95
C LEU K 102 40.32 1.96 -55.41
N GLU K 103 40.21 2.89 -56.36
CA GLU K 103 41.40 3.52 -56.93
C GLU K 103 42.18 4.29 -55.87
N GLY K 104 41.48 5.09 -55.07
CA GLY K 104 42.17 5.86 -54.04
C GLY K 104 42.83 4.99 -53.00
N THR K 105 42.13 3.94 -52.56
CA THR K 105 42.70 3.02 -51.59
C THR K 105 43.92 2.31 -52.16
N THR K 106 43.85 1.89 -53.42
CA THR K 106 44.99 1.25 -54.06
C THR K 106 46.19 2.20 -54.13
N LYS K 107 45.95 3.44 -54.53
CA LYS K 107 47.04 4.41 -54.61
C LYS K 107 47.65 4.65 -53.23
N ARG K 108 46.80 4.81 -52.22
CA ARG K 108 47.27 5.02 -50.85
C ARG K 108 48.15 3.85 -50.42
N PHE K 109 47.65 2.63 -50.55
CA PHE K 109 48.39 1.46 -50.10
C PHE K 109 49.67 1.27 -50.90
N GLU K 110 49.63 1.54 -52.20
CA GLU K 110 50.81 1.40 -53.03
C GLU K 110 51.91 2.34 -52.57
N HIS K 111 51.58 3.62 -52.36
CA HIS K 111 52.59 4.55 -51.87
C HIS K 111 53.06 4.17 -50.47
N LEU K 112 52.14 3.74 -49.61
CA LEU K 112 52.48 3.38 -48.24
C LEU K 112 53.46 2.22 -48.21
N LEU K 113 53.18 1.19 -49.01
CA LEU K 113 54.11 0.07 -49.14
C LEU K 113 55.43 0.51 -49.76
N SER K 114 55.39 1.46 -50.70
CA SER K 114 56.62 1.92 -51.34
C SER K 114 57.53 2.57 -50.33
N LEU K 115 56.98 3.37 -49.40
CA LEU K 115 57.81 3.93 -48.34
C LEU K 115 58.39 2.84 -47.46
N SER K 116 57.62 1.81 -47.14
CA SER K 116 58.09 0.71 -46.31
C SER K 116 57.07 -0.42 -46.38
N GLY K 117 57.56 -1.64 -46.27
CA GLY K 117 56.71 -2.82 -46.35
C GLY K 117 56.07 -3.27 -45.06
N LEU K 118 56.31 -2.57 -43.95
CA LEU K 118 55.80 -3.00 -42.65
C LEU K 118 54.29 -2.89 -42.53
N PHE K 119 53.67 -2.01 -43.32
CA PHE K 119 52.26 -1.68 -43.18
C PHE K 119 51.32 -2.81 -43.54
N LYS K 120 51.83 -3.91 -44.10
CA LYS K 120 50.96 -5.02 -44.46
C LYS K 120 50.29 -5.66 -43.25
N HIS K 121 50.77 -5.38 -42.04
CA HIS K 121 50.19 -6.00 -40.85
C HIS K 121 48.71 -5.66 -40.70
N PHE K 122 48.37 -4.37 -40.83
CA PHE K 122 46.96 -3.98 -40.80
C PHE K 122 46.22 -4.53 -42.01
N ILE K 123 46.89 -4.52 -43.16
CA ILE K 123 46.26 -4.85 -44.43
C ILE K 123 45.81 -6.30 -44.44
N GLU K 124 46.66 -7.21 -43.94
CA GLU K 124 46.32 -8.62 -43.98
C GLU K 124 45.17 -8.95 -43.03
N SER K 125 45.14 -8.33 -41.86
CA SER K 125 44.00 -8.52 -40.97
C SER K 125 42.72 -7.99 -41.60
N LYS K 126 42.79 -6.80 -42.21
CA LYS K 126 41.61 -6.25 -42.86
C LYS K 126 41.15 -7.14 -44.01
N ALA K 127 42.09 -7.80 -44.70
CA ALA K 127 41.72 -8.77 -45.72
C ALA K 127 41.12 -10.03 -45.10
N ALA K 128 41.54 -10.37 -43.87
CA ALA K 128 40.87 -11.44 -43.14
C ALA K 128 39.43 -11.07 -42.83
N LYS K 129 39.17 -9.78 -42.57
CA LYS K 129 37.81 -9.25 -42.59
C LYS K 129 37.38 -9.03 -44.04
N ASP K 130 36.34 -8.20 -44.24
CA ASP K 130 35.55 -8.10 -45.47
C ASP K 130 36.41 -8.34 -46.71
N PRO K 131 36.09 -9.37 -47.49
CA PRO K 131 36.99 -9.79 -48.58
C PRO K 131 36.96 -8.91 -49.82
N LYS K 132 36.02 -7.97 -49.93
CA LYS K 132 36.09 -7.05 -51.05
C LYS K 132 37.20 -6.02 -50.86
N PHE K 133 37.81 -5.99 -49.67
CA PHE K 133 39.11 -5.34 -49.52
C PHE K 133 40.25 -6.32 -49.75
N ARG K 134 40.00 -7.61 -49.49
CA ARG K 134 41.00 -8.63 -49.81
C ARG K 134 41.26 -8.68 -51.31
N GLN K 135 40.24 -8.47 -52.12
CA GLN K 135 40.46 -8.44 -53.57
C GLN K 135 41.21 -7.18 -53.99
N VAL K 136 41.04 -6.08 -53.24
CA VAL K 136 41.89 -4.92 -53.44
C VAL K 136 43.34 -5.27 -53.14
N LEU K 137 43.57 -6.02 -52.06
CA LEU K 137 44.90 -6.50 -51.73
C LEU K 137 45.46 -7.33 -52.87
N ASP K 138 44.66 -8.24 -53.42
CA ASP K 138 45.10 -9.07 -54.52
C ASP K 138 45.42 -8.22 -55.75
N VAL K 139 44.60 -7.21 -56.03
CA VAL K 139 44.84 -6.33 -57.17
C VAL K 139 46.18 -5.62 -57.01
N LEU K 140 46.43 -5.09 -55.81
CA LEU K 140 47.71 -4.43 -55.55
C LEU K 140 48.87 -5.41 -55.55
N GLU K 141 48.60 -6.69 -55.34
CA GLU K 141 49.66 -7.69 -55.36
C GLU K 141 50.03 -8.11 -56.78
N GLU K 142 49.03 -8.33 -57.63
CA GLU K 142 49.29 -8.90 -58.95
C GLU K 142 49.88 -7.89 -59.93
N ASN K 143 49.46 -6.62 -59.86
CA ASN K 143 49.99 -5.62 -60.77
C ASN K 143 51.48 -5.35 -60.53
N LYS K 144 52.01 -5.72 -59.37
CA LYS K 144 53.43 -5.55 -59.08
C LYS K 144 54.13 -6.90 -59.11
N GLU K 179 56.48 13.89 -62.30
CA GLU K 179 57.60 14.16 -61.40
C GLU K 179 57.12 14.37 -59.97
N SER K 180 55.93 14.95 -59.83
CA SER K 180 55.38 15.35 -58.54
C SER K 180 56.38 16.20 -57.77
N ILE K 181 56.98 17.16 -58.48
CA ILE K 181 58.05 17.96 -57.91
C ILE K 181 57.48 18.87 -56.82
N GLU K 182 58.15 18.89 -55.67
CA GLU K 182 57.75 19.80 -54.61
C GLU K 182 58.08 21.23 -55.02
N PHE K 183 57.13 22.13 -54.82
CA PHE K 183 57.42 23.55 -55.02
C PHE K 183 58.17 24.01 -53.77
N GLN K 184 59.49 23.92 -53.84
CA GLN K 184 60.31 24.09 -52.64
C GLN K 184 60.15 25.47 -52.03
N PHE K 185 59.73 26.47 -52.82
CA PHE K 185 59.53 27.82 -52.34
C PHE K 185 60.75 28.31 -51.54
N ARG K 186 61.86 28.43 -52.25
CA ARG K 186 63.10 28.85 -51.62
C ARG K 186 62.97 30.23 -51.01
N GLU K 187 61.96 30.99 -51.43
CA GLU K 187 61.57 32.23 -50.79
C GLU K 187 60.12 32.10 -50.34
N SER K 188 59.62 33.16 -49.72
CA SER K 188 58.24 33.15 -49.25
C SER K 188 57.29 33.03 -50.45
N PRO K 189 56.23 32.25 -50.34
CA PRO K 189 55.28 32.13 -51.45
C PRO K 189 54.75 33.49 -51.87
N ALA K 190 54.69 33.71 -53.19
CA ALA K 190 54.33 35.02 -53.71
C ALA K 190 52.90 35.39 -53.32
N TYR K 191 51.97 34.45 -53.39
CA TYR K 191 50.57 34.75 -53.15
C TYR K 191 50.27 35.13 -51.71
N VAL K 192 51.22 34.94 -50.80
CA VAL K 192 51.09 35.41 -49.42
C VAL K 192 52.00 36.61 -49.24
N ASN K 193 51.41 37.75 -48.87
CA ASN K 193 52.16 38.98 -48.67
C ASN K 193 52.87 38.90 -47.32
N GLY K 194 54.17 38.63 -47.35
CA GLY K 194 54.97 38.58 -46.15
C GLY K 194 56.12 37.61 -46.31
N GLN K 195 56.83 37.39 -45.21
CA GLN K 195 57.99 36.52 -45.19
C GLN K 195 57.67 35.24 -44.43
N LEU K 196 58.33 34.16 -44.81
CA LEU K 196 58.21 32.88 -44.14
C LEU K 196 59.60 32.34 -43.82
N ARG K 197 59.75 31.76 -42.64
CA ARG K 197 61.02 31.20 -42.19
C ARG K 197 61.24 29.82 -42.80
N PRO K 198 62.50 29.38 -42.91
CA PRO K 198 62.78 28.14 -43.65
C PRO K 198 62.08 26.90 -43.09
N TYR K 199 61.97 26.78 -41.77
CA TYR K 199 61.24 25.65 -41.22
C TYR K 199 59.76 25.72 -41.60
N GLN K 200 59.21 26.93 -41.64
CA GLN K 200 57.86 27.11 -42.14
C GLN K 200 57.76 26.62 -43.58
N ILE K 201 58.77 26.95 -44.39
CA ILE K 201 58.78 26.50 -45.78
C ILE K 201 58.78 24.98 -45.85
N GLN K 202 59.61 24.33 -45.04
CA GLN K 202 59.67 22.87 -45.06
C GLN K 202 58.34 22.27 -44.64
N GLY K 203 57.67 22.89 -43.66
CA GLY K 203 56.33 22.46 -43.31
C GLY K 203 55.38 22.54 -44.49
N VAL K 204 55.43 23.66 -45.21
CA VAL K 204 54.60 23.83 -46.39
C VAL K 204 54.87 22.73 -47.41
N ASN K 205 56.16 22.44 -47.64
CA ASN K 205 56.51 21.42 -48.62
C ASN K 205 56.03 20.05 -48.17
N TRP K 206 56.13 19.75 -46.88
CA TRP K 206 55.59 18.49 -46.37
C TRP K 206 54.09 18.41 -46.63
N LEU K 207 53.38 19.50 -46.37
CA LEU K 207 51.94 19.52 -46.62
C LEU K 207 51.64 19.24 -48.08
N VAL K 208 52.34 19.92 -48.98
CA VAL K 208 52.11 19.73 -50.42
C VAL K 208 52.42 18.30 -50.83
N SER K 209 53.56 17.77 -50.35
CA SER K 209 53.97 16.42 -50.75
C SER K 209 52.98 15.38 -50.27
N LEU K 210 52.47 15.52 -49.04
CA LEU K 210 51.42 14.62 -48.57
C LEU K 210 50.16 14.79 -49.41
N HIS K 211 49.82 16.03 -49.79
CA HIS K 211 48.62 16.23 -50.60
C HIS K 211 48.72 15.49 -51.93
N LYS K 212 49.83 15.65 -52.64
CA LYS K 212 49.96 14.91 -53.89
C LYS K 212 50.50 13.51 -53.62
N ASN K 213 49.90 12.85 -52.63
CA ASN K 213 50.10 11.42 -52.40
C ASN K 213 48.79 10.77 -51.96
N LYS K 214 47.69 11.51 -51.99
CA LYS K 214 46.36 11.01 -51.61
C LYS K 214 46.32 10.55 -50.15
N ILE K 215 47.21 11.09 -49.32
CA ILE K 215 47.21 10.87 -47.89
C ILE K 215 47.45 12.21 -47.19
N ALA K 216 47.47 12.19 -45.87
CA ALA K 216 47.62 13.41 -45.10
C ALA K 216 48.70 13.25 -44.03
N GLY K 217 48.82 14.23 -43.14
CA GLY K 217 49.81 14.16 -42.08
C GLY K 217 49.60 15.17 -40.98
N ILE K 218 49.62 14.71 -39.73
CA ILE K 218 49.35 15.55 -38.57
C ILE K 218 50.48 16.56 -38.39
N LEU K 219 50.15 17.83 -38.50
CA LEU K 219 51.09 18.85 -38.06
C LEU K 219 51.01 18.96 -36.54
N ALA K 220 52.14 18.79 -35.88
CA ALA K 220 52.21 18.81 -34.41
C ALA K 220 53.39 19.65 -33.95
N ASP K 221 53.62 20.77 -34.63
CA ASP K 221 54.73 21.63 -34.27
C ASP K 221 54.52 22.23 -32.89
N GLU K 222 55.62 22.69 -32.30
CA GLU K 222 55.57 23.32 -30.98
C GLU K 222 54.92 24.69 -31.07
N MET K 223 54.29 25.09 -29.96
CA MET K 223 53.49 26.31 -29.93
C MET K 223 54.36 27.53 -30.22
N GLY K 224 53.79 28.48 -30.98
CA GLY K 224 54.48 29.68 -31.36
C GLY K 224 55.14 29.64 -32.72
N LEU K 225 55.29 28.46 -33.33
CA LEU K 225 55.93 28.37 -34.63
C LEU K 225 54.92 28.51 -35.77
N GLY K 226 54.02 29.48 -35.66
CA GLY K 226 53.08 29.82 -36.70
C GLY K 226 52.43 28.69 -37.47
N LYS K 227 51.80 27.76 -36.76
CA LYS K 227 51.10 26.67 -37.44
C LYS K 227 49.99 27.19 -38.33
N THR K 228 49.23 28.16 -37.82
CA THR K 228 48.18 28.80 -38.61
C THR K 228 48.77 29.38 -39.91
N LEU K 229 49.96 29.95 -39.82
CA LEU K 229 50.63 30.43 -41.03
C LEU K 229 50.89 29.29 -42.00
N GLN K 230 51.35 28.15 -41.48
CA GLN K 230 51.56 26.97 -42.32
C GLN K 230 50.29 26.64 -43.09
N THR K 231 49.17 26.54 -42.37
CA THR K 231 47.94 26.06 -42.97
C THR K 231 47.36 27.08 -43.96
N ILE K 232 47.42 28.37 -43.61
CA ILE K 232 46.97 29.41 -44.54
C ILE K 232 47.81 29.38 -45.81
N SER K 233 49.13 29.24 -45.66
CA SER K 233 50.00 29.15 -46.82
C SER K 233 49.63 27.96 -47.69
N PHE K 234 49.39 26.80 -47.07
CA PHE K 234 49.05 25.60 -47.83
C PHE K 234 47.72 25.76 -48.55
N LEU K 235 46.72 26.33 -47.86
CA LEU K 235 45.43 26.56 -48.50
C LEU K 235 45.54 27.54 -49.66
N GLY K 236 46.35 28.59 -49.49
CA GLY K 236 46.63 29.48 -50.60
C GLY K 236 47.32 28.78 -51.76
N TYR K 237 48.21 27.84 -51.44
CA TYR K 237 48.77 26.98 -52.48
C TYR K 237 47.69 26.26 -53.25
N LEU K 238 46.73 25.66 -52.55
CA LEU K 238 45.62 24.98 -53.24
C LEU K 238 44.82 25.95 -54.08
N ARG K 239 44.56 27.16 -53.56
CA ARG K 239 43.80 28.15 -54.29
C ARG K 239 44.49 28.57 -55.57
N TYR K 240 45.66 29.20 -55.44
CA TYR K 240 46.29 29.85 -56.58
C TYR K 240 46.89 28.85 -57.56
N ILE K 241 47.56 27.82 -57.05
CA ILE K 241 48.26 26.87 -57.91
C ILE K 241 47.37 25.71 -58.30
N GLU K 242 46.74 25.05 -57.33
CA GLU K 242 45.94 23.88 -57.62
C GLU K 242 44.54 24.20 -58.09
N LYS K 243 44.10 25.45 -57.97
CA LYS K 243 42.81 25.91 -58.49
C LYS K 243 41.64 25.16 -57.86
N ILE K 244 41.67 25.06 -56.54
CA ILE K 244 40.48 24.65 -55.78
C ILE K 244 40.22 25.72 -54.73
N PRO K 245 39.39 26.71 -55.02
CA PRO K 245 39.14 27.79 -54.06
C PRO K 245 38.55 27.30 -52.74
N GLY K 246 37.67 26.31 -52.78
CA GLY K 246 37.03 25.81 -51.59
C GLY K 246 36.24 24.55 -51.84
N PRO K 247 35.49 24.09 -50.83
CA PRO K 247 35.42 24.68 -49.50
C PRO K 247 36.43 24.09 -48.53
N PHE K 248 36.54 24.68 -47.34
CA PHE K 248 37.49 24.20 -46.33
C PHE K 248 36.95 24.54 -44.95
N LEU K 249 36.71 23.53 -44.14
CA LEU K 249 36.22 23.73 -42.77
C LEU K 249 37.39 23.81 -41.80
N VAL K 250 37.33 24.78 -40.90
CA VAL K 250 38.49 25.16 -40.07
C VAL K 250 38.14 25.09 -38.58
N ILE K 251 37.43 24.04 -38.17
CA ILE K 251 37.07 23.83 -36.78
C ILE K 251 38.23 24.17 -35.85
N ALA K 252 37.94 24.91 -34.78
CA ALA K 252 38.97 25.50 -33.94
C ALA K 252 38.36 25.79 -32.58
N PRO K 253 39.17 26.14 -31.58
CA PRO K 253 38.61 26.57 -30.29
C PRO K 253 38.03 27.98 -30.39
N LYS K 254 36.96 28.20 -29.62
CA LYS K 254 36.22 29.45 -29.70
C LYS K 254 37.11 30.65 -29.43
N SER K 255 38.12 30.50 -28.57
CA SER K 255 38.93 31.65 -28.19
C SER K 255 39.67 32.23 -29.40
N THR K 256 40.23 31.37 -30.25
CA THR K 256 41.13 31.81 -31.31
C THR K 256 40.44 32.05 -32.64
N LEU K 257 39.12 31.95 -32.71
CA LEU K 257 38.41 32.17 -33.98
C LEU K 257 38.75 33.54 -34.55
N ASN K 258 38.68 34.57 -33.71
CA ASN K 258 39.00 35.91 -34.17
C ASN K 258 40.42 35.99 -34.68
N ASN K 259 41.35 35.30 -34.01
CA ASN K 259 42.75 35.34 -34.44
C ASN K 259 42.95 34.67 -35.79
N TRP K 260 42.35 33.49 -35.97
CA TRP K 260 42.42 32.81 -37.26
C TRP K 260 41.87 33.68 -38.37
N LEU K 261 40.70 34.28 -38.14
CA LEU K 261 40.11 35.14 -39.16
C LEU K 261 40.99 36.35 -39.43
N ARG K 262 41.55 36.95 -38.38
CA ARG K 262 42.40 38.11 -38.55
C ARG K 262 43.61 37.78 -39.42
N GLU K 263 44.29 36.67 -39.12
CA GLU K 263 45.50 36.37 -39.86
C GLU K 263 45.19 35.96 -41.30
N ILE K 264 44.12 35.19 -41.49
CA ILE K 264 43.76 34.77 -42.85
C ILE K 264 43.37 35.97 -43.69
N ASN K 265 42.72 36.98 -43.09
CA ASN K 265 42.46 38.20 -43.83
C ASN K 265 43.70 39.06 -43.97
N ARG K 266 44.72 38.84 -43.14
CA ARG K 266 45.89 39.70 -43.17
C ARG K 266 46.90 39.27 -44.24
N TRP K 267 47.33 38.01 -44.20
CA TRP K 267 48.38 37.59 -45.13
C TRP K 267 47.85 37.01 -46.44
N THR K 268 46.54 36.91 -46.63
CA THR K 268 45.96 36.47 -47.89
C THR K 268 44.58 37.09 -48.03
N PRO K 269 44.52 38.40 -48.28
CA PRO K 269 43.23 39.10 -48.23
C PRO K 269 42.22 38.64 -49.27
N ASP K 270 42.69 38.03 -50.37
CA ASP K 270 41.77 37.67 -51.45
C ASP K 270 40.75 36.64 -51.00
N VAL K 271 41.12 35.76 -50.07
CA VAL K 271 40.22 34.68 -49.67
C VAL K 271 39.01 35.26 -48.95
N ASN K 272 37.83 34.77 -49.32
CA ASN K 272 36.61 35.11 -48.62
C ASN K 272 36.29 34.04 -47.57
N ALA K 273 36.00 34.49 -46.35
CA ALA K 273 35.81 33.58 -45.23
C ALA K 273 34.96 34.28 -44.18
N PHE K 274 34.35 33.48 -43.32
CA PHE K 274 33.58 34.02 -42.22
C PHE K 274 33.57 33.00 -41.10
N ILE K 275 33.05 33.41 -39.94
CA ILE K 275 32.93 32.54 -38.79
C ILE K 275 31.45 32.48 -38.38
N LEU K 276 30.95 31.27 -38.16
CA LEU K 276 29.64 31.13 -37.56
C LEU K 276 29.71 31.49 -36.08
N GLN K 277 28.71 32.21 -35.60
CA GLN K 277 28.60 32.58 -34.20
C GLN K 277 27.23 33.20 -33.97
N GLY K 278 27.01 33.69 -32.75
CA GLY K 278 25.80 34.39 -32.42
C GLY K 278 24.66 33.45 -32.08
N ASP K 279 23.59 34.03 -31.52
CA ASP K 279 22.40 33.25 -31.23
C ASP K 279 21.85 32.65 -32.51
N LYS K 280 21.01 31.62 -32.34
CA LYS K 280 20.66 30.76 -33.46
C LYS K 280 20.00 31.53 -34.61
N GLU K 281 19.38 32.67 -34.32
CA GLU K 281 18.65 33.38 -35.37
C GLU K 281 19.61 34.01 -36.39
N GLU K 282 20.61 34.75 -35.92
CA GLU K 282 21.55 35.36 -36.88
C GLU K 282 22.53 34.34 -37.42
N ARG K 283 22.82 33.30 -36.63
CA ARG K 283 23.63 32.20 -37.14
C ARG K 283 22.93 31.51 -38.30
N ALA K 284 21.63 31.24 -38.16
CA ALA K 284 20.86 30.66 -39.25
C ALA K 284 20.71 31.63 -40.41
N GLU K 285 20.65 32.94 -40.12
CA GLU K 285 20.66 33.93 -41.19
C GLU K 285 21.93 33.80 -42.04
N LEU K 286 23.09 33.74 -41.38
CA LEU K 286 24.34 33.53 -42.09
C LEU K 286 24.33 32.21 -42.84
N ILE K 287 23.77 31.17 -42.22
CA ILE K 287 23.65 29.87 -42.87
C ILE K 287 22.96 30.02 -44.21
N GLN K 288 21.70 30.49 -44.17
CA GLN K 288 20.88 30.58 -45.37
C GLN K 288 21.39 31.62 -46.35
N LYS K 289 22.18 32.58 -45.91
CA LYS K 289 22.64 33.64 -46.81
C LYS K 289 23.93 33.29 -47.52
N LYS K 290 24.87 32.63 -46.82
CA LYS K 290 26.17 32.34 -47.40
C LYS K 290 26.48 30.86 -47.45
N LEU K 291 26.23 30.11 -46.38
CA LEU K 291 26.67 28.72 -46.33
C LEU K 291 25.99 27.90 -47.42
N LEU K 292 24.67 27.74 -47.32
CA LEU K 292 23.94 27.12 -48.41
C LEU K 292 23.87 28.06 -49.62
N GLY K 293 24.10 29.35 -49.42
CA GLY K 293 24.24 30.26 -50.54
C GLY K 293 25.51 30.04 -51.34
N CYS K 294 26.50 29.36 -50.76
CA CYS K 294 27.77 29.07 -51.42
C CYS K 294 28.47 30.36 -51.85
N ASP K 295 28.78 31.17 -50.85
CA ASP K 295 29.36 32.49 -51.02
C ASP K 295 30.61 32.61 -50.15
N PHE K 296 31.48 31.61 -50.22
CA PHE K 296 32.63 31.54 -49.34
C PHE K 296 33.68 30.62 -49.94
N ASP K 297 34.83 30.54 -49.27
CA ASP K 297 35.84 29.53 -49.54
C ASP K 297 36.39 28.87 -48.29
N VAL K 298 36.24 29.48 -47.12
CA VAL K 298 36.81 28.99 -45.87
C VAL K 298 35.80 29.26 -44.76
N VAL K 299 35.25 28.18 -44.19
CA VAL K 299 34.34 28.31 -43.07
C VAL K 299 35.12 28.13 -41.77
N ILE K 300 34.72 28.85 -40.74
CA ILE K 300 35.34 28.76 -39.42
C ILE K 300 34.24 28.56 -38.40
N ALA K 301 34.38 27.55 -37.55
CA ALA K 301 33.37 27.21 -36.57
C ALA K 301 34.08 26.90 -35.25
N SER K 302 33.34 26.30 -34.32
CA SER K 302 33.89 25.94 -33.02
C SER K 302 33.47 24.52 -32.70
N TYR K 303 34.16 23.93 -31.71
CA TYR K 303 33.81 22.58 -31.27
C TYR K 303 32.34 22.45 -30.90
N GLU K 304 31.72 23.54 -30.45
CA GLU K 304 30.31 23.50 -30.08
C GLU K 304 29.41 23.69 -31.30
N ILE K 305 29.78 24.61 -32.19
CA ILE K 305 28.93 24.89 -33.34
C ILE K 305 28.88 23.70 -34.28
N ILE K 306 30.01 22.99 -34.43
CA ILE K 306 30.03 21.79 -35.24
C ILE K 306 28.96 20.81 -34.76
N ILE K 307 28.86 20.61 -33.45
CA ILE K 307 27.79 19.79 -32.92
C ILE K 307 26.43 20.44 -33.18
N ARG K 308 26.38 21.77 -33.12
CA ARG K 308 25.12 22.46 -33.32
C ARG K 308 24.69 22.45 -34.78
N GLU K 309 25.46 23.11 -35.65
CA GLU K 309 25.13 23.20 -37.07
C GLU K 309 25.90 22.14 -37.86
N LYS K 310 25.49 20.89 -37.66
CA LYS K 310 26.02 19.81 -38.48
C LYS K 310 25.19 19.61 -39.73
N SER K 311 23.87 19.61 -39.60
CA SER K 311 22.99 19.35 -40.74
C SER K 311 23.24 20.29 -41.93
N PRO K 312 23.41 21.61 -41.75
CA PRO K 312 23.86 22.43 -42.89
C PRO K 312 25.24 22.04 -43.36
N LEU K 313 26.15 21.75 -42.44
CA LEU K 313 27.52 21.43 -42.81
C LEU K 313 27.65 20.04 -43.40
N LYS K 314 26.70 19.16 -43.14
CA LYS K 314 26.71 17.85 -43.80
C LYS K 314 26.52 18.00 -45.30
N LYS K 315 25.66 18.93 -45.72
CA LYS K 315 25.30 19.07 -47.13
C LYS K 315 26.32 19.91 -47.89
N ILE K 316 27.59 19.55 -47.71
CA ILE K 316 28.67 20.09 -48.52
C ILE K 316 29.74 19.02 -48.68
N ASN K 317 30.16 18.81 -49.92
CA ASN K 317 31.34 18.00 -50.17
C ASN K 317 32.57 18.78 -49.71
N TRP K 318 33.25 18.28 -48.68
CA TRP K 318 34.32 19.01 -48.01
C TRP K 318 35.65 18.57 -48.60
N GLU K 319 36.41 19.52 -49.16
CA GLU K 319 37.73 19.18 -49.66
C GLU K 319 38.64 18.72 -48.53
N TYR K 320 38.73 19.51 -47.47
CA TYR K 320 39.38 19.13 -46.22
C TYR K 320 38.44 19.42 -45.06
N ILE K 321 38.85 18.97 -43.88
CA ILE K 321 38.26 19.42 -42.62
C ILE K 321 39.45 19.76 -41.72
N ILE K 322 39.87 21.02 -41.74
CA ILE K 322 40.99 21.42 -40.89
C ILE K 322 40.55 21.44 -39.45
N ILE K 323 41.49 21.19 -38.54
CA ILE K 323 41.22 21.25 -37.12
C ILE K 323 42.41 21.90 -36.43
N ASP K 324 42.13 22.82 -35.51
CA ASP K 324 43.14 23.44 -34.66
C ASP K 324 43.51 22.43 -33.58
N GLU K 325 44.09 22.89 -32.46
CA GLU K 325 44.69 21.97 -31.49
C GLU K 325 43.83 20.73 -31.30
N ALA K 326 44.40 19.59 -31.68
CA ALA K 326 43.62 18.41 -32.03
C ALA K 326 43.41 17.45 -30.87
N HIS K 327 44.24 17.51 -29.83
CA HIS K 327 44.09 16.61 -28.69
C HIS K 327 42.66 16.61 -28.15
N ARG K 328 41.87 17.63 -28.47
CA ARG K 328 40.44 17.58 -28.21
C ARG K 328 39.82 16.35 -28.84
N ILE K 329 40.36 15.88 -29.96
CA ILE K 329 39.80 14.74 -30.68
C ILE K 329 40.49 13.43 -30.29
N LYS K 330 41.34 13.45 -29.25
CA LYS K 330 42.10 12.26 -28.89
C LYS K 330 41.21 11.07 -28.57
N ASN K 331 39.99 11.31 -28.09
CA ASN K 331 39.03 10.25 -27.84
C ASN K 331 38.12 10.13 -29.05
N GLU K 332 37.91 8.90 -29.51
CA GLU K 332 37.07 8.65 -30.68
C GLU K 332 35.67 8.24 -30.30
N GLU K 333 35.35 8.22 -29.00
CA GLU K 333 33.97 8.11 -28.55
C GLU K 333 33.39 9.46 -28.16
N SER K 334 34.16 10.54 -28.26
CA SER K 334 33.65 11.87 -27.98
C SER K 334 32.60 12.24 -29.03
N MET K 335 31.56 12.93 -28.58
CA MET K 335 30.48 13.31 -29.48
C MET K 335 31.01 14.07 -30.69
N LEU K 336 32.03 14.91 -30.48
CA LEU K 336 32.64 15.61 -31.60
C LEU K 336 33.25 14.62 -32.59
N SER K 337 33.92 13.59 -32.09
CA SER K 337 34.51 12.60 -32.99
C SER K 337 33.43 11.85 -33.76
N GLN K 338 32.34 11.47 -33.09
CA GLN K 338 31.25 10.77 -33.77
C GLN K 338 30.65 11.64 -34.85
N VAL K 339 30.39 12.91 -34.54
CA VAL K 339 29.82 13.81 -35.53
C VAL K 339 30.78 14.04 -36.69
N LEU K 340 32.07 14.17 -36.37
CA LEU K 340 33.07 14.42 -37.40
C LEU K 340 33.48 13.11 -38.06
N ARG K 341 32.50 12.29 -38.41
CA ARG K 341 32.70 11.10 -39.21
C ARG K 341 31.67 10.95 -40.31
N GLU K 342 30.48 11.55 -40.18
CA GLU K 342 29.50 11.59 -41.24
C GLU K 342 29.79 12.71 -42.23
N PHE K 343 30.76 13.56 -41.95
CA PHE K 343 31.15 14.64 -42.86
C PHE K 343 31.84 14.00 -44.07
N THR K 344 31.11 13.89 -45.18
CA THR K 344 31.74 13.45 -46.41
C THR K 344 32.89 14.39 -46.75
N SER K 345 34.09 13.82 -46.93
CA SER K 345 35.28 14.65 -47.06
C SER K 345 36.34 13.88 -47.82
N ARG K 346 37.20 14.62 -48.50
CA ARG K 346 38.29 14.01 -49.26
C ARG K 346 39.42 13.57 -48.33
N ASN K 347 40.03 14.52 -47.64
CA ASN K 347 41.04 14.22 -46.63
C ASN K 347 40.87 15.18 -45.45
N ARG K 348 41.83 15.16 -44.54
CA ARG K 348 41.72 15.91 -43.30
C ARG K 348 43.10 16.39 -42.86
N LEU K 349 43.11 17.32 -41.91
CA LEU K 349 44.33 17.80 -41.29
C LEU K 349 44.08 18.01 -39.81
N LEU K 350 45.15 17.85 -39.01
CA LEU K 350 45.05 17.90 -37.55
C LEU K 350 46.16 18.72 -36.91
N ILE K 351 46.27 19.99 -37.32
CA ILE K 351 47.11 20.96 -36.63
C ILE K 351 46.94 20.76 -35.13
N THR K 352 48.05 20.60 -34.41
CA THR K 352 47.96 20.38 -32.97
C THR K 352 49.25 20.87 -32.32
N GLY K 353 49.42 20.56 -31.04
CA GLY K 353 50.65 20.81 -30.34
C GLY K 353 51.39 19.52 -30.10
N THR K 354 51.27 18.97 -28.90
CA THR K 354 51.87 17.69 -28.59
C THR K 354 50.81 16.60 -28.58
N PRO K 355 50.92 15.59 -29.44
CA PRO K 355 50.00 14.45 -29.36
C PRO K 355 50.53 13.41 -28.39
N LEU K 356 49.74 12.36 -28.14
CA LEU K 356 50.08 11.30 -27.21
C LEU K 356 50.43 11.90 -25.84
N GLN K 357 49.40 12.42 -25.20
CA GLN K 357 49.60 13.07 -23.91
C GLN K 357 49.58 12.11 -22.74
N ASN K 358 48.71 11.09 -22.76
CA ASN K 358 48.69 10.17 -21.62
C ASN K 358 48.48 8.71 -22.02
N ASN K 359 48.63 8.35 -23.30
CA ASN K 359 48.35 6.99 -23.72
C ASN K 359 48.77 6.74 -25.17
N LEU K 360 48.67 5.49 -25.62
CA LEU K 360 49.00 5.09 -26.99
C LEU K 360 47.75 4.87 -27.83
N HIS K 361 46.72 4.24 -27.24
CA HIS K 361 45.42 4.14 -27.90
C HIS K 361 44.90 5.51 -28.32
N GLU K 362 45.21 6.53 -27.52
CA GLU K 362 44.96 7.91 -27.92
C GLU K 362 45.55 8.20 -29.30
N LEU K 363 46.83 7.89 -29.47
CA LEU K 363 47.47 8.13 -30.76
C LEU K 363 46.83 7.28 -31.85
N TRP K 364 46.43 6.05 -31.52
CA TRP K 364 45.79 5.22 -32.52
C TRP K 364 44.52 5.87 -33.04
N ALA K 365 43.67 6.37 -32.14
CA ALA K 365 42.45 7.03 -32.58
C ALA K 365 42.74 8.31 -33.35
N LEU K 366 43.74 9.07 -32.88
CA LEU K 366 44.13 10.29 -33.58
C LEU K 366 44.53 9.98 -35.02
N LEU K 367 45.28 8.90 -35.22
CA LEU K 367 45.63 8.48 -36.57
C LEU K 367 44.41 7.96 -37.33
N ASN K 368 43.56 7.20 -36.64
CA ASN K 368 42.37 6.64 -37.26
C ASN K 368 41.51 7.73 -37.86
N PHE K 369 41.54 8.93 -37.29
CA PHE K 369 40.78 10.03 -37.86
C PHE K 369 41.23 10.34 -39.30
N LEU K 370 42.54 10.43 -39.52
CA LEU K 370 43.03 10.86 -40.83
C LEU K 370 42.75 9.82 -41.90
N LEU K 371 43.13 8.57 -41.64
CA LEU K 371 43.13 7.50 -42.63
C LEU K 371 42.40 6.29 -42.05
N PRO K 372 41.07 6.34 -42.03
CA PRO K 372 40.32 5.22 -41.42
C PRO K 372 40.53 3.89 -42.13
N ASP K 373 40.75 3.90 -43.44
CA ASP K 373 40.90 2.66 -44.20
C ASP K 373 42.18 1.91 -43.90
N ILE K 374 43.10 2.49 -43.14
CA ILE K 374 44.34 1.80 -42.76
C ILE K 374 44.23 1.35 -41.32
N PHE K 375 44.03 2.29 -40.41
CA PHE K 375 43.88 1.97 -39.00
C PHE K 375 42.42 1.69 -38.69
N SER K 376 41.79 0.80 -39.44
CA SER K 376 40.38 0.49 -39.23
C SER K 376 40.14 -0.46 -38.07
N ASP K 377 41.16 -1.17 -37.60
CA ASP K 377 41.00 -2.16 -36.55
C ASP K 377 41.76 -1.71 -35.32
N ALA K 378 41.05 -1.65 -34.19
CA ALA K 378 41.69 -1.27 -32.93
C ALA K 378 42.73 -2.29 -32.51
N GLN K 379 42.35 -3.57 -32.51
CA GLN K 379 43.24 -4.60 -31.98
C GLN K 379 44.51 -4.74 -32.79
N ASP K 380 44.47 -4.42 -34.08
CA ASP K 380 45.68 -4.50 -34.90
C ASP K 380 46.77 -3.60 -34.34
N PHE K 381 46.46 -2.31 -34.15
CA PHE K 381 47.43 -1.40 -33.56
C PHE K 381 47.67 -1.72 -32.09
N ASP K 382 46.63 -2.17 -31.38
CA ASP K 382 46.75 -2.48 -29.96
C ASP K 382 47.56 -3.74 -29.69
N ASP K 383 47.89 -4.50 -30.71
CA ASP K 383 48.62 -5.74 -30.47
C ASP K 383 49.93 -5.84 -31.25
N TRP K 384 50.02 -5.24 -32.44
CA TRP K 384 51.20 -5.47 -33.26
C TRP K 384 52.45 -4.86 -32.63
N PHE K 385 52.39 -3.59 -32.21
CA PHE K 385 53.50 -3.01 -31.44
C PHE K 385 53.01 -2.14 -30.30
N SER K 386 51.75 -2.28 -29.90
CA SER K 386 51.32 -1.79 -28.60
C SER K 386 51.75 -2.81 -27.56
N SER K 387 51.23 -2.73 -26.35
CA SER K 387 51.64 -3.62 -25.26
C SER K 387 51.68 -5.08 -25.69
N GLU K 388 52.82 -5.73 -25.45
CA GLU K 388 52.95 -7.19 -25.48
C GLU K 388 53.60 -7.64 -24.19
N SER K 389 53.74 -8.96 -24.05
CA SER K 389 54.72 -9.56 -23.13
C SER K 389 55.36 -10.73 -23.90
N THR K 390 56.36 -10.42 -24.73
CA THR K 390 57.01 -11.44 -25.54
C THR K 390 58.49 -11.63 -25.22
N GLU K 391 59.29 -10.58 -25.34
CA GLU K 391 60.75 -10.72 -25.34
C GLU K 391 61.31 -9.29 -25.26
N GLU K 392 62.61 -9.15 -25.45
CA GLU K 392 63.35 -7.89 -25.59
C GLU K 392 62.95 -7.10 -26.83
N ASP K 393 61.91 -7.62 -27.51
CA ASP K 393 61.25 -6.89 -28.58
C ASP K 393 61.00 -5.44 -28.18
N GLN K 394 60.73 -5.20 -26.90
CA GLN K 394 60.39 -3.88 -26.37
C GLN K 394 61.29 -2.78 -26.92
N ASP K 395 62.60 -3.01 -26.90
CA ASP K 395 63.55 -2.05 -27.43
C ASP K 395 64.34 -2.56 -28.62
N LYS K 396 64.18 -3.83 -29.01
CA LYS K 396 64.84 -4.34 -30.20
C LYS K 396 64.04 -4.17 -31.48
N ILE K 397 62.71 -4.28 -31.45
CA ILE K 397 61.97 -4.17 -32.71
C ILE K 397 60.87 -3.12 -32.62
N VAL K 398 59.99 -3.23 -31.64
CA VAL K 398 58.83 -2.35 -31.59
C VAL K 398 59.27 -0.90 -31.41
N LYS K 399 60.32 -0.67 -30.63
CA LYS K 399 60.90 0.66 -30.52
C LYS K 399 61.39 1.16 -31.86
N GLN K 400 62.09 0.30 -32.61
CA GLN K 400 62.56 0.69 -33.93
C GLN K 400 61.41 0.92 -34.91
N LEU K 401 60.23 0.37 -34.62
CA LEU K 401 59.12 0.50 -35.54
C LEU K 401 58.45 1.87 -35.43
N HIS K 402 59.24 2.94 -35.46
CA HIS K 402 58.67 4.25 -35.78
C HIS K 402 58.45 4.43 -37.26
N THR K 403 59.06 3.57 -38.09
CA THR K 403 58.94 3.66 -39.54
C THR K 403 57.48 3.67 -39.98
N VAL K 404 56.58 3.17 -39.14
CA VAL K 404 55.15 3.31 -39.42
C VAL K 404 54.74 4.79 -39.33
N LEU K 405 55.35 5.54 -38.42
CA LEU K 405 54.88 6.88 -38.10
C LEU K 405 55.57 7.99 -38.87
N GLN K 406 56.89 7.92 -39.06
CA GLN K 406 57.62 9.00 -39.75
C GLN K 406 56.97 9.43 -41.06
N PRO K 407 56.44 8.51 -41.89
CA PRO K 407 55.71 8.92 -43.09
C PRO K 407 54.77 10.09 -42.87
N PHE K 408 53.84 9.99 -41.92
CA PHE K 408 52.81 11.02 -41.72
C PHE K 408 52.74 11.41 -40.24
N LEU K 409 53.64 12.32 -39.84
CA LEU K 409 53.57 13.05 -38.58
C LEU K 409 54.75 14.02 -38.57
N LEU K 410 54.60 15.16 -37.90
CA LEU K 410 55.67 16.14 -37.91
C LEU K 410 55.65 16.96 -36.63
N ARG K 411 56.84 17.39 -36.21
CA ARG K 411 56.99 18.37 -35.15
C ARG K 411 58.40 18.94 -35.21
N ARG K 412 58.51 20.25 -35.15
CA ARG K 412 59.79 20.95 -35.28
C ARG K 412 60.16 21.53 -33.92
N ILE K 413 61.17 20.95 -33.28
CA ILE K 413 61.48 21.21 -31.88
C ILE K 413 61.82 22.69 -31.67
N LYS K 414 60.99 23.39 -30.90
CA LYS K 414 61.22 24.81 -30.66
C LYS K 414 62.47 25.07 -29.83
N SER K 415 63.02 24.04 -29.19
CA SER K 415 64.20 24.24 -28.37
C SER K 415 65.35 24.79 -29.19
N ASP K 416 65.58 24.23 -30.39
CA ASP K 416 66.56 24.77 -31.32
C ASP K 416 65.96 24.93 -32.73
N VAL K 417 65.18 26.01 -32.89
CA VAL K 417 64.89 26.57 -34.20
C VAL K 417 65.02 28.08 -34.10
N GLU K 418 65.08 28.56 -32.87
CA GLU K 418 65.16 29.98 -32.66
C GLU K 418 66.19 30.24 -31.60
N THR K 419 66.38 29.28 -30.72
CA THR K 419 67.41 29.43 -29.73
C THR K 419 67.39 30.81 -29.13
N SER K 420 66.24 31.23 -28.65
CA SER K 420 66.13 32.56 -28.09
C SER K 420 65.57 32.55 -26.68
N LEU K 421 65.14 31.38 -26.22
CA LEU K 421 64.55 31.28 -24.91
C LEU K 421 65.55 30.64 -24.03
N LEU K 422 65.45 30.88 -22.73
CA LEU K 422 66.36 30.15 -21.87
C LEU K 422 65.66 28.89 -21.34
N PRO K 423 66.39 27.80 -21.16
CA PRO K 423 65.74 26.54 -20.77
C PRO K 423 65.09 26.61 -19.39
N LYS K 424 64.49 25.50 -18.99
CA LYS K 424 63.62 25.46 -17.84
C LYS K 424 64.43 25.13 -16.58
N LYS K 425 63.74 25.09 -15.44
CA LYS K 425 64.40 24.91 -14.14
C LYS K 425 63.39 24.21 -13.22
N GLU K 426 63.52 22.88 -13.13
CA GLU K 426 62.61 22.09 -12.31
C GLU K 426 63.27 21.83 -10.97
N LEU K 427 62.58 22.17 -9.89
CA LEU K 427 63.12 22.16 -8.54
C LEU K 427 62.16 21.48 -7.58
N ASN K 428 61.74 20.27 -7.93
CA ASN K 428 60.84 19.48 -7.10
C ASN K 428 61.28 19.49 -5.64
N LEU K 429 60.32 19.70 -4.74
CA LEU K 429 60.58 19.76 -3.31
C LEU K 429 59.74 18.71 -2.61
N TYR K 430 60.40 17.79 -1.92
CA TYR K 430 59.72 16.75 -1.17
C TYR K 430 59.49 17.22 0.26
N VAL K 431 58.24 17.17 0.70
CA VAL K 431 57.85 17.70 1.99
C VAL K 431 57.07 16.63 2.74
N GLY K 432 57.25 16.60 4.06
CA GLY K 432 56.59 15.64 4.92
C GLY K 432 55.39 16.27 5.62
N MET K 433 54.49 15.43 6.08
CA MET K 433 53.27 15.89 6.73
C MET K 433 53.60 16.54 8.07
N SER K 434 52.73 17.46 8.49
CA SER K 434 52.77 17.97 9.85
C SER K 434 51.74 17.20 10.70
N SER K 435 51.68 17.54 11.99
CA SER K 435 50.86 16.75 12.92
C SER K 435 49.40 16.74 12.50
N MET K 436 48.87 17.89 12.10
CA MET K 436 47.49 17.93 11.63
C MET K 436 47.31 17.07 10.40
N GLN K 437 48.25 17.16 9.45
CA GLN K 437 48.22 16.26 8.30
C GLN K 437 48.32 14.80 8.74
N LYS K 438 49.17 14.50 9.72
CA LYS K 438 49.32 13.11 10.15
C LYS K 438 48.00 12.55 10.64
N LYS K 439 47.36 13.25 11.58
CA LYS K 439 46.12 12.72 12.13
C LYS K 439 45.00 12.73 11.11
N TRP K 440 44.95 13.72 10.22
CA TRP K 440 43.89 13.74 9.22
C TRP K 440 44.08 12.62 8.20
N TYR K 441 45.32 12.42 7.75
CA TYR K 441 45.64 11.35 6.82
C TYR K 441 45.22 10.01 7.40
N LYS K 442 45.58 9.77 8.67
CA LYS K 442 45.15 8.54 9.32
C LYS K 442 43.62 8.46 9.43
N LYS K 443 42.96 9.60 9.65
CA LYS K 443 41.50 9.58 9.77
C LYS K 443 40.84 9.15 8.46
N ILE K 444 41.29 9.69 7.33
CA ILE K 444 40.75 9.21 6.05
C ILE K 444 41.11 7.75 5.82
N LEU K 445 42.33 7.34 6.15
CA LEU K 445 42.68 5.93 5.96
C LEU K 445 41.74 5.02 6.74
N GLU K 446 41.45 5.36 8.00
CA GLU K 446 40.45 4.64 8.78
C GLU K 446 39.36 5.63 9.20
N LYS K 447 38.42 5.85 8.29
CA LYS K 447 37.23 6.64 8.57
C LYS K 447 36.48 6.13 9.79
N ARG K 464 30.65 14.01 3.82
CA ARG K 464 30.71 13.38 2.50
C ARG K 464 32.16 13.17 2.09
N LEU K 465 32.55 11.91 1.95
CA LEU K 465 33.94 11.59 1.67
C LEU K 465 33.98 10.29 0.85
N LEU K 466 34.09 10.43 -0.47
CA LEU K 466 34.38 9.32 -1.36
C LEU K 466 35.67 9.65 -2.12
N ASN K 467 36.00 8.81 -3.10
CA ASN K 467 37.17 9.01 -3.95
C ASN K 467 38.40 9.30 -3.10
N ILE K 468 38.80 8.29 -2.32
CA ILE K 468 39.83 8.47 -1.30
C ILE K 468 41.10 9.04 -1.90
N MET K 469 41.42 8.67 -3.14
CA MET K 469 42.64 9.16 -3.76
C MET K 469 42.59 10.67 -3.96
N MET K 470 41.39 11.24 -4.11
CA MET K 470 41.27 12.68 -4.17
C MET K 470 41.36 13.32 -2.79
N GLN K 471 40.76 12.68 -1.77
CA GLN K 471 40.79 13.26 -0.43
C GLN K 471 42.22 13.36 0.08
N LEU K 472 43.02 12.32 -0.15
CA LEU K 472 44.42 12.36 0.30
C LEU K 472 45.19 13.48 -0.35
N ARG K 473 44.85 13.84 -1.60
CA ARG K 473 45.46 15.02 -2.21
C ARG K 473 45.06 16.28 -1.48
N LYS K 474 43.79 16.39 -1.07
CA LYS K 474 43.36 17.53 -0.27
C LYS K 474 44.17 17.63 1.02
N CYS K 475 44.26 16.52 1.76
CA CYS K 475 44.99 16.51 3.01
C CYS K 475 46.47 16.78 2.80
N CYS K 476 47.01 16.42 1.63
CA CYS K 476 48.41 16.73 1.35
C CYS K 476 48.62 18.18 0.99
N ASN K 477 47.56 18.91 0.61
CA ASN K 477 47.69 20.32 0.27
C ASN K 477 47.47 21.21 1.48
N HIS K 478 46.29 21.15 2.07
CA HIS K 478 45.98 21.94 3.26
C HIS K 478 44.76 21.33 3.94
N PRO K 479 44.87 20.98 5.22
CA PRO K 479 43.71 20.36 5.90
C PRO K 479 42.53 21.29 6.00
N TYR K 480 42.73 22.59 5.85
CA TYR K 480 41.63 23.54 5.98
C TYR K 480 40.57 23.32 4.90
N LEU K 481 40.90 22.60 3.83
CA LEU K 481 39.89 22.22 2.85
C LEU K 481 38.79 21.39 3.50
N PHE K 482 39.17 20.49 4.40
CA PHE K 482 38.18 19.70 5.12
C PHE K 482 37.36 20.60 6.04
N ASP K 483 36.08 20.28 6.17
CA ASP K 483 35.18 21.08 7.00
C ASP K 483 35.52 20.90 8.47
N GLY K 484 35.47 22.01 9.22
CA GLY K 484 35.67 21.94 10.65
C GLY K 484 37.06 21.59 11.09
N ALA K 485 38.04 21.65 10.19
CA ALA K 485 39.42 21.34 10.58
C ALA K 485 40.05 22.52 11.30
N GLU K 486 39.94 23.72 10.75
CA GLU K 486 40.64 24.87 11.31
C GLU K 486 40.07 25.23 12.68
N PRO K 487 40.89 25.81 13.55
CA PRO K 487 40.38 26.23 14.86
C PRO K 487 39.35 27.34 14.72
N GLY K 488 38.38 27.34 15.62
CA GLY K 488 37.29 28.28 15.57
C GLY K 488 35.95 27.57 15.52
N PRO K 489 34.85 28.34 15.45
CA PRO K 489 34.77 29.81 15.46
C PRO K 489 35.10 30.41 16.83
N PRO K 490 35.45 31.71 16.89
CA PRO K 490 35.59 32.65 15.76
C PRO K 490 36.76 32.33 14.86
N TYR K 491 36.68 32.76 13.61
CA TYR K 491 37.70 32.46 12.62
C TYR K 491 38.61 33.67 12.43
N THR K 492 39.91 33.44 12.51
CA THR K 492 40.93 34.46 12.30
C THR K 492 41.79 34.05 11.11
N THR K 493 42.85 34.83 10.86
CA THR K 493 43.69 34.57 9.69
C THR K 493 45.17 34.65 10.08
N ASP K 494 45.49 34.44 11.35
CA ASP K 494 46.85 34.58 11.85
C ASP K 494 47.68 33.37 11.42
N GLU K 495 48.88 33.24 12.00
CA GLU K 495 49.81 32.18 11.63
C GLU K 495 49.27 30.79 11.89
N HIS K 496 48.07 30.69 12.47
CA HIS K 496 47.41 29.39 12.55
C HIS K 496 46.98 28.88 11.18
N LEU K 497 47.13 29.69 10.14
CA LEU K 497 46.87 29.25 8.77
C LEU K 497 48.06 28.47 8.22
N VAL K 498 49.22 29.13 8.16
CA VAL K 498 50.46 28.47 7.74
C VAL K 498 50.86 27.38 8.72
N TYR K 499 50.33 27.44 9.95
CA TYR K 499 50.75 26.58 11.04
C TYR K 499 50.38 25.12 10.85
N ASN K 500 49.55 24.80 9.86
CA ASN K 500 49.03 23.44 9.70
C ASN K 500 49.21 22.85 8.32
N ALA K 501 49.95 23.48 7.42
CA ALA K 501 50.14 22.98 6.06
C ALA K 501 51.62 23.06 5.72
N ALA K 502 52.26 21.89 5.60
CA ALA K 502 53.69 21.85 5.38
C ALA K 502 54.07 22.48 4.04
N LYS K 503 53.33 22.12 2.98
CA LYS K 503 53.54 22.77 1.69
C LYS K 503 53.42 24.28 1.82
N LEU K 504 52.42 24.74 2.58
CA LEU K 504 52.22 26.17 2.72
C LEU K 504 53.34 26.82 3.53
N GLN K 505 53.92 26.09 4.49
CA GLN K 505 55.09 26.61 5.18
C GLN K 505 56.26 26.81 4.23
N VAL K 506 56.57 25.77 3.45
CA VAL K 506 57.65 25.87 2.47
C VAL K 506 57.36 27.00 1.48
N LEU K 507 56.11 27.09 1.05
CA LEU K 507 55.70 28.11 0.10
C LEU K 507 55.87 29.50 0.69
N ASP K 508 55.51 29.68 1.95
CA ASP K 508 55.66 30.96 2.60
C ASP K 508 57.13 31.37 2.68
N LYS K 509 58.00 30.45 3.09
CA LYS K 509 59.41 30.77 3.17
C LYS K 509 59.96 31.14 1.80
N LEU K 510 59.62 30.35 0.78
CA LEU K 510 60.11 30.63 -0.56
C LEU K 510 59.50 31.91 -1.12
N LEU K 511 58.27 32.23 -0.75
CA LEU K 511 57.64 33.45 -1.20
C LEU K 511 58.36 34.67 -0.62
N LYS K 512 58.69 34.63 0.67
CA LYS K 512 59.50 35.70 1.23
C LYS K 512 60.85 35.81 0.54
N LYS K 513 61.51 34.67 0.31
CA LYS K 513 62.82 34.70 -0.32
C LYS K 513 62.75 35.30 -1.73
N LEU K 514 61.76 34.91 -2.52
CA LEU K 514 61.63 35.45 -3.86
C LEU K 514 61.22 36.92 -3.82
N LYS K 515 60.37 37.30 -2.85
CA LYS K 515 59.95 38.68 -2.74
C LYS K 515 61.11 39.61 -2.44
N GLU K 516 62.01 39.20 -1.54
CA GLU K 516 63.18 40.04 -1.31
C GLU K 516 64.10 40.03 -2.53
N GLU K 517 64.10 38.96 -3.31
CA GLU K 517 64.77 39.00 -4.61
C GLU K 517 63.97 39.84 -5.61
N GLY K 518 62.64 39.81 -5.51
CA GLY K 518 61.80 40.63 -6.36
C GLY K 518 61.37 39.94 -7.64
N SER K 519 60.98 38.68 -7.55
CA SER K 519 60.49 37.90 -8.69
C SER K 519 58.99 37.68 -8.50
N ARG K 520 58.19 38.42 -9.25
CA ARG K 520 56.74 38.21 -9.22
C ARG K 520 56.42 36.80 -9.70
N VAL K 521 55.48 36.15 -9.02
CA VAL K 521 55.32 34.71 -9.12
C VAL K 521 53.92 34.35 -9.58
N LEU K 522 53.82 33.23 -10.29
CA LEU K 522 52.55 32.65 -10.71
C LEU K 522 52.34 31.37 -9.90
N ILE K 523 51.19 31.27 -9.27
CA ILE K 523 50.83 30.05 -8.56
C ILE K 523 49.82 29.30 -9.41
N PHE K 524 50.13 28.05 -9.75
CA PHE K 524 49.25 27.23 -10.57
C PHE K 524 48.72 26.11 -9.68
N SER K 525 47.65 26.41 -8.95
CA SER K 525 47.01 25.38 -8.14
C SER K 525 46.21 24.46 -9.04
N GLN K 526 45.54 23.50 -8.42
CA GLN K 526 44.66 22.60 -9.16
C GLN K 526 43.26 22.51 -8.58
N MET K 527 43.01 23.10 -7.41
CA MET K 527 41.68 23.22 -6.87
C MET K 527 41.41 24.69 -6.59
N SER K 528 40.30 25.21 -7.15
CA SER K 528 39.96 26.60 -6.93
C SER K 528 39.69 26.88 -5.45
N ARG K 529 39.11 25.90 -4.75
CA ARG K 529 38.92 26.06 -3.31
C ARG K 529 40.25 26.28 -2.60
N LEU K 530 41.30 25.62 -3.08
CA LEU K 530 42.63 25.86 -2.53
C LEU K 530 43.11 27.27 -2.80
N LEU K 531 42.66 27.88 -3.90
CA LEU K 531 43.00 29.27 -4.16
C LEU K 531 42.36 30.22 -3.16
N ASP K 532 41.28 29.80 -2.51
CA ASP K 532 40.69 30.65 -1.46
C ASP K 532 41.64 30.79 -0.28
N ILE K 533 42.16 29.66 0.21
CA ILE K 533 43.13 29.71 1.29
C ILE K 533 44.36 30.50 0.89
N LEU K 534 44.81 30.34 -0.36
CA LEU K 534 45.97 31.09 -0.81
C LEU K 534 45.67 32.58 -0.88
N GLU K 535 44.47 32.96 -1.30
CA GLU K 535 44.08 34.37 -1.29
C GLU K 535 44.09 34.92 0.13
N ASP K 536 43.53 34.16 1.07
CA ASP K 536 43.50 34.61 2.46
C ASP K 536 44.92 34.78 2.99
N TYR K 537 45.79 33.82 2.72
CA TYR K 537 47.17 33.92 3.16
C TYR K 537 47.86 35.12 2.54
N CYS K 538 47.65 35.34 1.24
CA CYS K 538 48.29 36.46 0.55
C CYS K 538 47.82 37.79 1.12
N TYR K 539 46.53 37.93 1.39
CA TYR K 539 46.02 39.14 2.00
C TYR K 539 46.60 39.34 3.39
N PHE K 540 46.62 38.28 4.20
CA PHE K 540 47.17 38.38 5.54
C PHE K 540 48.65 38.71 5.53
N ARG K 541 49.37 38.37 4.47
CA ARG K 541 50.76 38.74 4.34
C ARG K 541 50.94 40.05 3.58
N ASN K 542 49.84 40.71 3.23
CA ASN K 542 49.85 42.04 2.62
C ASN K 542 50.51 42.05 1.26
N TYR K 543 50.31 40.97 0.50
CA TYR K 543 50.56 40.97 -0.93
C TYR K 543 49.22 41.11 -1.65
N GLU K 544 49.28 41.55 -2.91
CA GLU K 544 48.09 41.70 -3.73
C GLU K 544 48.25 40.88 -5.00
N TYR K 545 47.11 40.46 -5.57
CA TYR K 545 47.11 39.40 -6.58
C TYR K 545 46.07 39.71 -7.63
N CYS K 546 45.86 38.75 -8.53
CA CYS K 546 44.74 38.72 -9.47
C CYS K 546 44.40 37.26 -9.72
N ARG K 547 43.19 36.86 -9.37
CA ARG K 547 42.77 35.47 -9.47
C ARG K 547 41.95 35.25 -10.74
N ILE K 548 42.33 34.24 -11.51
CA ILE K 548 41.59 33.82 -12.70
C ILE K 548 41.37 32.32 -12.61
N ASP K 549 40.12 31.90 -12.76
CA ASP K 549 39.78 30.49 -12.64
C ASP K 549 38.46 30.25 -13.38
N GLY K 550 37.83 29.12 -13.11
CA GLY K 550 36.60 28.76 -13.77
C GLY K 550 35.39 29.58 -13.35
N SER K 551 35.63 30.71 -12.68
CA SER K 551 34.55 31.57 -12.20
C SER K 551 34.55 32.92 -12.91
N THR K 552 35.69 33.60 -13.01
CA THR K 552 35.72 34.93 -13.60
C THR K 552 35.30 34.89 -15.06
N ALA K 553 34.45 35.83 -15.44
CA ALA K 553 33.99 35.94 -16.82
C ALA K 553 35.11 36.51 -17.69
N HIS K 554 34.83 36.61 -19.00
CA HIS K 554 35.86 37.01 -19.96
C HIS K 554 36.49 38.34 -19.59
N GLU K 555 35.67 39.41 -19.54
CA GLU K 555 36.19 40.74 -19.28
C GLU K 555 37.03 40.78 -18.01
N ASP K 556 36.61 40.06 -16.98
CA ASP K 556 37.41 39.95 -15.77
C ASP K 556 38.78 39.37 -16.08
N ARG K 557 38.83 38.32 -16.90
CA ARG K 557 40.10 37.69 -17.22
C ARG K 557 41.02 38.66 -17.96
N ILE K 558 40.50 39.36 -18.98
CA ILE K 558 41.35 40.27 -19.73
C ILE K 558 41.83 41.42 -18.84
N GLN K 559 40.94 42.00 -18.03
CA GLN K 559 41.37 43.12 -17.20
C GLN K 559 42.38 42.68 -16.16
N ALA K 560 42.21 41.48 -15.57
CA ALA K 560 43.19 40.98 -14.60
C ALA K 560 44.54 40.75 -15.24
N ILE K 561 44.55 40.15 -16.44
CA ILE K 561 45.82 39.93 -17.14
C ILE K 561 46.49 41.26 -17.44
N ASP K 562 45.73 42.25 -17.90
CA ASP K 562 46.31 43.55 -18.19
C ASP K 562 46.86 44.21 -16.93
N ASP K 563 46.10 44.12 -15.83
CA ASP K 563 46.57 44.68 -14.56
C ASP K 563 47.90 44.06 -14.15
N TYR K 564 48.01 42.74 -14.25
CA TYR K 564 49.28 42.11 -13.94
C TYR K 564 50.38 42.55 -14.90
N ASN K 565 50.05 42.71 -16.19
CA ASN K 565 51.04 43.02 -17.20
C ASN K 565 51.18 44.52 -17.45
N ALA K 566 50.80 45.34 -16.49
CA ALA K 566 51.10 46.76 -16.57
C ALA K 566 52.62 46.95 -16.47
N PRO K 567 53.20 47.90 -17.23
CA PRO K 567 54.66 48.04 -17.22
C PRO K 567 55.23 48.41 -15.87
N ASP K 568 54.45 49.03 -14.99
CA ASP K 568 54.81 49.25 -13.59
C ASP K 568 53.65 48.79 -12.71
N SER K 569 53.55 47.48 -12.52
CA SER K 569 52.42 46.86 -11.87
C SER K 569 52.85 46.29 -10.52
N LYS K 570 52.09 46.64 -9.48
CA LYS K 570 52.38 46.17 -8.13
C LYS K 570 51.69 44.83 -7.86
N LYS K 571 51.97 43.86 -8.72
CA LYS K 571 51.38 42.53 -8.68
C LYS K 571 52.47 41.51 -8.42
N PHE K 572 52.60 41.08 -7.16
CA PHE K 572 53.62 40.09 -6.83
C PHE K 572 53.16 38.69 -7.21
N VAL K 573 52.07 38.23 -6.61
CA VAL K 573 51.55 36.89 -6.86
C VAL K 573 50.35 37.00 -7.78
N PHE K 574 50.11 35.94 -8.54
CA PHE K 574 49.08 35.94 -9.58
C PHE K 574 48.55 34.51 -9.74
N LEU K 575 47.46 34.22 -9.04
CA LEU K 575 46.94 32.88 -8.95
C LEU K 575 46.16 32.50 -10.21
N LEU K 576 46.12 31.19 -10.48
CA LEU K 576 45.31 30.62 -11.55
C LEU K 576 44.97 29.18 -11.20
N THR K 577 44.41 28.47 -12.17
CA THR K 577 44.27 27.02 -12.12
C THR K 577 45.02 26.44 -13.31
N THR K 578 45.60 25.25 -13.11
CA THR K 578 46.56 24.72 -14.08
C THR K 578 45.95 24.57 -15.47
N ARG K 579 44.80 23.91 -15.58
CA ARG K 579 44.15 23.72 -16.86
C ARG K 579 42.97 24.69 -16.99
N ALA K 580 43.31 25.96 -17.18
CA ALA K 580 42.30 27.00 -17.33
C ALA K 580 42.87 28.14 -18.17
N GLY K 581 41.96 28.95 -18.70
CA GLY K 581 42.34 30.09 -19.50
C GLY K 581 42.68 29.81 -20.95
N GLY K 582 42.48 28.58 -21.41
CA GLY K 582 42.79 28.29 -22.80
C GLY K 582 44.28 28.37 -23.05
N LEU K 583 44.66 29.05 -24.13
CA LEU K 583 46.06 29.15 -24.52
C LEU K 583 46.49 30.60 -24.71
N GLY K 584 45.52 31.48 -24.99
CA GLY K 584 45.83 32.88 -25.27
C GLY K 584 46.44 33.63 -24.10
N ILE K 585 46.34 33.10 -22.87
CA ILE K 585 46.93 33.76 -21.72
C ILE K 585 48.44 33.77 -21.87
N ASN K 586 49.03 34.97 -21.84
CA ASN K 586 50.47 35.15 -22.00
C ASN K 586 50.99 35.93 -20.81
N LEU K 587 51.89 35.32 -20.05
CA LEU K 587 52.43 35.89 -18.82
C LEU K 587 53.94 35.80 -18.80
N THR K 588 54.58 36.21 -19.91
CA THR K 588 56.04 36.15 -19.98
C THR K 588 56.71 37.08 -18.98
N SER K 589 56.02 38.14 -18.55
CA SER K 589 56.59 39.07 -17.59
C SER K 589 56.85 38.42 -16.24
N ALA K 590 56.26 37.27 -15.96
CA ALA K 590 56.47 36.58 -14.70
C ALA K 590 57.83 35.88 -14.68
N ASP K 591 58.19 35.37 -13.52
CA ASP K 591 59.53 34.82 -13.33
C ASP K 591 59.50 33.40 -12.76
N VAL K 592 58.50 33.09 -11.95
CA VAL K 592 58.44 31.81 -11.24
C VAL K 592 57.03 31.27 -11.28
N VAL K 593 56.91 29.96 -11.52
CA VAL K 593 55.63 29.25 -11.51
C VAL K 593 55.73 28.16 -10.46
N VAL K 594 54.92 28.25 -9.40
CA VAL K 594 54.96 27.28 -8.32
C VAL K 594 53.81 26.32 -8.51
N LEU K 595 54.11 25.13 -9.05
CA LEU K 595 53.11 24.10 -9.24
C LEU K 595 52.79 23.50 -7.88
N TYR K 596 51.87 24.15 -7.18
CA TYR K 596 51.44 23.72 -5.86
C TYR K 596 50.97 22.27 -5.89
N ASP K 597 50.42 21.85 -7.02
CA ASP K 597 50.01 20.46 -7.22
C ASP K 597 50.50 19.96 -8.56
N SER K 598 50.84 18.68 -8.61
CA SER K 598 51.16 18.02 -9.87
C SER K 598 49.89 17.42 -10.46
N ASP K 599 49.95 17.15 -11.76
CA ASP K 599 48.76 16.72 -12.51
C ASP K 599 48.98 15.32 -13.06
N TRP K 600 47.88 14.58 -13.20
CA TRP K 600 47.93 13.25 -13.82
C TRP K 600 48.58 13.31 -15.19
N ASN K 601 48.10 14.19 -16.06
CA ASN K 601 48.65 14.33 -17.39
C ASN K 601 49.86 15.23 -17.33
N PRO K 602 51.06 14.74 -17.64
CA PRO K 602 52.24 15.63 -17.60
C PRO K 602 52.14 16.82 -18.53
N GLN K 603 51.61 16.62 -19.74
CA GLN K 603 51.50 17.72 -20.68
C GLN K 603 50.55 18.81 -20.20
N ALA K 604 49.61 18.50 -19.32
CA ALA K 604 48.79 19.55 -18.73
C ALA K 604 49.67 20.57 -18.00
N ASP K 605 50.60 20.08 -17.18
CA ASP K 605 51.52 20.97 -16.51
C ASP K 605 52.55 21.56 -17.47
N LEU K 606 52.94 20.80 -18.51
CA LEU K 606 53.87 21.32 -19.50
C LEU K 606 53.30 22.56 -20.18
N GLN K 607 52.05 22.48 -20.62
CA GLN K 607 51.36 23.66 -21.16
C GLN K 607 51.21 24.72 -20.08
N ALA K 608 50.87 24.30 -18.86
CA ALA K 608 50.72 25.24 -17.76
C ALA K 608 52.02 25.97 -17.48
N MET K 609 53.11 25.23 -17.23
CA MET K 609 54.37 25.91 -16.95
C MET K 609 55.02 26.49 -18.19
N ASP K 610 54.39 26.34 -19.35
CA ASP K 610 54.77 27.14 -20.52
C ASP K 610 54.05 28.47 -20.60
N ARG K 611 53.05 28.72 -19.73
CA ARG K 611 52.43 30.04 -19.69
C ARG K 611 53.45 31.13 -19.37
N ALA K 612 54.52 30.79 -18.66
CA ALA K 612 55.60 31.72 -18.39
C ALA K 612 56.79 31.52 -19.33
N HIS K 613 56.98 30.31 -19.84
CA HIS K 613 58.06 30.00 -20.75
C HIS K 613 57.69 30.25 -22.21
N ARG K 614 56.49 30.75 -22.47
CA ARG K 614 56.03 30.99 -23.83
C ARG K 614 56.94 32.01 -24.51
N ILE K 615 56.94 31.98 -25.85
CA ILE K 615 57.78 32.87 -26.64
C ILE K 615 57.59 34.30 -26.18
N GLY K 616 58.71 35.03 -26.07
CA GLY K 616 58.73 36.38 -25.56
C GLY K 616 59.32 36.52 -24.18
N GLN K 617 59.36 35.44 -23.40
CA GLN K 617 59.96 35.49 -22.08
C GLN K 617 61.46 35.82 -22.20
N LYS K 618 61.90 36.78 -21.39
CA LYS K 618 63.24 37.34 -21.54
C LYS K 618 64.28 36.66 -20.64
N LYS K 619 63.97 36.51 -19.36
CA LYS K 619 64.93 36.04 -18.37
C LYS K 619 64.60 34.61 -17.97
N GLN K 620 65.64 33.87 -17.59
CA GLN K 620 65.50 32.47 -17.19
C GLN K 620 64.51 32.34 -16.04
N VAL K 621 63.61 31.37 -16.15
CA VAL K 621 62.54 31.19 -15.18
C VAL K 621 62.74 29.88 -14.43
N LYS K 622 62.16 29.83 -13.24
CA LYS K 622 62.19 28.64 -12.39
C LYS K 622 60.78 28.19 -12.11
N VAL K 623 60.58 26.87 -12.06
CA VAL K 623 59.24 26.32 -11.87
C VAL K 623 59.27 25.26 -10.77
N PHE K 624 58.84 25.64 -9.57
CA PHE K 624 58.83 24.72 -8.44
C PHE K 624 57.61 23.82 -8.49
N ARG K 625 57.75 22.64 -7.88
CA ARG K 625 56.66 21.66 -7.83
C ARG K 625 56.69 21.01 -6.46
N LEU K 626 55.84 21.49 -5.56
CA LEU K 626 55.77 20.91 -4.23
C LEU K 626 55.30 19.46 -4.30
N VAL K 627 55.91 18.61 -3.48
CA VAL K 627 55.55 17.20 -3.41
C VAL K 627 55.44 16.81 -1.94
N THR K 628 54.36 16.11 -1.58
CA THR K 628 54.20 15.59 -0.23
C THR K 628 54.90 14.24 -0.16
N ASP K 629 56.09 14.21 0.41
CA ASP K 629 56.88 12.99 0.46
C ASP K 629 56.17 11.91 1.25
N ASN K 630 56.30 10.67 0.77
CA ASN K 630 55.70 9.49 1.40
C ASN K 630 54.18 9.63 1.51
N SER K 631 53.56 9.78 0.34
CA SER K 631 52.11 9.93 0.28
C SER K 631 51.65 9.60 -1.15
N VAL K 632 50.38 9.90 -1.43
CA VAL K 632 49.83 9.66 -2.75
C VAL K 632 50.56 10.48 -3.80
N GLU K 633 50.89 11.73 -3.47
CA GLU K 633 51.51 12.62 -4.44
C GLU K 633 52.77 12.02 -5.04
N GLU K 634 53.50 11.20 -4.28
CA GLU K 634 54.65 10.51 -4.84
C GLU K 634 54.22 9.53 -5.92
N LYS K 635 53.12 8.80 -5.68
CA LYS K 635 52.60 7.88 -6.70
C LYS K 635 52.17 8.66 -7.94
N ILE K 636 51.50 9.79 -7.74
CA ILE K 636 51.07 10.60 -8.87
C ILE K 636 52.25 11.08 -9.68
N LEU K 637 53.29 11.56 -9.00
CA LEU K 637 54.49 12.02 -9.70
C LEU K 637 55.15 10.86 -10.45
N GLU K 638 55.20 9.68 -9.82
CA GLU K 638 55.76 8.51 -10.48
C GLU K 638 55.04 8.19 -11.77
N ARG K 639 53.70 8.13 -11.72
CA ARG K 639 52.93 7.78 -12.90
C ARG K 639 53.04 8.88 -13.97
N ALA K 640 53.05 10.15 -13.53
CA ALA K 640 53.21 11.23 -14.49
C ALA K 640 54.55 11.16 -15.20
N THR K 641 55.61 10.79 -14.47
CA THR K 641 56.91 10.61 -15.11
C THR K 641 56.91 9.40 -16.04
N GLN K 642 56.19 8.34 -15.68
CA GLN K 642 56.01 7.23 -16.59
C GLN K 642 55.47 7.72 -17.93
N LYS K 643 54.37 8.49 -17.88
CA LYS K 643 53.74 8.94 -19.11
C LYS K 643 54.63 9.94 -19.85
N LEU K 644 55.33 10.80 -19.13
CA LEU K 644 56.20 11.77 -19.79
C LEU K 644 57.33 11.08 -20.53
N ARG K 645 57.96 10.09 -19.91
CA ARG K 645 59.00 9.35 -20.64
C ARG K 645 58.41 8.54 -21.78
N LEU K 646 57.19 8.02 -21.62
CA LEU K 646 56.54 7.32 -22.72
C LEU K 646 56.41 8.25 -23.93
N ASP K 647 55.93 9.46 -23.69
CA ASP K 647 55.82 10.46 -24.75
C ASP K 647 57.18 10.72 -25.38
N GLN K 648 58.19 10.97 -24.55
CA GLN K 648 59.52 11.29 -25.06
C GLN K 648 60.04 10.17 -25.95
N LEU K 649 60.01 8.94 -25.45
CA LEU K 649 60.51 7.80 -26.19
C LEU K 649 59.76 7.62 -27.51
N VAL K 650 58.43 7.73 -27.47
CA VAL K 650 57.64 7.43 -28.65
C VAL K 650 57.84 8.47 -29.73
N ILE K 651 57.79 9.75 -29.36
CA ILE K 651 57.71 10.83 -30.34
C ILE K 651 58.92 11.76 -30.26
N GLN K 652 59.29 12.21 -29.06
CA GLN K 652 60.24 13.30 -28.94
C GLN K 652 61.62 12.94 -29.48
N GLN K 653 61.93 11.64 -29.61
CA GLN K 653 63.21 11.24 -30.17
C GLN K 653 63.21 11.35 -31.69
N ASN K 654 62.23 10.72 -32.34
CA ASN K 654 62.16 10.70 -33.80
C ASN K 654 61.40 11.93 -34.30
N ARG K 655 62.01 13.09 -34.09
CA ARG K 655 61.43 14.36 -34.53
C ARG K 655 61.27 14.38 -36.05
N ASP K 704 57.14 23.77 12.21
CA ASP K 704 58.39 24.52 12.25
C ASP K 704 59.05 24.52 10.88
N ASP K 705 60.00 25.44 10.68
CA ASP K 705 60.70 25.54 9.40
C ASP K 705 61.53 24.27 9.15
N ILE K 706 61.83 24.04 7.88
CA ILE K 706 62.50 22.82 7.46
C ILE K 706 63.90 23.12 6.88
N ASP K 707 64.40 24.33 7.10
CA ASP K 707 65.74 24.72 6.67
C ASP K 707 65.92 24.51 5.16
N LEU K 708 65.18 25.34 4.43
CA LEU K 708 64.85 25.18 3.01
C LEU K 708 65.96 24.58 2.15
N ASP K 709 67.22 24.94 2.41
CA ASP K 709 68.31 24.47 1.56
C ASP K 709 68.48 22.95 1.67
N GLU K 710 68.40 22.41 2.89
CA GLU K 710 68.55 20.97 3.05
C GLU K 710 67.40 20.21 2.38
N LEU K 711 66.18 20.74 2.48
CA LEU K 711 65.05 20.13 1.77
C LEU K 711 65.27 20.18 0.26
N LEU K 712 65.77 21.31 -0.23
CA LEU K 712 66.06 21.44 -1.66
C LEU K 712 67.05 20.36 -2.10
N LEU K 713 68.15 20.21 -1.38
CA LEU K 713 69.17 19.25 -1.78
C LEU K 713 68.65 17.81 -1.69
N LYS K 714 67.95 17.47 -0.61
CA LYS K 714 67.42 16.13 -0.45
C LYS K 714 66.42 15.80 -1.55
N SER K 715 65.54 16.75 -1.87
CA SER K 715 64.56 16.53 -2.92
C SER K 715 65.24 16.42 -4.29
N GLU K 716 66.31 17.18 -4.51
CA GLU K 716 67.05 17.08 -5.77
C GLU K 716 67.68 15.69 -5.91
N ASN K 717 68.24 15.17 -4.81
CA ASN K 717 68.76 13.81 -4.82
C ASN K 717 67.67 12.79 -5.11
N LYS K 718 66.48 12.99 -4.51
CA LYS K 718 65.37 12.09 -4.79
C LYS K 718 64.96 12.14 -6.26
N THR K 719 64.95 13.34 -6.83
CA THR K 719 64.59 13.49 -8.25
C THR K 719 65.59 12.76 -9.14
N LYS K 720 66.88 12.90 -8.84
CA LYS K 720 67.88 12.17 -9.61
C LYS K 720 67.69 10.67 -9.47
N SER K 721 67.38 10.21 -8.26
CA SER K 721 67.18 8.78 -8.04
C SER K 721 66.01 8.24 -8.85
N LEU K 722 64.88 8.95 -8.83
CA LEU K 722 63.72 8.48 -9.59
C LEU K 722 63.94 8.59 -11.10
N ASN K 723 64.64 9.63 -11.55
CA ASN K 723 64.97 9.73 -12.97
C ASN K 723 65.83 8.56 -13.41
N ALA K 724 66.83 8.20 -12.59
CA ALA K 724 67.62 7.02 -12.89
C ALA K 724 66.77 5.76 -12.89
N LYS K 725 65.82 5.67 -11.95
CA LYS K 725 64.95 4.49 -11.89
C LYS K 725 64.15 4.32 -13.17
N TYR K 726 63.55 5.41 -13.68
CA TYR K 726 62.64 5.29 -14.80
C TYR K 726 63.30 5.51 -16.17
N GLU K 727 64.57 5.91 -16.21
CA GLU K 727 65.21 6.16 -17.51
C GLU K 727 65.34 4.87 -18.31
N THR K 728 65.62 3.75 -17.65
CA THR K 728 66.01 2.52 -18.33
C THR K 728 64.83 1.58 -18.59
N LEU K 729 63.60 2.07 -18.53
CA LEU K 729 62.45 1.19 -18.69
C LEU K 729 62.16 0.95 -20.17
N GLY K 730 61.32 -0.04 -20.45
CA GLY K 730 60.99 -0.44 -21.80
C GLY K 730 59.51 -0.23 -22.09
N LEU K 731 59.19 -0.28 -23.39
CA LEU K 731 57.85 0.11 -23.85
C LEU K 731 56.76 -0.71 -23.16
N ASP K 732 56.73 -2.02 -23.42
CA ASP K 732 55.79 -2.89 -22.72
C ASP K 732 55.98 -2.81 -21.22
N ASP K 733 57.21 -2.57 -20.77
CA ASP K 733 57.49 -2.46 -19.34
C ASP K 733 56.94 -1.15 -18.80
N LEU K 734 57.14 -0.05 -19.55
CA LEU K 734 56.57 1.25 -19.18
C LEU K 734 55.06 1.25 -19.14
N GLN K 735 54.40 0.42 -19.95
CA GLN K 735 52.95 0.47 -20.03
C GLN K 735 52.25 -0.34 -18.95
N LYS K 736 52.96 -0.80 -17.92
CA LYS K 736 52.30 -1.68 -16.94
C LYS K 736 51.23 -0.93 -16.16
N PHE K 737 51.50 0.31 -15.75
CA PHE K 737 50.64 1.04 -14.82
C PHE K 737 50.39 0.19 -13.57
N ASN K 738 51.50 -0.01 -12.84
CA ASN K 738 51.59 -0.90 -11.70
C ASN K 738 50.43 -0.79 -10.72
N GLN K 739 49.76 0.37 -10.70
CA GLN K 739 48.60 0.65 -9.84
C GLN K 739 48.81 0.11 -8.42
N ASP K 740 49.93 0.51 -7.82
CA ASP K 740 50.19 0.19 -6.42
C ASP K 740 49.11 0.82 -5.54
N SER K 741 48.32 -0.01 -4.86
CA SER K 741 47.22 0.49 -4.06
C SER K 741 47.75 1.43 -2.98
N ALA K 742 47.26 2.67 -2.99
CA ALA K 742 47.71 3.69 -2.05
C ALA K 742 46.91 3.70 -0.76
N TYR K 743 45.92 2.82 -0.62
CA TYR K 743 45.18 2.74 0.64
C TYR K 743 46.11 2.32 1.77
N GLU K 744 46.94 1.33 1.54
CA GLU K 744 47.93 0.92 2.54
C GLU K 744 49.15 1.83 2.44
N TRP K 745 49.52 2.45 3.56
CA TRP K 745 50.60 3.43 3.58
C TRP K 745 51.65 3.09 4.62
N ASN K 746 51.21 2.61 5.79
CA ASN K 746 52.12 2.14 6.83
C ASN K 746 51.67 0.80 7.40
N GLY K 747 50.83 0.06 6.68
CA GLY K 747 50.24 -1.16 7.17
C GLY K 747 48.75 -1.00 7.36
N GLN K 748 47.97 -1.56 6.44
CA GLN K 748 46.53 -1.38 6.43
C GLN K 748 45.87 -2.71 6.10
N ASP K 749 44.58 -2.82 6.42
CA ASP K 749 43.86 -4.09 6.31
C ASP K 749 42.55 -3.96 5.56
N PHE K 750 42.34 -2.87 4.82
CA PHE K 750 41.09 -2.63 4.10
C PHE K 750 39.89 -2.65 5.04
N LYS K 751 40.07 -2.11 6.25
CA LYS K 751 39.05 -2.15 7.28
C LYS K 751 38.78 -0.74 7.79
N LYS K 752 37.66 -0.17 7.37
CA LYS K 752 37.21 1.14 7.82
C LYS K 752 38.27 2.21 7.63
N LEU K 764 23.62 1.58 21.46
CA LEU K 764 23.85 2.59 22.48
C LEU K 764 22.90 2.39 23.66
N ASN K 765 22.31 1.20 23.73
CA ASN K 765 21.35 0.84 24.76
C ASN K 765 20.22 1.87 24.90
N PRO K 766 19.42 2.08 23.84
CA PRO K 766 18.27 2.98 23.99
C PRO K 766 17.28 2.45 25.00
N THR K 767 16.81 3.34 25.88
CA THR K 767 15.95 2.98 27.00
C THR K 767 14.90 4.07 27.21
N LYS K 768 13.64 3.65 27.38
CA LYS K 768 12.65 4.49 28.04
C LYS K 768 12.39 5.82 27.33
N ARG K 769 11.62 5.79 26.25
CA ARG K 769 11.46 6.93 25.36
C ARG K 769 10.36 7.83 25.89
N GLU K 770 9.86 8.74 25.05
CA GLU K 770 9.06 9.86 25.54
C GLU K 770 7.71 9.40 26.07
N ARG K 771 7.73 8.58 27.12
CA ARG K 771 6.53 8.12 27.83
C ARG K 771 5.53 9.24 28.03
N LYS K 772 4.25 8.95 27.84
CA LYS K 772 3.19 9.94 27.80
C LYS K 772 2.98 10.48 29.23
N GLU K 773 2.17 11.53 29.36
CA GLU K 773 2.13 12.28 30.61
C GLU K 773 0.80 12.14 31.36
N ASN K 774 -0.32 12.45 30.72
CA ASN K 774 -1.63 12.22 31.38
C ASN K 774 -2.67 11.65 30.44
N TYR K 775 -3.85 11.38 30.96
CA TYR K 775 -4.89 10.76 30.15
C TYR K 775 -6.26 11.04 30.73
N ASP L 101 -33.66 -29.11 57.23
CA ASP L 101 -33.08 -29.71 56.03
C ASP L 101 -33.33 -31.22 56.00
N LEU L 102 -32.43 -31.97 56.65
CA LEU L 102 -32.51 -33.42 56.61
C LEU L 102 -33.72 -33.97 57.33
N GLU L 103 -34.25 -33.26 58.33
CA GLU L 103 -35.42 -33.76 59.03
C GLU L 103 -36.62 -33.88 58.09
N GLY L 104 -36.82 -32.87 57.24
CA GLY L 104 -37.80 -33.01 56.18
C GLY L 104 -37.33 -33.91 55.06
N THR L 105 -36.04 -33.81 54.72
CA THR L 105 -35.50 -34.61 53.61
C THR L 105 -35.65 -36.10 53.90
N THR L 106 -35.30 -36.53 55.11
CA THR L 106 -35.50 -37.93 55.47
C THR L 106 -36.98 -38.28 55.52
N LYS L 107 -37.77 -37.46 56.23
CA LYS L 107 -39.18 -37.78 56.45
C LYS L 107 -39.94 -37.96 55.13
N ARG L 108 -39.58 -37.19 54.10
CA ARG L 108 -40.25 -37.34 52.81
C ARG L 108 -39.95 -38.69 52.18
N PHE L 109 -38.77 -39.26 52.45
CA PHE L 109 -38.36 -40.49 51.81
C PHE L 109 -39.32 -41.64 52.12
N GLU L 110 -39.42 -42.02 53.40
CA GLU L 110 -40.29 -43.14 53.74
C GLU L 110 -41.76 -42.79 53.50
N HIS L 111 -42.10 -41.51 53.55
CA HIS L 111 -43.47 -41.11 53.20
C HIS L 111 -43.77 -41.43 51.74
N LEU L 112 -42.78 -41.22 50.86
CA LEU L 112 -42.91 -41.73 49.49
C LEU L 112 -43.04 -43.24 49.51
N LEU L 113 -42.19 -43.92 50.29
CA LEU L 113 -42.31 -45.36 50.46
C LEU L 113 -43.60 -45.76 51.15
N SER L 114 -44.20 -44.85 51.92
CA SER L 114 -45.43 -45.18 52.64
C SER L 114 -46.60 -45.32 51.69
N LEU L 115 -46.94 -44.26 50.97
CA LEU L 115 -48.09 -44.28 50.06
C LEU L 115 -47.63 -44.80 48.71
N SER L 116 -47.83 -46.10 48.48
CA SER L 116 -47.49 -46.77 47.23
C SER L 116 -46.04 -46.50 46.84
N GLY L 117 -45.13 -46.87 47.74
CA GLY L 117 -43.72 -46.63 47.53
C GLY L 117 -43.09 -47.61 46.54
N LEU L 118 -43.70 -47.72 45.37
CA LEU L 118 -43.33 -48.72 44.38
C LEU L 118 -42.22 -48.24 43.45
N PHE L 119 -41.62 -47.08 43.75
CA PHE L 119 -40.61 -46.47 42.90
C PHE L 119 -39.42 -47.41 42.69
N LYS L 120 -38.68 -47.66 43.77
CA LYS L 120 -37.56 -48.61 43.81
C LYS L 120 -36.45 -48.34 42.80
N HIS L 121 -36.40 -47.16 42.17
CA HIS L 121 -35.28 -46.85 41.30
C HIS L 121 -34.47 -45.66 41.78
N PHE L 122 -35.08 -44.49 41.92
CA PHE L 122 -34.32 -43.29 42.29
C PHE L 122 -34.45 -42.95 43.76
N ILE L 123 -35.39 -43.57 44.47
CA ILE L 123 -35.49 -43.35 45.92
C ILE L 123 -34.20 -43.78 46.60
N GLU L 124 -33.49 -44.76 46.03
CA GLU L 124 -32.22 -45.23 46.57
C GLU L 124 -31.02 -44.83 45.73
N SER L 125 -31.16 -44.71 44.41
CA SER L 125 -30.03 -44.26 43.59
C SER L 125 -29.83 -42.76 43.73
N LYS L 126 -30.91 -42.00 43.81
CA LYS L 126 -30.86 -40.54 43.95
C LYS L 126 -30.06 -39.89 42.84
N LYS L 132 -25.95 -36.62 46.95
CA LYS L 132 -25.29 -37.42 47.98
C LYS L 132 -26.20 -37.63 49.19
N PHE L 133 -27.40 -38.12 48.95
CA PHE L 133 -28.34 -38.47 50.01
C PHE L 133 -28.25 -39.94 50.40
N ARG L 134 -27.37 -40.71 49.77
CA ARG L 134 -27.30 -42.14 50.05
C ARG L 134 -26.92 -42.41 51.51
N GLN L 135 -25.89 -41.72 52.00
CA GLN L 135 -25.50 -41.90 53.40
C GLN L 135 -26.55 -41.35 54.35
N VAL L 136 -27.33 -40.36 53.90
CA VAL L 136 -28.39 -39.80 54.74
C VAL L 136 -29.45 -40.85 55.04
N LEU L 137 -29.87 -41.59 54.01
CA LEU L 137 -30.84 -42.65 54.19
C LEU L 137 -30.20 -43.96 54.62
N ASP L 138 -28.87 -44.05 54.57
CA ASP L 138 -28.18 -45.23 55.09
C ASP L 138 -28.39 -45.41 56.59
N VAL L 139 -28.74 -44.33 57.30
CA VAL L 139 -29.04 -44.45 58.73
C VAL L 139 -30.32 -45.25 58.93
N LEU L 140 -31.32 -45.00 58.10
CA LEU L 140 -32.63 -45.64 58.23
C LEU L 140 -32.75 -46.91 57.38
N GLU L 141 -31.68 -47.36 56.76
CA GLU L 141 -31.75 -48.55 55.92
C GLU L 141 -32.06 -49.81 56.71
N GLU L 142 -31.86 -49.79 58.03
CA GLU L 142 -32.15 -50.98 58.83
C GLU L 142 -33.63 -51.33 58.80
N ASN L 143 -34.49 -50.33 58.88
CA ASN L 143 -35.94 -50.56 58.85
C ASN L 143 -36.42 -50.88 57.44
N GLN L 184 -61.66 -34.85 58.12
CA GLN L 184 -60.68 -33.92 57.59
C GLN L 184 -61.30 -33.06 56.49
N PHE L 185 -62.10 -32.09 56.91
CA PHE L 185 -62.70 -31.09 56.02
C PHE L 185 -63.69 -31.70 55.02
N ARG L 186 -64.25 -32.87 55.32
CA ARG L 186 -65.27 -33.49 54.46
C ARG L 186 -66.58 -32.70 54.41
N GLU L 187 -66.69 -31.53 55.02
CA GLU L 187 -67.97 -30.83 55.16
C GLU L 187 -68.09 -29.64 54.23
N SER L 188 -67.22 -29.53 53.23
CA SER L 188 -67.11 -28.33 52.40
C SER L 188 -66.95 -27.10 53.29
N PRO L 189 -65.87 -27.04 54.07
CA PRO L 189 -65.80 -26.04 55.15
C PRO L 189 -65.80 -24.62 54.63
N ALA L 190 -66.29 -23.72 55.47
CA ALA L 190 -66.52 -22.33 55.09
C ALA L 190 -65.72 -21.35 55.94
N TYR L 191 -64.51 -21.73 56.37
CA TYR L 191 -63.63 -20.74 56.98
C TYR L 191 -63.32 -19.63 55.99
N VAL L 192 -63.00 -20.00 54.76
CA VAL L 192 -63.12 -19.07 53.63
C VAL L 192 -64.59 -19.04 53.24
N ASN L 193 -65.09 -17.84 52.93
CA ASN L 193 -66.52 -17.68 52.71
C ASN L 193 -66.98 -18.50 51.50
N GLY L 194 -68.23 -18.97 51.57
CA GLY L 194 -68.84 -19.70 50.49
C GLY L 194 -68.79 -21.21 50.67
N GLN L 195 -69.61 -21.89 49.87
CA GLN L 195 -69.71 -23.33 49.89
C GLN L 195 -68.88 -23.91 48.75
N LEU L 196 -68.23 -25.04 49.00
CA LEU L 196 -67.34 -25.67 48.04
C LEU L 196 -68.04 -26.91 47.49
N ARG L 197 -68.16 -26.98 46.18
CA ARG L 197 -68.85 -28.12 45.58
C ARG L 197 -68.04 -29.40 45.82
N PRO L 198 -68.72 -30.54 45.94
CA PRO L 198 -68.11 -31.69 46.64
C PRO L 198 -66.77 -32.13 46.08
N TYR L 199 -66.59 -32.16 44.76
CA TYR L 199 -65.34 -32.65 44.19
C TYR L 199 -64.19 -31.68 44.33
N GLN L 200 -64.44 -30.45 44.76
CA GLN L 200 -63.36 -29.48 44.91
C GLN L 200 -62.63 -29.64 46.25
N ILE L 201 -63.32 -30.17 47.26
CA ILE L 201 -62.73 -30.21 48.60
C ILE L 201 -61.51 -31.12 48.65
N GLN L 202 -61.64 -32.36 48.16
CA GLN L 202 -60.56 -33.32 48.30
C GLN L 202 -59.28 -32.84 47.67
N GLY L 203 -59.37 -32.02 46.63
CA GLY L 203 -58.19 -31.36 46.11
C GLY L 203 -57.53 -30.47 47.16
N VAL L 204 -58.34 -29.68 47.87
CA VAL L 204 -57.80 -28.82 48.92
C VAL L 204 -57.19 -29.68 50.03
N ASN L 205 -57.92 -30.72 50.46
CA ASN L 205 -57.36 -31.63 51.45
C ASN L 205 -56.12 -32.32 50.92
N TRP L 206 -56.09 -32.62 49.62
CA TRP L 206 -54.87 -33.14 49.03
C TRP L 206 -53.74 -32.14 49.18
N LEU L 207 -54.03 -30.86 48.92
CA LEU L 207 -53.06 -29.81 49.22
C LEU L 207 -52.78 -29.76 50.72
N VAL L 208 -53.84 -29.85 51.54
CA VAL L 208 -53.66 -29.85 52.99
C VAL L 208 -52.84 -31.07 53.40
N SER L 209 -53.19 -32.25 52.89
CA SER L 209 -52.43 -33.45 53.21
C SER L 209 -50.99 -33.31 52.75
N LEU L 210 -50.77 -32.78 51.54
CA LEU L 210 -49.42 -32.53 51.07
C LEU L 210 -48.70 -31.53 51.97
N HIS L 211 -49.41 -30.49 52.42
CA HIS L 211 -48.85 -29.58 53.40
C HIS L 211 -48.63 -30.27 54.73
N LYS L 212 -49.63 -31.01 55.21
CA LYS L 212 -49.50 -31.73 56.47
C LYS L 212 -48.38 -32.76 56.42
N ASN L 213 -48.11 -33.30 55.24
CA ASN L 213 -46.93 -34.14 55.01
C ASN L 213 -45.71 -33.33 54.61
N LYS L 214 -45.91 -32.06 54.22
CA LYS L 214 -44.83 -31.14 53.85
C LYS L 214 -44.08 -31.63 52.60
N ILE L 215 -44.84 -31.80 51.52
CA ILE L 215 -44.30 -32.04 50.19
C ILE L 215 -45.06 -31.15 49.21
N ALA L 216 -44.34 -30.60 48.23
CA ALA L 216 -44.96 -29.82 47.18
C ALA L 216 -45.77 -30.71 46.24
N GLY L 217 -46.74 -30.11 45.56
CA GLY L 217 -47.58 -30.85 44.63
C GLY L 217 -48.10 -29.93 43.55
N ILE L 218 -48.36 -30.51 42.38
CA ILE L 218 -48.96 -29.81 41.25
C ILE L 218 -50.38 -30.30 41.07
N LEU L 219 -51.33 -29.38 41.01
CA LEU L 219 -52.68 -29.77 40.64
C LEU L 219 -52.84 -29.65 39.13
N ALA L 220 -53.75 -30.45 38.58
CA ALA L 220 -53.95 -30.53 37.15
C ALA L 220 -55.44 -30.44 36.83
N ASP L 221 -56.12 -29.50 37.48
CA ASP L 221 -57.51 -29.23 37.16
C ASP L 221 -57.62 -28.71 35.74
N GLU L 222 -58.69 -29.09 35.06
CA GLU L 222 -58.86 -28.65 33.69
C GLU L 222 -59.40 -27.22 33.64
N MET L 223 -59.30 -26.61 32.46
CA MET L 223 -59.63 -25.20 32.31
C MET L 223 -61.10 -24.96 32.62
N GLY L 224 -61.38 -23.88 33.35
CA GLY L 224 -62.73 -23.51 33.72
C GLY L 224 -63.29 -24.23 34.92
N LEU L 225 -62.49 -25.05 35.60
CA LEU L 225 -62.96 -25.88 36.71
C LEU L 225 -62.89 -25.17 38.06
N GLY L 226 -62.44 -23.92 38.11
CA GLY L 226 -62.33 -23.22 39.37
C GLY L 226 -61.03 -23.44 40.10
N LYS L 227 -59.90 -23.50 39.38
CA LYS L 227 -58.61 -23.60 40.04
C LYS L 227 -58.35 -22.38 40.92
N THR L 228 -58.88 -21.23 40.53
CA THR L 228 -58.71 -20.00 41.32
C THR L 228 -59.22 -20.19 42.74
N LEU L 229 -60.46 -20.64 42.88
CA LEU L 229 -61.01 -20.88 44.22
C LEU L 229 -60.22 -21.95 44.94
N GLN L 230 -59.91 -23.04 44.25
CA GLN L 230 -59.21 -24.14 44.90
C GLN L 230 -57.78 -23.76 45.27
N THR L 231 -57.27 -22.65 44.73
CA THR L 231 -55.95 -22.16 45.12
C THR L 231 -56.03 -21.33 46.40
N ILE L 232 -56.84 -20.26 46.38
CA ILE L 232 -56.92 -19.36 47.51
C ILE L 232 -57.49 -20.05 48.74
N SER L 233 -58.29 -21.10 48.54
CA SER L 233 -58.82 -21.84 49.67
C SER L 233 -57.70 -22.42 50.51
N PHE L 234 -56.67 -22.95 49.85
CA PHE L 234 -55.54 -23.51 50.57
C PHE L 234 -54.83 -22.44 51.40
N LEU L 235 -54.65 -21.24 50.85
CA LEU L 235 -54.04 -20.16 51.62
C LEU L 235 -54.91 -19.78 52.81
N GLY L 236 -56.23 -19.79 52.63
CA GLY L 236 -57.11 -19.56 53.77
C GLY L 236 -56.93 -20.60 54.86
N TYR L 237 -56.67 -21.85 54.47
CA TYR L 237 -56.37 -22.90 55.43
C TYR L 237 -55.17 -22.52 56.30
N LEU L 238 -54.11 -22.04 55.66
CA LEU L 238 -52.93 -21.60 56.41
C LEU L 238 -53.25 -20.42 57.31
N ARG L 239 -54.06 -19.47 56.80
CA ARG L 239 -54.37 -18.28 57.59
C ARG L 239 -55.31 -18.60 58.74
N TYR L 240 -56.29 -19.48 58.52
CA TYR L 240 -57.28 -19.76 59.54
C TYR L 240 -56.92 -20.97 60.41
N ILE L 241 -56.80 -22.14 59.80
CA ILE L 241 -56.53 -23.35 60.57
C ILE L 241 -55.11 -23.34 61.12
N GLU L 242 -54.13 -23.00 60.28
CA GLU L 242 -52.74 -23.00 60.72
C GLU L 242 -52.27 -21.65 61.24
N LYS L 243 -53.02 -20.58 60.96
CA LYS L 243 -52.71 -19.24 61.44
C LYS L 243 -51.31 -18.78 61.00
N ILE L 244 -51.04 -18.97 59.71
CA ILE L 244 -49.78 -18.54 59.12
C ILE L 244 -50.08 -17.66 57.92
N PRO L 245 -50.49 -16.41 58.11
CA PRO L 245 -50.83 -15.53 56.98
C PRO L 245 -49.59 -14.88 56.37
N GLY L 246 -49.25 -15.28 55.14
CA GLY L 246 -48.22 -14.63 54.37
C GLY L 246 -46.82 -14.87 54.88
N PRO L 247 -45.82 -14.48 54.06
CA PRO L 247 -45.98 -13.98 52.69
C PRO L 247 -46.10 -15.07 51.62
N PHE L 248 -46.68 -14.73 50.46
CA PHE L 248 -46.75 -15.62 49.32
C PHE L 248 -46.74 -14.82 48.04
N LEU L 249 -46.36 -15.47 46.94
CA LEU L 249 -46.41 -14.87 45.62
C LEU L 249 -47.62 -15.40 44.84
N VAL L 250 -47.99 -14.65 43.80
CA VAL L 250 -49.12 -15.00 42.94
C VAL L 250 -48.63 -14.93 41.50
N ILE L 251 -47.38 -15.31 41.26
CA ILE L 251 -46.81 -15.29 39.92
C ILE L 251 -47.81 -15.83 38.91
N ALA L 252 -48.16 -15.03 37.92
CA ALA L 252 -49.25 -15.33 37.01
C ALA L 252 -49.02 -14.59 35.70
N PRO L 253 -49.73 -14.96 34.65
CA PRO L 253 -49.64 -14.18 33.40
C PRO L 253 -50.19 -12.77 33.56
N LYS L 254 -49.66 -11.87 32.74
CA LYS L 254 -50.04 -10.46 32.80
C LYS L 254 -51.54 -10.27 32.61
N SER L 255 -52.18 -11.12 31.80
CA SER L 255 -53.62 -10.99 31.57
C SER L 255 -54.41 -11.25 32.85
N THR L 256 -54.00 -12.22 33.65
CA THR L 256 -54.73 -12.62 34.84
C THR L 256 -54.19 -11.98 36.11
N LEU L 257 -53.40 -10.91 35.99
CA LEU L 257 -52.85 -10.26 37.18
C LEU L 257 -53.96 -9.78 38.11
N ASN L 258 -54.90 -9.01 37.58
CA ASN L 258 -55.97 -8.48 38.41
C ASN L 258 -57.07 -9.51 38.66
N ASN L 259 -57.19 -10.51 37.78
CA ASN L 259 -58.33 -11.41 37.84
C ASN L 259 -58.36 -12.19 39.15
N TRP L 260 -57.21 -12.70 39.60
CA TRP L 260 -57.20 -13.48 40.83
C TRP L 260 -57.61 -12.62 42.02
N LEU L 261 -57.11 -11.39 42.09
CA LEU L 261 -57.53 -10.50 43.16
C LEU L 261 -59.04 -10.30 43.17
N ARG L 262 -59.64 -10.24 41.99
CA ARG L 262 -61.10 -10.19 41.91
C ARG L 262 -61.71 -11.44 42.54
N GLU L 263 -61.17 -12.61 42.21
CA GLU L 263 -61.67 -13.83 42.81
C GLU L 263 -61.18 -14.03 44.24
N ILE L 264 -60.05 -13.41 44.62
CA ILE L 264 -59.54 -13.58 45.98
C ILE L 264 -60.54 -13.04 47.00
N ASN L 265 -61.08 -11.84 46.75
CA ASN L 265 -61.93 -11.21 47.75
C ASN L 265 -63.31 -11.83 47.81
N ARG L 266 -63.74 -12.53 46.74
CA ARG L 266 -65.14 -12.94 46.70
C ARG L 266 -65.36 -14.21 47.53
N TRP L 267 -64.28 -14.89 47.91
CA TRP L 267 -64.38 -15.98 48.86
C TRP L 267 -63.56 -15.79 50.13
N THR L 268 -62.71 -14.77 50.20
CA THR L 268 -61.89 -14.56 51.38
C THR L 268 -61.53 -13.09 51.48
N PRO L 269 -62.47 -12.26 51.95
CA PRO L 269 -62.13 -10.85 52.20
C PRO L 269 -61.18 -10.70 53.37
N ASP L 270 -60.81 -9.45 53.67
CA ASP L 270 -59.84 -9.13 54.72
C ASP L 270 -58.52 -9.86 54.47
N VAL L 271 -57.93 -9.53 53.32
CA VAL L 271 -56.73 -10.18 52.84
C VAL L 271 -55.74 -9.12 52.39
N ASN L 272 -54.46 -9.47 52.44
CA ASN L 272 -53.36 -8.56 52.14
C ASN L 272 -52.87 -8.85 50.73
N ALA L 273 -53.55 -8.27 49.75
CA ALA L 273 -53.19 -8.43 48.34
C ALA L 273 -52.64 -7.09 47.84
N PHE L 274 -51.38 -7.09 47.44
CA PHE L 274 -50.63 -5.87 47.15
C PHE L 274 -49.95 -5.95 45.79
N ILE L 275 -50.73 -6.22 44.75
CA ILE L 275 -50.23 -6.41 43.38
C ILE L 275 -49.13 -5.42 43.04
N LEU L 276 -48.04 -5.93 42.48
CA LEU L 276 -46.90 -5.12 42.07
C LEU L 276 -46.90 -5.05 40.55
N GLN L 277 -47.44 -3.95 40.02
CA GLN L 277 -47.52 -3.81 38.58
C GLN L 277 -47.65 -2.32 38.25
N GLY L 278 -47.14 -1.95 37.09
CA GLY L 278 -47.22 -0.60 36.61
C GLY L 278 -45.91 -0.17 35.99
N ASP L 279 -45.76 1.13 35.83
CA ASP L 279 -44.59 1.69 35.19
C ASP L 279 -43.39 1.57 36.14
N LYS L 280 -42.25 2.11 35.71
CA LYS L 280 -41.04 2.04 36.51
C LYS L 280 -41.19 2.74 37.86
N GLU L 281 -42.09 3.72 37.96
CA GLU L 281 -42.18 4.53 39.17
C GLU L 281 -43.15 3.95 40.19
N GLU L 282 -44.44 3.84 39.83
CA GLU L 282 -45.43 3.42 40.81
C GLU L 282 -45.09 2.06 41.42
N ARG L 283 -44.44 1.18 40.63
CA ARG L 283 -43.86 -0.02 41.21
C ARG L 283 -42.78 0.31 42.22
N ALA L 284 -41.93 1.29 41.90
CA ALA L 284 -40.72 1.52 42.68
C ALA L 284 -41.03 1.92 44.12
N GLU L 285 -41.87 2.96 44.30
CA GLU L 285 -42.16 3.36 45.68
C GLU L 285 -43.03 2.34 46.39
N LEU L 286 -43.78 1.55 45.62
CA LEU L 286 -44.57 0.47 46.21
C LEU L 286 -43.67 -0.59 46.86
N ILE L 287 -42.41 -0.68 46.43
CA ILE L 287 -41.50 -1.65 47.02
C ILE L 287 -41.22 -1.33 48.48
N GLN L 288 -40.85 -0.08 48.76
CA GLN L 288 -40.44 0.28 50.12
C GLN L 288 -41.61 0.19 51.09
N LYS L 289 -42.72 0.83 50.76
CA LYS L 289 -43.84 0.89 51.69
C LYS L 289 -44.44 -0.49 51.96
N LYS L 290 -44.57 -1.31 50.91
CA LYS L 290 -45.24 -2.60 51.06
C LYS L 290 -44.28 -3.77 50.96
N LEU L 291 -43.54 -3.90 49.85
CA LEU L 291 -42.66 -5.06 49.70
C LEU L 291 -41.52 -5.02 50.71
N LEU L 292 -40.92 -3.85 50.91
CA LEU L 292 -39.91 -3.69 51.96
C LEU L 292 -40.54 -3.35 53.30
N GLY L 293 -41.86 -3.12 53.34
CA GLY L 293 -42.55 -2.88 54.60
C GLY L 293 -42.86 -4.13 55.39
N CYS L 294 -42.70 -5.31 54.78
CA CYS L 294 -42.96 -6.59 55.46
C CYS L 294 -44.37 -6.62 56.05
N ASP L 295 -45.34 -6.11 55.28
CA ASP L 295 -46.71 -5.98 55.74
C ASP L 295 -47.68 -6.50 54.69
N PHE L 296 -47.39 -7.70 54.17
CA PHE L 296 -48.26 -8.32 53.17
C PHE L 296 -48.42 -9.79 53.49
N ASP L 297 -49.44 -10.40 52.89
CA ASP L 297 -49.61 -11.83 52.89
C ASP L 297 -49.72 -12.43 51.50
N VAL L 298 -50.27 -11.69 50.54
CA VAL L 298 -50.49 -12.15 49.18
C VAL L 298 -49.87 -11.13 48.24
N VAL L 299 -48.90 -11.56 47.44
CA VAL L 299 -48.18 -10.68 46.52
C VAL L 299 -48.46 -11.17 45.10
N ILE L 300 -48.97 -10.28 44.26
CA ILE L 300 -49.31 -10.60 42.88
C ILE L 300 -48.32 -9.90 41.97
N ALA L 301 -47.70 -10.67 41.07
CA ALA L 301 -46.69 -10.14 40.18
C ALA L 301 -46.60 -11.04 38.96
N SER L 302 -46.37 -10.43 37.80
CA SER L 302 -46.39 -11.17 36.55
C SER L 302 -45.04 -11.82 36.26
N TYR L 303 -45.06 -12.77 35.31
CA TYR L 303 -43.84 -13.36 34.78
C TYR L 303 -42.76 -12.32 34.52
N GLU L 304 -43.12 -11.24 33.82
CA GLU L 304 -42.13 -10.22 33.52
C GLU L 304 -41.68 -9.48 34.77
N ILE L 305 -42.56 -9.34 35.77
CA ILE L 305 -42.21 -8.57 36.96
C ILE L 305 -41.15 -9.30 37.78
N ILE L 306 -41.35 -10.60 38.02
CA ILE L 306 -40.43 -11.34 38.87
C ILE L 306 -39.03 -11.37 38.28
N ILE L 307 -38.89 -11.24 36.96
CA ILE L 307 -37.56 -11.14 36.37
C ILE L 307 -37.02 -9.73 36.42
N ARG L 308 -37.83 -8.76 36.85
CA ARG L 308 -37.39 -7.38 37.01
C ARG L 308 -37.15 -7.04 38.48
N GLU L 309 -38.14 -7.25 39.33
CA GLU L 309 -38.00 -6.97 40.77
C GLU L 309 -37.49 -8.18 41.52
N LYS L 310 -36.39 -8.77 41.04
CA LYS L 310 -35.82 -9.92 41.74
C LYS L 310 -35.12 -9.49 43.02
N SER L 311 -34.31 -8.43 42.94
CA SER L 311 -33.50 -8.01 44.09
C SER L 311 -34.31 -7.78 45.35
N PRO L 312 -35.45 -7.08 45.33
CA PRO L 312 -36.30 -7.05 46.53
C PRO L 312 -36.77 -8.44 46.94
N LEU L 313 -37.42 -9.14 46.00
CA LEU L 313 -38.01 -10.44 46.33
C LEU L 313 -36.95 -11.49 46.62
N LYS L 314 -35.72 -11.31 46.10
CA LYS L 314 -34.64 -12.22 46.43
C LYS L 314 -34.32 -12.17 47.90
N LYS L 315 -34.30 -10.97 48.47
CA LYS L 315 -34.00 -10.82 49.90
C LYS L 315 -35.08 -11.46 50.75
N ILE L 316 -36.34 -11.27 50.38
CA ILE L 316 -37.45 -11.69 51.23
C ILE L 316 -37.53 -13.21 51.27
N ASN L 317 -37.58 -13.77 52.47
CA ASN L 317 -37.87 -15.19 52.63
C ASN L 317 -39.35 -15.45 52.37
N TRP L 318 -39.66 -16.67 51.97
CA TRP L 318 -41.01 -17.03 51.58
C TRP L 318 -41.37 -18.38 52.17
N GLU L 319 -42.66 -18.62 52.34
CA GLU L 319 -43.16 -19.95 52.66
C GLU L 319 -43.51 -20.73 51.40
N TYR L 320 -44.46 -20.20 50.62
CA TYR L 320 -44.89 -20.85 49.39
C TYR L 320 -44.81 -19.86 48.23
N ILE L 321 -44.61 -20.40 47.03
CA ILE L 321 -44.60 -19.65 45.80
C ILE L 321 -45.44 -20.41 44.78
N ILE L 322 -46.33 -19.70 44.08
CA ILE L 322 -47.24 -20.34 43.15
C ILE L 322 -47.08 -19.71 41.77
N ILE L 323 -47.26 -20.53 40.75
CA ILE L 323 -47.20 -20.08 39.36
C ILE L 323 -48.36 -20.68 38.60
N ASP L 324 -49.21 -19.82 38.03
CA ASP L 324 -50.39 -20.26 37.30
C ASP L 324 -50.05 -20.40 35.82
N GLU L 325 -50.59 -21.43 35.18
CA GLU L 325 -50.18 -21.87 33.85
C GLU L 325 -48.66 -22.09 33.82
N ALA L 326 -48.24 -23.07 34.61
CA ALA L 326 -46.83 -23.31 34.87
C ALA L 326 -46.05 -23.80 33.66
N HIS L 327 -46.72 -24.19 32.57
CA HIS L 327 -46.03 -24.83 31.47
C HIS L 327 -44.96 -23.94 30.84
N ARG L 328 -45.01 -22.63 31.09
CA ARG L 328 -43.90 -21.78 30.66
C ARG L 328 -42.59 -22.23 31.30
N ILE L 329 -42.68 -22.91 32.43
CA ILE L 329 -41.50 -23.59 33.01
C ILE L 329 -41.50 -24.99 32.40
N LYS L 330 -40.92 -25.09 31.20
CA LYS L 330 -40.76 -26.39 30.57
C LYS L 330 -39.33 -26.49 30.02
N ASN L 331 -38.74 -25.34 29.72
CA ASN L 331 -37.31 -25.25 29.43
C ASN L 331 -36.63 -24.94 30.76
N GLU L 332 -35.91 -25.91 31.30
CA GLU L 332 -35.27 -25.72 32.60
C GLU L 332 -34.15 -24.69 32.55
N GLU L 333 -33.66 -24.33 31.37
CA GLU L 333 -32.69 -23.27 31.23
C GLU L 333 -33.35 -21.94 30.87
N SER L 334 -34.68 -21.89 30.80
CA SER L 334 -35.36 -20.62 30.57
C SER L 334 -35.04 -19.66 31.72
N MET L 335 -34.77 -18.40 31.36
CA MET L 335 -34.24 -17.46 32.34
C MET L 335 -35.16 -17.27 33.52
N LEU L 336 -36.48 -17.32 33.30
CA LEU L 336 -37.40 -17.23 34.42
C LEU L 336 -37.27 -18.45 35.32
N SER L 337 -37.21 -19.65 34.73
CA SER L 337 -36.97 -20.85 35.53
C SER L 337 -35.63 -20.76 36.24
N GLN L 338 -34.63 -20.18 35.57
CA GLN L 338 -33.32 -20.04 36.18
C GLN L 338 -33.38 -19.14 37.41
N VAL L 339 -34.13 -18.04 37.33
CA VAL L 339 -34.22 -17.12 38.46
C VAL L 339 -34.93 -17.78 39.64
N LEU L 340 -36.01 -18.51 39.39
CA LEU L 340 -36.79 -19.08 40.47
C LEU L 340 -36.01 -20.10 41.30
N ARG L 341 -34.88 -20.59 40.77
CA ARG L 341 -34.05 -21.50 41.56
C ARG L 341 -33.56 -20.85 42.83
N GLU L 342 -33.36 -19.52 42.81
CA GLU L 342 -32.77 -18.79 43.92
C GLU L 342 -33.79 -18.23 44.89
N PHE L 343 -35.07 -18.54 44.72
CA PHE L 343 -36.09 -18.04 45.62
C PHE L 343 -36.25 -18.99 46.80
N THR L 344 -36.02 -18.47 48.01
CA THR L 344 -36.10 -19.27 49.22
C THR L 344 -37.55 -19.48 49.59
N SER L 345 -37.95 -20.75 49.73
CA SER L 345 -39.32 -21.06 50.11
C SER L 345 -39.34 -22.44 50.76
N ARG L 346 -40.43 -22.70 51.49
CA ARG L 346 -40.61 -24.02 52.08
C ARG L 346 -41.01 -25.04 51.03
N ASN L 347 -42.16 -24.83 50.39
CA ASN L 347 -42.60 -25.66 49.28
C ASN L 347 -43.25 -24.76 48.24
N ARG L 348 -43.44 -25.32 47.05
CA ARG L 348 -43.96 -24.57 45.91
C ARG L 348 -45.21 -25.24 45.37
N LEU L 349 -46.08 -24.44 44.77
CA LEU L 349 -47.32 -24.91 44.16
C LEU L 349 -47.35 -24.49 42.71
N LEU L 350 -47.65 -25.44 41.83
CA LEU L 350 -47.73 -25.18 40.40
C LEU L 350 -49.12 -25.59 39.90
N ILE L 351 -49.74 -24.72 39.12
CA ILE L 351 -51.08 -24.93 38.60
C ILE L 351 -50.99 -25.09 37.09
N THR L 352 -51.57 -26.15 36.56
CA THR L 352 -51.51 -26.42 35.14
C THR L 352 -52.69 -27.30 34.74
N GLY L 353 -52.91 -27.40 33.44
CA GLY L 353 -53.88 -28.33 32.91
C GLY L 353 -53.24 -29.23 31.87
N THR L 354 -52.08 -28.81 31.36
CA THR L 354 -51.35 -29.54 30.33
C THR L 354 -49.90 -29.69 30.76
N PRO L 355 -49.61 -30.61 31.67
CA PRO L 355 -48.22 -30.82 32.09
C PRO L 355 -47.36 -31.37 30.97
N LEU L 356 -47.85 -32.41 30.30
CA LEU L 356 -47.12 -33.07 29.22
C LEU L 356 -47.63 -32.52 27.89
N GLN L 357 -46.80 -31.69 27.25
CA GLN L 357 -47.15 -31.13 25.95
C GLN L 357 -46.19 -31.54 24.85
N ASN L 358 -44.88 -31.46 25.09
CA ASN L 358 -43.88 -31.75 24.08
C ASN L 358 -43.22 -33.11 24.26
N ASN L 359 -42.62 -33.35 25.42
CA ASN L 359 -41.93 -34.60 25.68
C ASN L 359 -42.30 -35.05 27.09
N LEU L 360 -41.64 -36.10 27.55
CA LEU L 360 -41.64 -36.42 28.97
C LEU L 360 -40.46 -35.80 29.69
N HIS L 361 -39.45 -35.32 28.94
CA HIS L 361 -38.36 -34.59 29.56
C HIS L 361 -38.84 -33.31 30.23
N GLU L 362 -39.90 -32.69 29.70
CA GLU L 362 -40.41 -31.46 30.29
C GLU L 362 -40.98 -31.71 31.68
N LEU L 363 -41.55 -32.90 31.90
CA LEU L 363 -42.13 -33.20 33.21
C LEU L 363 -41.08 -33.13 34.30
N TRP L 364 -39.91 -33.70 34.05
CA TRP L 364 -38.85 -33.67 35.06
C TRP L 364 -38.46 -32.24 35.40
N ALA L 365 -38.49 -31.35 34.40
CA ALA L 365 -38.19 -29.94 34.66
C ALA L 365 -39.19 -29.34 35.62
N LEU L 366 -40.47 -29.69 35.49
CA LEU L 366 -41.44 -29.36 36.52
C LEU L 366 -41.09 -30.04 37.82
N LEU L 367 -40.69 -31.32 37.76
CA LEU L 367 -40.34 -32.05 38.96
C LEU L 367 -39.04 -31.52 39.56
N ASN L 368 -38.11 -31.09 38.71
CA ASN L 368 -36.87 -30.49 39.20
C ASN L 368 -37.15 -29.20 39.99
N PHE L 369 -38.31 -28.59 39.77
CA PHE L 369 -38.62 -27.35 40.46
C PHE L 369 -39.24 -27.62 41.83
N LEU L 370 -40.28 -28.44 41.89
CA LEU L 370 -40.95 -28.71 43.16
C LEU L 370 -40.03 -29.40 44.14
N LEU L 371 -39.41 -30.50 43.72
CA LEU L 371 -38.57 -31.33 44.58
C LEU L 371 -37.23 -31.55 43.88
N PRO L 372 -36.37 -30.53 43.85
CA PRO L 372 -35.07 -30.71 43.18
C PRO L 372 -34.23 -31.82 43.78
N ASP L 373 -34.28 -32.01 45.10
CA ASP L 373 -33.50 -33.08 45.74
C ASP L 373 -33.98 -34.45 45.27
N ILE L 374 -35.28 -34.65 45.15
CA ILE L 374 -35.83 -35.97 44.85
C ILE L 374 -35.38 -36.45 43.48
N PHE L 375 -35.55 -35.61 42.45
CA PHE L 375 -35.28 -36.05 41.09
C PHE L 375 -33.85 -35.71 40.66
N SER L 376 -33.54 -34.42 40.62
CA SER L 376 -32.18 -33.89 40.47
C SER L 376 -31.47 -34.39 39.21
N ASP L 377 -32.16 -35.08 38.32
CA ASP L 377 -31.50 -35.64 37.14
C ASP L 377 -32.57 -36.09 36.15
N ALA L 378 -32.20 -36.08 34.88
CA ALA L 378 -33.05 -36.60 33.81
C ALA L 378 -32.57 -37.94 33.25
N GLN L 379 -31.28 -38.27 33.42
CA GLN L 379 -30.80 -39.56 32.96
C GLN L 379 -31.51 -40.69 33.68
N ASP L 380 -31.74 -40.54 34.97
CA ASP L 380 -32.55 -41.50 35.71
C ASP L 380 -34.04 -41.34 35.44
N PHE L 381 -34.44 -40.27 34.75
CA PHE L 381 -35.85 -40.06 34.42
C PHE L 381 -36.16 -40.33 32.95
N ASP L 382 -35.31 -39.85 32.05
CA ASP L 382 -35.58 -40.02 30.61
C ASP L 382 -35.14 -41.41 30.14
N ASP L 383 -33.84 -41.68 30.21
CA ASP L 383 -33.31 -42.93 29.67
C ASP L 383 -33.77 -44.12 30.49
N TRP L 384 -33.78 -43.99 31.82
CA TRP L 384 -34.23 -45.09 32.67
C TRP L 384 -35.65 -45.50 32.35
N PHE L 385 -36.47 -44.57 31.84
CA PHE L 385 -37.83 -44.87 31.46
C PHE L 385 -37.90 -45.68 30.15
N SER L 386 -36.76 -46.12 29.66
CA SER L 386 -36.65 -47.09 28.56
C SER L 386 -37.22 -46.53 27.26
N SER L 387 -36.64 -45.41 26.82
CA SER L 387 -36.97 -44.79 25.54
C SER L 387 -38.48 -44.60 25.41
N GLU L 388 -38.99 -43.71 26.27
CA GLU L 388 -40.43 -43.44 26.44
C GLU L 388 -41.25 -44.74 26.53
N SER L 389 -40.62 -45.80 27.03
CA SER L 389 -41.29 -47.06 27.36
C SER L 389 -42.16 -47.57 26.21
N THR L 390 -41.59 -47.58 25.01
CA THR L 390 -42.31 -47.98 23.81
C THR L 390 -41.78 -49.26 23.21
N GLU L 391 -40.48 -49.32 22.92
CA GLU L 391 -39.88 -50.46 22.25
C GLU L 391 -39.44 -51.57 23.22
N GLU L 392 -39.52 -51.34 24.53
CA GLU L 392 -39.04 -52.32 25.49
C GLU L 392 -40.01 -52.47 26.67
N ASP L 393 -41.30 -52.30 26.42
CA ASP L 393 -42.31 -52.38 27.47
C ASP L 393 -43.36 -53.42 27.12
N GLN L 394 -43.87 -54.08 28.16
CA GLN L 394 -45.05 -54.94 28.06
C GLN L 394 -46.13 -54.42 28.99
N ASP L 395 -46.33 -53.10 28.98
CA ASP L 395 -47.31 -52.42 29.85
C ASP L 395 -47.01 -52.67 31.33
N LYS L 396 -45.73 -52.67 31.68
CA LYS L 396 -45.32 -52.87 33.07
C LYS L 396 -44.56 -51.68 33.63
N ILE L 397 -43.57 -51.16 32.92
CA ILE L 397 -42.84 -49.99 33.41
C ILE L 397 -43.74 -48.76 33.43
N VAL L 398 -44.63 -48.65 32.44
CA VAL L 398 -45.62 -47.58 32.45
C VAL L 398 -46.53 -47.72 33.66
N LYS L 399 -46.94 -48.96 33.98
CA LYS L 399 -47.72 -49.21 35.18
C LYS L 399 -46.98 -48.74 36.42
N GLN L 400 -45.66 -48.89 36.42
CA GLN L 400 -44.86 -48.36 37.53
C GLN L 400 -44.98 -46.85 37.62
N LEU L 401 -44.80 -46.15 36.49
CA LEU L 401 -44.87 -44.70 36.49
C LEU L 401 -46.28 -44.20 36.80
N HIS L 402 -47.31 -45.02 36.56
CA HIS L 402 -48.66 -44.65 36.94
C HIS L 402 -48.73 -44.28 38.41
N THR L 403 -48.13 -45.12 39.26
CA THR L 403 -48.09 -44.86 40.70
C THR L 403 -46.85 -44.10 41.14
N VAL L 404 -45.82 -44.00 40.30
CA VAL L 404 -44.64 -43.21 40.66
C VAL L 404 -45.03 -41.75 40.84
N LEU L 405 -45.59 -41.14 39.80
CA LEU L 405 -46.07 -39.76 39.92
C LEU L 405 -47.54 -39.73 40.28
N GLN L 406 -47.93 -40.52 41.28
CA GLN L 406 -49.28 -40.51 41.79
C GLN L 406 -49.52 -39.39 42.81
N PRO L 407 -48.66 -39.24 43.84
CA PRO L 407 -48.99 -38.27 44.89
C PRO L 407 -48.52 -36.85 44.57
N PHE L 408 -48.14 -36.61 43.33
CA PHE L 408 -47.69 -35.28 42.92
C PHE L 408 -48.68 -34.54 42.04
N LEU L 409 -49.49 -35.25 41.27
CA LEU L 409 -50.45 -34.64 40.36
C LEU L 409 -51.87 -35.00 40.77
N LEU L 410 -52.80 -34.10 40.47
CA LEU L 410 -54.22 -34.33 40.69
C LEU L 410 -54.93 -33.80 39.45
N ARG L 411 -55.19 -34.69 38.50
CA ARG L 411 -55.88 -34.32 37.27
C ARG L 411 -57.28 -34.94 37.29
N ARG L 412 -58.29 -34.08 37.34
CA ARG L 412 -59.67 -34.50 37.35
C ARG L 412 -60.32 -34.14 36.01
N ILE L 413 -61.11 -35.06 35.48
CA ILE L 413 -61.61 -34.97 34.12
C ILE L 413 -62.82 -34.06 34.05
N LYS L 414 -63.00 -33.41 32.90
CA LYS L 414 -64.24 -32.72 32.60
C LYS L 414 -65.38 -33.69 32.29
N SER L 415 -65.08 -34.98 32.12
CA SER L 415 -66.14 -35.96 31.91
C SER L 415 -66.95 -36.19 33.18
N ASP L 416 -66.29 -36.17 34.35
CA ASP L 416 -66.97 -36.43 35.60
C ASP L 416 -67.92 -35.32 36.02
N VAL L 417 -67.89 -34.18 35.33
CA VAL L 417 -68.78 -33.07 35.63
C VAL L 417 -69.50 -32.67 34.35
N GLU L 418 -70.80 -32.42 34.46
CA GLU L 418 -71.62 -32.07 33.29
C GLU L 418 -71.64 -30.56 33.10
N THR L 419 -70.45 -29.99 32.96
CA THR L 419 -70.32 -28.55 32.73
C THR L 419 -70.59 -28.21 31.26
N SER L 420 -69.75 -28.73 30.36
CA SER L 420 -70.09 -28.69 28.95
C SER L 420 -71.12 -29.74 28.61
N LEU L 421 -71.12 -30.86 29.34
CA LEU L 421 -72.10 -31.94 29.22
C LEU L 421 -72.34 -32.35 27.76
N LEU L 422 -71.33 -32.17 26.93
CA LEU L 422 -71.48 -32.46 25.51
C LEU L 422 -70.14 -32.81 24.88
N PRO L 423 -69.97 -34.03 24.39
CA PRO L 423 -68.73 -34.41 23.72
C PRO L 423 -68.53 -33.69 22.39
N LYS L 424 -67.27 -33.58 21.99
CA LYS L 424 -66.83 -32.87 20.80
C LYS L 424 -66.73 -33.78 19.58
N LYS L 425 -66.64 -33.16 18.40
CA LYS L 425 -66.55 -33.88 17.13
C LYS L 425 -65.39 -33.35 16.29
N GLU L 426 -64.91 -34.19 15.38
CA GLU L 426 -63.76 -33.88 14.54
C GLU L 426 -63.97 -34.41 13.13
N LEU L 427 -63.28 -33.77 12.18
CA LEU L 427 -63.01 -34.35 10.88
C LEU L 427 -61.52 -34.19 10.59
N ASN L 428 -61.01 -35.08 9.76
CA ASN L 428 -59.65 -35.02 9.26
C ASN L 428 -59.66 -35.05 7.75
N LEU L 429 -60.50 -34.21 7.16
CA LEU L 429 -60.72 -34.24 5.73
C LEU L 429 -59.43 -34.01 4.97
N TYR L 430 -59.21 -34.82 3.94
CA TYR L 430 -57.98 -34.83 3.17
C TYR L 430 -58.21 -34.09 1.87
N VAL L 431 -57.35 -33.12 1.57
CA VAL L 431 -57.53 -32.22 0.44
C VAL L 431 -56.59 -32.63 -0.69
N GLY L 432 -57.17 -32.95 -1.85
CA GLY L 432 -56.37 -33.20 -3.03
C GLY L 432 -55.59 -31.97 -3.39
N MET L 433 -54.27 -32.09 -3.47
CA MET L 433 -53.41 -30.93 -3.62
C MET L 433 -53.63 -30.28 -4.98
N SER L 434 -53.63 -28.95 -5.02
CA SER L 434 -54.02 -28.22 -6.21
C SER L 434 -52.95 -28.36 -7.30
N SER L 435 -53.22 -27.72 -8.44
CA SER L 435 -52.35 -27.84 -9.60
C SER L 435 -51.12 -26.94 -9.47
N MET L 436 -51.34 -25.63 -9.32
CA MET L 436 -50.21 -24.72 -9.22
C MET L 436 -49.39 -24.99 -7.97
N GLN L 437 -50.02 -25.44 -6.90
CA GLN L 437 -49.27 -25.91 -5.75
C GLN L 437 -48.39 -27.09 -6.11
N LYS L 438 -48.92 -28.02 -6.91
CA LYS L 438 -48.14 -29.18 -7.34
C LYS L 438 -46.87 -28.73 -8.07
N LYS L 439 -46.96 -27.62 -8.80
CA LYS L 439 -45.77 -27.05 -9.42
C LYS L 439 -44.78 -26.57 -8.37
N TRP L 440 -45.26 -25.82 -7.38
CA TRP L 440 -44.36 -25.19 -6.42
C TRP L 440 -43.69 -26.24 -5.53
N TYR L 441 -44.48 -27.19 -5.01
CA TYR L 441 -43.94 -28.18 -4.09
C TYR L 441 -42.79 -28.95 -4.74
N LYS L 442 -42.96 -29.34 -6.00
CA LYS L 442 -41.86 -29.96 -6.72
C LYS L 442 -40.71 -28.97 -6.91
N LYS L 443 -41.04 -27.72 -7.21
CA LYS L 443 -40.01 -26.72 -7.41
C LYS L 443 -39.18 -26.49 -6.15
N ILE L 444 -39.84 -26.45 -4.98
CA ILE L 444 -39.13 -26.23 -3.74
C ILE L 444 -38.15 -27.38 -3.47
N LEU L 445 -38.61 -28.61 -3.70
CA LEU L 445 -37.77 -29.78 -3.44
C LEU L 445 -36.49 -29.73 -4.26
N GLU L 446 -36.60 -29.71 -5.58
CA GLU L 446 -35.42 -29.80 -6.42
C GLU L 446 -34.65 -28.48 -6.42
N LYS L 447 -33.35 -28.58 -6.16
CA LYS L 447 -32.43 -27.44 -6.26
C LYS L 447 -31.43 -27.65 -7.39
N THR L 463 -34.88 -14.87 -2.99
CA THR L 463 -36.23 -15.41 -2.81
C THR L 463 -36.41 -15.96 -1.40
N ARG L 464 -35.29 -16.13 -0.70
CA ARG L 464 -35.26 -16.63 0.68
C ARG L 464 -36.03 -17.95 0.80
N LEU L 465 -35.52 -18.95 0.11
CA LEU L 465 -36.09 -20.30 0.16
C LEU L 465 -35.31 -21.15 1.16
N LEU L 466 -35.38 -20.75 2.42
CA LEU L 466 -34.70 -21.44 3.51
C LEU L 466 -35.72 -22.04 4.47
N ASN L 467 -35.25 -22.93 5.34
CA ASN L 467 -36.10 -23.67 6.26
C ASN L 467 -37.17 -24.43 5.48
N ILE L 468 -36.68 -25.42 4.72
CA ILE L 468 -37.48 -26.07 3.69
C ILE L 468 -38.78 -26.63 4.27
N MET L 469 -38.70 -27.23 5.46
CA MET L 469 -39.85 -27.96 5.99
C MET L 469 -41.06 -27.06 6.15
N MET L 470 -40.86 -25.86 6.69
CA MET L 470 -41.99 -24.95 6.83
C MET L 470 -42.39 -24.34 5.49
N GLN L 471 -41.42 -24.13 4.59
CA GLN L 471 -41.74 -23.63 3.26
C GLN L 471 -42.77 -24.52 2.59
N LEU L 472 -42.57 -25.83 2.68
CA LEU L 472 -43.55 -26.76 2.14
C LEU L 472 -44.88 -26.65 2.86
N ARG L 473 -44.90 -26.20 4.11
CA ARG L 473 -46.16 -25.97 4.78
C ARG L 473 -46.86 -24.72 4.24
N LYS L 474 -46.09 -23.75 3.74
CA LYS L 474 -46.71 -22.61 3.06
C LYS L 474 -47.40 -23.06 1.79
N CYS L 475 -46.73 -23.89 0.99
CA CYS L 475 -47.32 -24.41 -0.23
C CYS L 475 -48.56 -25.25 0.09
N CYS L 476 -48.49 -26.04 1.15
CA CYS L 476 -49.65 -26.83 1.57
C CYS L 476 -50.79 -25.96 2.06
N ASN L 477 -50.54 -24.70 2.39
CA ASN L 477 -51.58 -23.83 2.91
C ASN L 477 -52.16 -22.95 1.81
N HIS L 478 -51.32 -22.13 1.17
CA HIS L 478 -51.76 -21.33 0.05
C HIS L 478 -50.56 -20.83 -0.75
N PRO L 479 -50.50 -21.12 -2.05
CA PRO L 479 -49.35 -20.66 -2.85
C PRO L 479 -49.27 -19.16 -3.00
N TYR L 480 -50.37 -18.43 -2.75
CA TYR L 480 -50.35 -16.99 -2.89
C TYR L 480 -49.37 -16.34 -1.94
N LEU L 481 -48.94 -17.04 -0.89
CA LEU L 481 -47.96 -16.51 0.05
C LEU L 481 -46.56 -16.42 -0.51
N PHE L 482 -46.29 -17.02 -1.67
CA PHE L 482 -44.94 -17.04 -2.22
C PHE L 482 -44.59 -15.83 -3.06
N ASP L 483 -45.41 -14.82 -3.05
CA ASP L 483 -45.02 -13.61 -3.75
C ASP L 483 -44.75 -13.90 -5.20
N GLY L 484 -45.80 -14.12 -5.96
CA GLY L 484 -45.65 -14.28 -7.40
C GLY L 484 -46.47 -15.42 -7.98
N ALA L 485 -46.90 -16.35 -7.14
CA ALA L 485 -47.72 -17.46 -7.63
C ALA L 485 -49.06 -16.97 -8.16
N GLU L 486 -49.68 -16.01 -7.48
CA GLU L 486 -50.92 -15.45 -7.94
C GLU L 486 -50.69 -14.67 -9.24
N PRO L 487 -51.75 -14.46 -10.02
CA PRO L 487 -51.61 -13.68 -11.27
C PRO L 487 -51.11 -12.27 -10.96
N GLY L 488 -50.29 -11.76 -11.87
CA GLY L 488 -49.63 -10.48 -11.68
C GLY L 488 -50.58 -9.30 -11.70
N PRO L 489 -50.02 -8.09 -11.71
CA PRO L 489 -50.87 -6.90 -11.69
C PRO L 489 -51.64 -6.77 -12.99
N PRO L 490 -52.86 -6.18 -12.95
CA PRO L 490 -53.51 -5.67 -11.74
C PRO L 490 -54.06 -6.78 -10.86
N TYR L 491 -54.35 -6.46 -9.60
CA TYR L 491 -54.76 -7.44 -8.61
C TYR L 491 -56.26 -7.38 -8.41
N THR L 492 -56.93 -8.52 -8.55
CA THR L 492 -58.36 -8.64 -8.36
C THR L 492 -58.65 -9.77 -7.38
N THR L 493 -59.74 -9.64 -6.65
CA THR L 493 -60.19 -10.66 -5.71
C THR L 493 -61.40 -11.36 -6.32
N ASP L 494 -61.16 -12.48 -6.99
CA ASP L 494 -62.21 -13.23 -7.68
C ASP L 494 -61.99 -14.72 -7.44
N GLU L 495 -62.74 -15.54 -8.18
CA GLU L 495 -62.69 -16.98 -7.99
C GLU L 495 -61.34 -17.58 -8.33
N HIS L 496 -60.51 -16.86 -9.11
CA HIS L 496 -59.17 -17.36 -9.41
C HIS L 496 -58.36 -17.56 -8.14
N LEU L 497 -58.63 -16.76 -7.11
CA LEU L 497 -58.01 -16.97 -5.81
C LEU L 497 -58.42 -18.32 -5.23
N VAL L 498 -59.68 -18.70 -5.39
CA VAL L 498 -60.16 -19.94 -4.79
C VAL L 498 -59.56 -21.16 -5.47
N TYR L 499 -59.38 -21.12 -6.79
CA TYR L 499 -58.84 -22.27 -7.50
C TYR L 499 -57.47 -22.68 -6.96
N ASN L 500 -56.57 -21.72 -6.80
CA ASN L 500 -55.20 -22.04 -6.42
C ASN L 500 -55.04 -22.23 -4.91
N ALA L 501 -55.93 -22.99 -4.29
CA ALA L 501 -55.79 -23.31 -2.86
C ALA L 501 -56.58 -24.59 -2.62
N ALA L 502 -55.88 -25.71 -2.50
CA ALA L 502 -56.56 -27.00 -2.35
C ALA L 502 -57.46 -27.00 -1.12
N LYS L 503 -56.99 -26.45 0.00
CA LYS L 503 -57.82 -26.37 1.19
C LYS L 503 -58.99 -25.43 0.99
N LEU L 504 -58.73 -24.24 0.45
CA LEU L 504 -59.77 -23.23 0.30
C LEU L 504 -60.87 -23.69 -0.65
N GLN L 505 -60.51 -24.45 -1.68
CA GLN L 505 -61.53 -25.05 -2.54
C GLN L 505 -62.48 -25.91 -1.71
N VAL L 506 -61.93 -26.81 -0.89
CA VAL L 506 -62.76 -27.61 0.00
C VAL L 506 -63.41 -26.74 1.07
N LEU L 507 -62.65 -25.79 1.62
CA LEU L 507 -63.18 -24.95 2.69
C LEU L 507 -64.34 -24.08 2.20
N ASP L 508 -64.24 -23.58 0.96
CA ASP L 508 -65.28 -22.72 0.42
C ASP L 508 -66.64 -23.39 0.44
N LYS L 509 -66.71 -24.63 -0.08
CA LYS L 509 -67.98 -25.34 -0.10
C LYS L 509 -68.55 -25.50 1.30
N LEU L 510 -67.71 -25.90 2.25
CA LEU L 510 -68.17 -26.10 3.62
C LEU L 510 -68.56 -24.79 4.28
N LEU L 511 -67.88 -23.69 3.93
CA LEU L 511 -68.31 -22.39 4.43
C LEU L 511 -69.70 -22.04 3.95
N LYS L 512 -70.08 -22.49 2.75
CA LYS L 512 -71.43 -22.29 2.28
C LYS L 512 -72.42 -23.17 3.04
N LYS L 513 -72.05 -24.44 3.26
CA LYS L 513 -72.99 -25.41 3.83
C LYS L 513 -73.42 -25.08 5.25
N LEU L 514 -72.64 -24.24 5.95
CA LEU L 514 -73.04 -23.82 7.30
C LEU L 514 -73.70 -22.45 7.32
N LYS L 515 -73.63 -21.70 6.22
CA LYS L 515 -74.28 -20.39 6.18
C LYS L 515 -75.78 -20.50 6.38
N GLU L 516 -76.42 -21.46 5.71
CA GLU L 516 -77.86 -21.60 5.82
C GLU L 516 -78.30 -22.12 7.18
N GLU L 517 -77.39 -22.72 7.95
CA GLU L 517 -77.75 -23.33 9.23
C GLU L 517 -77.61 -22.35 10.39
N GLY L 518 -77.28 -21.09 10.13
CA GLY L 518 -77.13 -20.14 11.20
C GLY L 518 -75.89 -20.34 12.03
N SER L 519 -74.93 -21.12 11.56
CA SER L 519 -73.68 -21.32 12.27
C SER L 519 -72.77 -20.10 12.09
N ARG L 520 -71.81 -19.98 13.00
CA ARG L 520 -70.80 -18.92 12.92
C ARG L 520 -69.44 -19.57 13.11
N VAL L 521 -68.59 -19.47 12.09
CA VAL L 521 -67.34 -20.22 12.06
C VAL L 521 -66.23 -19.39 12.71
N LEU L 522 -65.35 -20.08 13.42
CA LEU L 522 -64.26 -19.47 14.17
C LEU L 522 -62.93 -20.01 13.63
N ILE L 523 -62.41 -19.36 12.60
CA ILE L 523 -61.21 -19.86 11.92
C ILE L 523 -59.99 -19.63 12.79
N PHE L 524 -59.23 -20.70 13.04
CA PHE L 524 -57.94 -20.64 13.72
C PHE L 524 -56.87 -21.06 12.75
N SER L 525 -56.00 -20.13 12.38
CA SER L 525 -54.99 -20.38 11.37
C SER L 525 -53.61 -19.99 11.87
N GLN L 526 -52.61 -20.73 11.42
CA GLN L 526 -51.22 -20.39 11.66
C GLN L 526 -50.77 -19.38 10.60
N MET L 527 -49.62 -18.74 10.83
CA MET L 527 -49.07 -17.83 9.84
C MET L 527 -50.04 -16.69 9.55
N SER L 528 -50.21 -15.78 10.52
CA SER L 528 -51.23 -14.74 10.45
C SER L 528 -51.35 -14.11 9.07
N ARG L 529 -50.26 -14.11 8.29
CA ARG L 529 -50.37 -13.68 6.89
C ARG L 529 -51.43 -14.49 6.15
N LEU L 530 -51.60 -15.76 6.52
CA LEU L 530 -52.64 -16.60 5.94
C LEU L 530 -54.02 -16.01 6.20
N LEU L 531 -54.19 -15.33 7.34
CA LEU L 531 -55.46 -14.68 7.63
C LEU L 531 -55.80 -13.64 6.58
N ASP L 532 -54.79 -12.90 6.11
CA ASP L 532 -55.03 -11.85 5.13
C ASP L 532 -55.67 -12.40 3.86
N ILE L 533 -55.20 -13.56 3.40
CA ILE L 533 -55.83 -14.21 2.25
C ILE L 533 -57.28 -14.56 2.57
N LEU L 534 -57.51 -15.15 3.74
CA LEU L 534 -58.88 -15.46 4.13
C LEU L 534 -59.70 -14.19 4.32
N GLU L 535 -59.08 -13.16 4.89
CA GLU L 535 -59.79 -11.89 5.08
C GLU L 535 -60.32 -11.34 3.77
N ASP L 536 -59.46 -11.27 2.75
CA ASP L 536 -59.91 -10.77 1.46
C ASP L 536 -60.89 -11.73 0.80
N TYR L 537 -60.65 -13.04 0.94
CA TYR L 537 -61.64 -14.01 0.48
C TYR L 537 -62.96 -13.81 1.20
N CYS L 538 -62.92 -13.50 2.49
CA CYS L 538 -64.12 -13.11 3.21
C CYS L 538 -64.74 -11.85 2.63
N TYR L 539 -63.90 -10.88 2.29
CA TYR L 539 -64.39 -9.66 1.67
C TYR L 539 -65.07 -9.95 0.33
N PHE L 540 -64.53 -10.94 -0.41
CA PHE L 540 -65.11 -11.29 -1.70
C PHE L 540 -66.50 -11.88 -1.55
N ARG L 541 -66.71 -12.71 -0.53
CA ARG L 541 -67.98 -13.41 -0.35
C ARG L 541 -69.01 -12.58 0.40
N ASN L 542 -68.69 -11.35 0.79
CA ASN L 542 -69.59 -10.48 1.54
C ASN L 542 -70.03 -11.14 2.84
N TYR L 543 -69.05 -11.52 3.64
CA TYR L 543 -69.28 -12.18 4.93
C TYR L 543 -68.98 -11.21 6.07
N GLU L 544 -69.70 -11.39 7.17
CA GLU L 544 -69.47 -10.61 8.38
C GLU L 544 -68.25 -11.17 9.10
N TYR L 545 -67.21 -10.34 9.28
CA TYR L 545 -65.99 -10.82 9.91
C TYR L 545 -65.40 -9.74 10.81
N CYS L 546 -64.60 -10.20 11.77
CA CYS L 546 -63.76 -9.35 12.60
C CYS L 546 -62.48 -10.12 12.91
N ARG L 547 -61.43 -9.39 13.23
CA ARG L 547 -60.08 -9.94 13.35
C ARG L 547 -59.48 -9.56 14.69
N ILE L 548 -58.77 -10.51 15.31
CA ILE L 548 -58.24 -10.30 16.66
C ILE L 548 -56.80 -10.78 16.75
N ASP L 549 -56.15 -10.97 15.60
CA ASP L 549 -54.84 -11.62 15.58
C ASP L 549 -53.78 -10.84 16.32
N GLY L 550 -52.57 -11.39 16.39
CA GLY L 550 -51.44 -10.72 17.01
C GLY L 550 -51.23 -9.32 16.50
N SER L 551 -50.65 -8.46 17.33
CA SER L 551 -50.46 -7.03 17.03
C SER L 551 -51.80 -6.29 17.00
N THR L 552 -52.73 -6.69 17.87
CA THR L 552 -53.98 -5.98 18.07
C THR L 552 -54.20 -5.85 19.57
N ALA L 553 -54.35 -4.62 20.04
CA ALA L 553 -54.41 -4.36 21.48
C ALA L 553 -55.70 -4.93 22.07
N HIS L 554 -55.65 -5.18 23.39
CA HIS L 554 -56.74 -5.91 24.05
C HIS L 554 -58.05 -5.12 24.00
N GLU L 555 -57.97 -3.79 24.09
CA GLU L 555 -59.18 -2.99 23.94
C GLU L 555 -59.79 -3.20 22.55
N ASP L 556 -58.95 -3.27 21.52
CA ASP L 556 -59.44 -3.69 20.22
C ASP L 556 -59.93 -5.13 20.26
N ARG L 557 -59.27 -5.97 21.04
CA ARG L 557 -59.66 -7.37 21.13
C ARG L 557 -61.04 -7.51 21.78
N ILE L 558 -61.29 -6.76 22.85
CA ILE L 558 -62.54 -6.93 23.60
C ILE L 558 -63.73 -6.41 22.80
N GLN L 559 -63.56 -5.27 22.14
CA GLN L 559 -64.65 -4.80 21.27
C GLN L 559 -64.88 -5.78 20.13
N ALA L 560 -63.82 -6.39 19.61
CA ALA L 560 -63.97 -7.37 18.55
C ALA L 560 -64.73 -8.60 19.04
N ILE L 561 -64.41 -9.08 20.24
CA ILE L 561 -65.11 -10.23 20.78
C ILE L 561 -66.55 -9.89 21.13
N ASP L 562 -66.82 -8.64 21.51
CA ASP L 562 -68.20 -8.22 21.74
C ASP L 562 -69.01 -8.30 20.45
N ASP L 563 -68.43 -7.89 19.33
CA ASP L 563 -69.13 -8.00 18.06
C ASP L 563 -69.54 -9.44 17.77
N TYR L 564 -68.68 -10.39 18.12
CA TYR L 564 -69.04 -11.80 17.96
C TYR L 564 -69.92 -12.27 19.10
N ASN L 565 -69.53 -11.97 20.34
CA ASN L 565 -70.32 -12.38 21.51
C ASN L 565 -71.30 -11.29 21.94
N ALA L 566 -72.16 -10.88 20.99
CA ALA L 566 -73.22 -9.91 21.19
C ALA L 566 -74.58 -10.59 21.20
N PRO L 567 -75.57 -10.03 21.90
CA PRO L 567 -76.91 -10.58 21.82
C PRO L 567 -77.66 -10.22 20.53
N ASP L 568 -78.04 -11.26 19.79
CA ASP L 568 -78.46 -11.15 18.39
C ASP L 568 -77.31 -10.63 17.53
N SER L 569 -76.13 -11.20 17.75
CA SER L 569 -74.96 -10.86 16.94
C SER L 569 -75.10 -11.42 15.52
N LYS L 570 -74.24 -10.94 14.64
CA LYS L 570 -74.36 -11.26 13.23
C LYS L 570 -73.04 -11.67 12.55
N LYS L 571 -71.91 -11.58 13.24
CA LYS L 571 -70.64 -11.96 12.63
C LYS L 571 -70.62 -13.47 12.36
N PHE L 572 -70.20 -13.84 11.15
CA PHE L 572 -70.14 -15.24 10.77
C PHE L 572 -68.76 -15.85 11.00
N VAL L 573 -67.72 -15.25 10.44
CA VAL L 573 -66.36 -15.75 10.58
C VAL L 573 -65.56 -14.75 11.39
N PHE L 574 -64.88 -15.24 12.43
CA PHE L 574 -64.09 -14.39 13.30
C PHE L 574 -62.68 -14.98 13.37
N LEU L 575 -61.70 -14.24 12.87
CA LEU L 575 -60.36 -14.75 12.67
C LEU L 575 -59.55 -14.66 13.95
N LEU L 576 -58.68 -15.65 14.15
CA LEU L 576 -57.75 -15.67 15.28
C LEU L 576 -56.44 -16.29 14.79
N THR L 577 -55.59 -16.66 15.73
CA THR L 577 -54.36 -17.38 15.47
C THR L 577 -54.28 -18.51 16.49
N THR L 578 -53.51 -19.55 16.16
CA THR L 578 -53.52 -20.76 16.97
C THR L 578 -53.21 -20.47 18.43
N ARG L 579 -52.41 -19.43 18.71
CA ARG L 579 -52.17 -19.05 20.09
C ARG L 579 -53.31 -18.20 20.64
N ALA L 580 -53.52 -17.02 20.08
CA ALA L 580 -54.64 -16.15 20.42
C ALA L 580 -54.72 -15.86 21.91
N GLY L 581 -53.58 -15.49 22.49
CA GLY L 581 -53.61 -15.05 23.86
C GLY L 581 -53.91 -16.15 24.87
N GLY L 582 -54.35 -15.73 26.05
CA GLY L 582 -54.58 -16.64 27.14
C GLY L 582 -55.91 -17.36 27.03
N LEU L 583 -56.15 -18.25 28.00
CA LEU L 583 -57.38 -19.03 28.01
C LEU L 583 -58.60 -18.17 28.30
N GLY L 584 -58.41 -17.01 28.93
CA GLY L 584 -59.49 -16.17 29.42
C GLY L 584 -60.58 -15.81 28.43
N ILE L 585 -60.21 -15.60 27.17
CA ILE L 585 -61.14 -15.15 26.15
C ILE L 585 -62.30 -16.13 26.04
N ASN L 586 -63.52 -15.60 26.02
CA ASN L 586 -64.73 -16.42 26.09
C ASN L 586 -65.34 -16.56 24.70
N LEU L 587 -65.37 -17.80 24.19
CA LEU L 587 -65.99 -18.09 22.91
C LEU L 587 -66.99 -19.23 23.02
N THR L 588 -67.84 -19.19 24.05
CA THR L 588 -68.84 -20.23 24.24
C THR L 588 -70.13 -19.98 23.49
N SER L 589 -70.27 -18.81 22.87
CA SER L 589 -71.45 -18.51 22.05
C SER L 589 -71.14 -18.77 20.57
N ALA L 590 -70.76 -20.00 20.29
CA ALA L 590 -70.36 -20.40 18.95
C ALA L 590 -70.55 -21.89 18.81
N ASP L 591 -70.51 -22.36 17.55
CA ASP L 591 -70.78 -23.77 17.28
C ASP L 591 -69.82 -24.43 16.31
N VAL L 592 -68.88 -23.73 15.71
CA VAL L 592 -67.96 -24.34 14.76
C VAL L 592 -66.68 -23.53 14.68
N VAL L 593 -65.54 -24.25 14.69
CA VAL L 593 -64.22 -23.66 14.51
C VAL L 593 -63.53 -24.44 13.40
N VAL L 594 -62.51 -23.84 12.81
CA VAL L 594 -61.74 -24.52 11.77
C VAL L 594 -60.27 -24.36 12.06
N LEU L 595 -59.59 -25.47 12.33
CA LEU L 595 -58.14 -25.49 12.48
C LEU L 595 -57.51 -25.63 11.10
N TYR L 596 -57.47 -24.49 10.39
CA TYR L 596 -57.04 -24.50 9.00
C TYR L 596 -55.64 -25.08 8.85
N ASP L 597 -54.80 -24.94 9.87
CA ASP L 597 -53.44 -25.47 9.83
C ASP L 597 -53.14 -26.16 11.15
N SER L 598 -52.44 -27.29 11.06
CA SER L 598 -52.10 -28.07 12.24
C SER L 598 -50.86 -27.49 12.91
N ASP L 599 -50.50 -28.05 14.06
CA ASP L 599 -49.38 -27.54 14.84
C ASP L 599 -48.54 -28.71 15.34
N TRP L 600 -47.27 -28.43 15.63
CA TRP L 600 -46.39 -29.47 16.16
C TRP L 600 -46.88 -29.95 17.52
N ASN L 601 -47.31 -29.05 18.37
CA ASN L 601 -47.79 -29.42 19.69
C ASN L 601 -49.29 -29.62 19.63
N PRO L 602 -49.80 -30.84 19.81
CA PRO L 602 -51.26 -31.03 19.83
C PRO L 602 -51.94 -30.28 20.96
N GLN L 603 -51.27 -30.12 22.10
CA GLN L 603 -51.84 -29.34 23.19
C GLN L 603 -52.02 -27.88 22.77
N ALA L 604 -51.12 -27.38 21.92
CA ALA L 604 -51.29 -26.04 21.38
C ALA L 604 -52.57 -25.89 20.58
N ASP L 605 -53.06 -26.98 19.99
CA ASP L 605 -54.36 -26.99 19.34
C ASP L 605 -55.43 -27.63 20.20
N LEU L 606 -55.06 -28.29 21.29
CA LEU L 606 -56.05 -28.83 22.21
C LEU L 606 -56.85 -27.71 22.87
N GLN L 607 -56.16 -26.71 23.42
CA GLN L 607 -56.84 -25.60 24.08
C GLN L 607 -57.51 -24.66 23.09
N ALA L 608 -57.00 -24.58 21.86
CA ALA L 608 -57.63 -23.72 20.86
C ALA L 608 -59.02 -24.23 20.53
N MET L 609 -59.18 -25.54 20.37
CA MET L 609 -60.52 -26.07 20.17
C MET L 609 -61.32 -26.08 21.47
N ASP L 610 -60.64 -25.99 22.63
CA ASP L 610 -61.35 -25.74 23.87
C ASP L 610 -61.85 -24.30 23.98
N ARG L 611 -61.40 -23.39 23.12
CA ARG L 611 -61.93 -22.04 23.10
C ARG L 611 -63.44 -22.06 22.88
N ALA L 612 -63.87 -22.86 21.90
CA ALA L 612 -65.30 -23.10 21.69
C ALA L 612 -65.86 -24.07 22.71
N HIS L 613 -65.11 -25.11 23.06
CA HIS L 613 -65.58 -26.16 23.95
C HIS L 613 -65.57 -25.76 25.43
N ARG L 614 -65.41 -24.48 25.74
CA ARG L 614 -65.31 -24.05 27.12
C ARG L 614 -66.67 -24.13 27.81
N ILE L 615 -66.73 -23.65 29.05
CA ILE L 615 -67.91 -23.86 29.87
C ILE L 615 -69.07 -23.01 29.34
N GLY L 616 -70.29 -23.53 29.52
CA GLY L 616 -71.49 -22.86 29.07
C GLY L 616 -71.93 -23.21 27.67
N GLN L 617 -71.17 -24.02 26.95
CA GLN L 617 -71.51 -24.39 25.58
C GLN L 617 -72.62 -25.44 25.60
N LYS L 618 -73.79 -25.09 25.05
CA LYS L 618 -74.93 -25.97 25.03
C LYS L 618 -75.01 -26.78 23.74
N LYS L 619 -75.08 -26.11 22.60
CA LYS L 619 -75.15 -26.80 21.33
C LYS L 619 -73.80 -27.42 20.99
N GLN L 620 -73.85 -28.42 20.11
CA GLN L 620 -72.64 -29.14 19.73
C GLN L 620 -71.72 -28.23 18.93
N VAL L 621 -70.42 -28.29 19.23
CA VAL L 621 -69.41 -27.52 18.52
C VAL L 621 -68.62 -28.44 17.62
N LYS L 622 -68.40 -28.01 16.38
CA LYS L 622 -67.80 -28.83 15.34
C LYS L 622 -66.44 -28.27 14.98
N VAL L 623 -65.42 -29.12 15.01
CA VAL L 623 -64.03 -28.72 14.86
C VAL L 623 -63.46 -29.39 13.63
N PHE L 624 -62.85 -28.61 12.75
CA PHE L 624 -62.26 -29.14 11.53
C PHE L 624 -60.75 -29.05 11.58
N ARG L 625 -60.11 -29.80 10.68
CA ARG L 625 -58.66 -29.80 10.58
C ARG L 625 -58.29 -30.23 9.16
N LEU L 626 -57.95 -29.26 8.33
CA LEU L 626 -57.59 -29.56 6.95
C LEU L 626 -56.21 -30.20 6.90
N VAL L 627 -56.08 -31.26 6.10
CA VAL L 627 -54.84 -32.03 6.01
C VAL L 627 -54.46 -32.17 4.55
N THR L 628 -53.30 -31.66 4.17
CA THR L 628 -52.78 -31.83 2.82
C THR L 628 -52.37 -33.29 2.61
N ASP L 629 -52.44 -33.72 1.35
CA ASP L 629 -52.27 -35.13 0.99
C ASP L 629 -50.92 -35.35 0.33
N ASN L 630 -50.23 -36.42 0.76
CA ASN L 630 -48.94 -36.84 0.21
C ASN L 630 -47.95 -35.67 0.22
N SER L 631 -47.81 -35.08 1.39
CA SER L 631 -47.00 -33.88 1.55
C SER L 631 -46.39 -33.89 2.94
N VAL L 632 -45.84 -32.73 3.33
CA VAL L 632 -45.22 -32.59 4.65
C VAL L 632 -46.26 -32.72 5.75
N GLU L 633 -47.46 -32.16 5.53
CA GLU L 633 -48.50 -32.19 6.55
C GLU L 633 -48.81 -33.61 7.02
N GLU L 634 -48.63 -34.60 6.13
CA GLU L 634 -48.91 -35.98 6.51
C GLU L 634 -48.04 -36.41 7.70
N LYS L 635 -46.76 -36.07 7.66
CA LYS L 635 -45.87 -36.49 8.75
C LYS L 635 -46.04 -35.62 10.00
N ILE L 636 -46.42 -34.35 9.84
CA ILE L 636 -46.61 -33.51 11.02
C ILE L 636 -47.76 -34.03 11.86
N LEU L 637 -48.86 -34.42 11.22
CA LEU L 637 -50.04 -34.83 11.97
C LEU L 637 -49.76 -36.06 12.82
N GLU L 638 -49.05 -37.05 12.27
CA GLU L 638 -48.70 -38.21 13.07
C GLU L 638 -47.68 -37.85 14.13
N ARG L 639 -46.78 -36.90 13.83
CA ARG L 639 -45.88 -36.40 14.87
C ARG L 639 -46.65 -35.79 16.02
N ALA L 640 -47.66 -34.98 15.70
CA ALA L 640 -48.55 -34.48 16.73
C ALA L 640 -49.33 -35.61 17.38
N THR L 641 -49.76 -36.59 16.56
CA THR L 641 -50.59 -37.68 17.07
C THR L 641 -49.86 -38.48 18.14
N GLN L 642 -48.64 -38.94 17.83
CA GLN L 642 -47.89 -39.73 18.80
C GLN L 642 -47.53 -38.91 20.02
N LYS L 643 -47.20 -37.63 19.83
CA LYS L 643 -47.03 -36.76 20.98
C LYS L 643 -48.35 -36.58 21.73
N LEU L 644 -49.45 -36.45 21.01
CA LEU L 644 -50.76 -36.43 21.65
C LEU L 644 -51.02 -37.74 22.38
N ARG L 645 -50.84 -38.86 21.69
CA ARG L 645 -51.09 -40.16 22.30
C ARG L 645 -50.14 -40.43 23.46
N LEU L 646 -48.96 -39.81 23.45
CA LEU L 646 -48.05 -39.93 24.58
C LEU L 646 -48.70 -39.46 25.87
N ASP L 647 -49.60 -38.49 25.79
CA ASP L 647 -50.25 -37.97 26.98
C ASP L 647 -51.13 -39.04 27.64
N GLN L 648 -51.90 -39.77 26.83
CA GLN L 648 -52.81 -40.78 27.38
C GLN L 648 -52.04 -41.90 28.08
N LEU L 649 -51.04 -42.45 27.39
CA LEU L 649 -50.26 -43.54 27.97
C LEU L 649 -49.54 -43.12 29.24
N VAL L 650 -49.30 -41.83 29.42
CA VAL L 650 -48.61 -41.32 30.60
C VAL L 650 -49.58 -40.79 31.65
N ILE L 651 -50.61 -40.04 31.21
CA ILE L 651 -51.49 -39.37 32.16
C ILE L 651 -52.93 -39.83 32.00
N GLN L 652 -53.51 -39.59 30.82
CA GLN L 652 -54.91 -39.91 30.59
C GLN L 652 -55.16 -41.41 30.64
N ASN L 654 -53.55 -42.93 32.85
CA ASN L 654 -54.71 -43.57 33.47
C ASN L 654 -54.63 -43.46 34.98
N ARG L 655 -54.83 -42.26 35.51
CA ARG L 655 -54.76 -42.03 36.95
C ARG L 655 -56.11 -41.72 37.57
N THR L 656 -56.79 -40.69 37.08
CA THR L 656 -58.08 -40.29 37.62
C THR L 656 -58.89 -39.52 36.59
#